data_1BU3
# 
_entry.id   1BU3 
# 
_audit_conform.dict_name       mmcif_pdbx.dic 
_audit_conform.dict_version    5.397 
_audit_conform.dict_location   http://mmcif.pdb.org/dictionaries/ascii/mmcif_pdbx.dic 
# 
loop_
_database_2.database_id 
_database_2.database_code 
_database_2.pdbx_database_accession 
_database_2.pdbx_DOI 
PDB   1BU3         pdb_00001bu3 10.2210/pdb1bu3/pdb 
WWPDB D_1000172090 ?            ?                   
# 
loop_
_pdbx_audit_revision_history.ordinal 
_pdbx_audit_revision_history.data_content_type 
_pdbx_audit_revision_history.major_revision 
_pdbx_audit_revision_history.minor_revision 
_pdbx_audit_revision_history.revision_date 
1 'Structure model' 1 0 1999-08-10 
2 'Structure model' 1 1 2008-03-10 
3 'Structure model' 1 2 2011-07-13 
4 'Structure model' 1 3 2023-08-09 
5 'Structure model' 1 4 2024-10-23 
# 
_pdbx_audit_revision_details.ordinal             1 
_pdbx_audit_revision_details.revision_ordinal    1 
_pdbx_audit_revision_details.data_content_type   'Structure model' 
_pdbx_audit_revision_details.provider            repository 
_pdbx_audit_revision_details.type                'Initial release' 
_pdbx_audit_revision_details.description         ? 
_pdbx_audit_revision_details.details             ? 
# 
loop_
_pdbx_audit_revision_group.ordinal 
_pdbx_audit_revision_group.revision_ordinal 
_pdbx_audit_revision_group.data_content_type 
_pdbx_audit_revision_group.group 
1 2 'Structure model' 'Version format compliance' 
2 3 'Structure model' 'Version format compliance' 
3 4 'Structure model' 'Database references'       
4 4 'Structure model' 'Derived calculations'      
5 4 'Structure model' Other                       
6 4 'Structure model' 'Refinement description'    
7 5 'Structure model' 'Data collection'           
8 5 'Structure model' 'Structure summary'         
# 
loop_
_pdbx_audit_revision_category.ordinal 
_pdbx_audit_revision_category.revision_ordinal 
_pdbx_audit_revision_category.data_content_type 
_pdbx_audit_revision_category.category 
1  4 'Structure model' database_2                    
2  4 'Structure model' pdbx_database_status          
3  4 'Structure model' pdbx_initial_refinement_model 
4  4 'Structure model' pdbx_struct_conn_angle        
5  4 'Structure model' struct_conn                   
6  4 'Structure model' struct_site                   
7  5 'Structure model' chem_comp_atom                
8  5 'Structure model' chem_comp_bond                
9  5 'Structure model' pdbx_entry_details            
10 5 'Structure model' pdbx_modification_feature     
# 
loop_
_pdbx_audit_revision_item.ordinal 
_pdbx_audit_revision_item.revision_ordinal 
_pdbx_audit_revision_item.data_content_type 
_pdbx_audit_revision_item.item 
1  4 'Structure model' '_database_2.pdbx_DOI'                        
2  4 'Structure model' '_database_2.pdbx_database_accession'         
3  4 'Structure model' '_pdbx_database_status.process_site'          
4  4 'Structure model' '_pdbx_struct_conn_angle.ptnr1_auth_comp_id'  
5  4 'Structure model' '_pdbx_struct_conn_angle.ptnr1_auth_seq_id'   
6  4 'Structure model' '_pdbx_struct_conn_angle.ptnr1_label_asym_id' 
7  4 'Structure model' '_pdbx_struct_conn_angle.ptnr1_label_atom_id' 
8  4 'Structure model' '_pdbx_struct_conn_angle.ptnr1_label_comp_id' 
9  4 'Structure model' '_pdbx_struct_conn_angle.ptnr1_label_seq_id'  
10 4 'Structure model' '_pdbx_struct_conn_angle.ptnr3_auth_comp_id'  
11 4 'Structure model' '_pdbx_struct_conn_angle.ptnr3_auth_seq_id'   
12 4 'Structure model' '_pdbx_struct_conn_angle.ptnr3_label_asym_id' 
13 4 'Structure model' '_pdbx_struct_conn_angle.ptnr3_label_atom_id' 
14 4 'Structure model' '_pdbx_struct_conn_angle.ptnr3_label_comp_id' 
15 4 'Structure model' '_pdbx_struct_conn_angle.ptnr3_label_seq_id'  
16 4 'Structure model' '_pdbx_struct_conn_angle.value'               
17 4 'Structure model' '_struct_conn.pdbx_dist_value'                
18 4 'Structure model' '_struct_conn.pdbx_leaving_atom_flag'         
19 4 'Structure model' '_struct_conn.ptnr1_auth_comp_id'             
20 4 'Structure model' '_struct_conn.ptnr1_auth_seq_id'              
21 4 'Structure model' '_struct_conn.ptnr1_label_asym_id'            
22 4 'Structure model' '_struct_conn.ptnr1_label_atom_id'            
23 4 'Structure model' '_struct_conn.ptnr1_label_comp_id'            
24 4 'Structure model' '_struct_conn.ptnr1_label_seq_id'             
25 4 'Structure model' '_struct_conn.ptnr2_auth_comp_id'             
26 4 'Structure model' '_struct_conn.ptnr2_auth_seq_id'              
27 4 'Structure model' '_struct_conn.ptnr2_label_asym_id'            
28 4 'Structure model' '_struct_conn.ptnr2_label_atom_id'            
29 4 'Structure model' '_struct_conn.ptnr2_label_comp_id'            
30 4 'Structure model' '_struct_conn.ptnr2_label_seq_id'             
31 4 'Structure model' '_struct_site.pdbx_auth_asym_id'              
32 4 'Structure model' '_struct_site.pdbx_auth_comp_id'              
33 4 'Structure model' '_struct_site.pdbx_auth_seq_id'               
# 
_pdbx_database_status.status_code                     REL 
_pdbx_database_status.entry_id                        1BU3 
_pdbx_database_status.recvd_initial_deposition_date   1998-08-30 
_pdbx_database_status.deposit_site                    ? 
_pdbx_database_status.process_site                    BNL 
_pdbx_database_status.status_code_sf                  REL 
_pdbx_database_status.status_code_mr                  ? 
_pdbx_database_status.SG_entry                        ? 
_pdbx_database_status.pdb_format_compatible           Y 
_pdbx_database_status.status_code_cs                  ? 
_pdbx_database_status.status_code_nmr_data            ? 
_pdbx_database_status.methods_development_category    ? 
# 
loop_
_audit_author.name 
_audit_author.pdbx_ordinal 
'Richardson, R.C.' 1 
'Nelson, D.J.'     2 
'Royer, W.E.'      3 
'Harrington, D.J.' 4 
# 
loop_
_citation.id 
_citation.title 
_citation.journal_abbrev 
_citation.journal_volume 
_citation.page_first 
_citation.page_last 
_citation.year 
_citation.journal_id_ASTM 
_citation.country 
_citation.journal_id_ISSN 
_citation.journal_id_CSD 
_citation.book_publisher 
_citation.pdbx_database_id_PubMed 
_citation.pdbx_database_id_DOI 
primary 'X-Ray crystal structure and molecular dynamics simulations of silver hake parvalbumin (Isoform B).'   'Protein Sci.'   9  
73 82 2000 PRCIEI US 0961-8368 0795 ? 10739249 ? 
1       'Isolation of an Unusual Parvalbumin from the White Muscle of the Silver Hake (Merluccius Bilinearis)' J.Inorg.Biochem. 40 
59 ?  1990 JIBIDJ US 0162-0134 0525 ? ?        ? 
# 
loop_
_citation_author.citation_id 
_citation_author.name 
_citation_author.ordinal 
_citation_author.identifier_ORCID 
primary 'Richardson, R.C.' 1  ? 
primary 'King, N.M.'       2  ? 
primary 'Harrington, D.J.' 3  ? 
primary 'Sun, H.'          4  ? 
primary 'Royer, W.E.'      5  ? 
primary 'Nelson, D.J.'     6  ? 
1       'Zhang, C.Y.'      7  ? 
1       'Speno, H.'        8  ? 
1       'Clairmont, C.'    9  ? 
1       'Nelson, D.J.'     10 ? 
# 
loop_
_entity.id 
_entity.type 
_entity.src_method 
_entity.pdbx_description 
_entity.formula_weight 
_entity.pdbx_number_of_molecules 
_entity.pdbx_ec 
_entity.pdbx_mutation 
_entity.pdbx_fragment 
_entity.details 
1 polymer     nat 'CALCIUM-BINDING PROTEIN' 11354.724 1   ? ? 'CALCIUM-BINDING DOMAIN' ? 
2 non-polymer syn 'CALCIUM ION'             40.078    2   ? ? ?                        ? 
3 water       nat water                     18.015    114 ? ? ?                        ? 
# 
_entity_poly.entity_id                      1 
_entity_poly.type                           'polypeptide(L)' 
_entity_poly.nstd_linkage                   no 
_entity_poly.nstd_monomer                   yes 
_entity_poly.pdbx_seq_one_letter_code       
;(ACE)AFSGILADADVAAALKACEAADSFNYKAFFAKVGLTAKSADDIKKAFFVIDQDKSGFIEEDELKLFLQVFSAGAR
ALTDAETKAFLKAGDSDGDGAIGVDEWAALVKA
;
_entity_poly.pdbx_seq_one_letter_code_can   
;XAFSGILADADVAAALKACEAADSFNYKAFFAKVGLTAKSADDIKKAFFVIDQDKSGFIEEDELKLFLQVFSAGARALTD
AETKAFLKAGDSDGDGAIGVDEWAALVKA
;
_entity_poly.pdbx_strand_id                 A 
_entity_poly.pdbx_target_identifier         ? 
# 
loop_
_pdbx_entity_nonpoly.entity_id 
_pdbx_entity_nonpoly.name 
_pdbx_entity_nonpoly.comp_id 
2 'CALCIUM ION' CA  
3 water         HOH 
# 
loop_
_entity_poly_seq.entity_id 
_entity_poly_seq.num 
_entity_poly_seq.mon_id 
_entity_poly_seq.hetero 
1 1   ACE n 
1 2   ALA n 
1 3   PHE n 
1 4   SER n 
1 5   GLY n 
1 6   ILE n 
1 7   LEU n 
1 8   ALA n 
1 9   ASP n 
1 10  ALA n 
1 11  ASP n 
1 12  VAL n 
1 13  ALA n 
1 14  ALA n 
1 15  ALA n 
1 16  LEU n 
1 17  LYS n 
1 18  ALA n 
1 19  CYS n 
1 20  GLU n 
1 21  ALA n 
1 22  ALA n 
1 23  ASP n 
1 24  SER n 
1 25  PHE n 
1 26  ASN n 
1 27  TYR n 
1 28  LYS n 
1 29  ALA n 
1 30  PHE n 
1 31  PHE n 
1 32  ALA n 
1 33  LYS n 
1 34  VAL n 
1 35  GLY n 
1 36  LEU n 
1 37  THR n 
1 38  ALA n 
1 39  LYS n 
1 40  SER n 
1 41  ALA n 
1 42  ASP n 
1 43  ASP n 
1 44  ILE n 
1 45  LYS n 
1 46  LYS n 
1 47  ALA n 
1 48  PHE n 
1 49  PHE n 
1 50  VAL n 
1 51  ILE n 
1 52  ASP n 
1 53  GLN n 
1 54  ASP n 
1 55  LYS n 
1 56  SER n 
1 57  GLY n 
1 58  PHE n 
1 59  ILE n 
1 60  GLU n 
1 61  GLU n 
1 62  ASP n 
1 63  GLU n 
1 64  LEU n 
1 65  LYS n 
1 66  LEU n 
1 67  PHE n 
1 68  LEU n 
1 69  GLN n 
1 70  VAL n 
1 71  PHE n 
1 72  SER n 
1 73  ALA n 
1 74  GLY n 
1 75  ALA n 
1 76  ARG n 
1 77  ALA n 
1 78  LEU n 
1 79  THR n 
1 80  ASP n 
1 81  ALA n 
1 82  GLU n 
1 83  THR n 
1 84  LYS n 
1 85  ALA n 
1 86  PHE n 
1 87  LEU n 
1 88  LYS n 
1 89  ALA n 
1 90  GLY n 
1 91  ASP n 
1 92  SER n 
1 93  ASP n 
1 94  GLY n 
1 95  ASP n 
1 96  GLY n 
1 97  ALA n 
1 98  ILE n 
1 99  GLY n 
1 100 VAL n 
1 101 ASP n 
1 102 GLU n 
1 103 TRP n 
1 104 ALA n 
1 105 ALA n 
1 106 LEU n 
1 107 VAL n 
1 108 LYS n 
1 109 ALA n 
# 
_entity_src_nat.entity_id                  1 
_entity_src_nat.pdbx_src_id                1 
_entity_src_nat.pdbx_alt_source_flag       sample 
_entity_src_nat.pdbx_beg_seq_num           ? 
_entity_src_nat.pdbx_end_seq_num           ? 
_entity_src_nat.common_name                'silver hake' 
_entity_src_nat.pdbx_organism_scientific   'Merluccius bilinearis' 
_entity_src_nat.pdbx_ncbi_taxonomy_id      79698 
_entity_src_nat.genus                      Merluccius 
_entity_src_nat.species                    ? 
_entity_src_nat.strain                     ? 
_entity_src_nat.tissue                     MUSCLE 
_entity_src_nat.tissue_fraction            ? 
_entity_src_nat.pdbx_secretion             ? 
_entity_src_nat.pdbx_fragment              ? 
_entity_src_nat.pdbx_variant               ? 
_entity_src_nat.pdbx_cell_line             ? 
_entity_src_nat.pdbx_atcc                  ? 
_entity_src_nat.pdbx_cellular_location     ? 
_entity_src_nat.pdbx_organ                 ? 
_entity_src_nat.pdbx_organelle             ? 
_entity_src_nat.pdbx_cell                  ? 
_entity_src_nat.pdbx_plasmid_name          ? 
_entity_src_nat.pdbx_plasmid_details       ? 
_entity_src_nat.details                    ? 
# 
loop_
_chem_comp.id 
_chem_comp.type 
_chem_comp.mon_nstd_flag 
_chem_comp.name 
_chem_comp.pdbx_synonyms 
_chem_comp.formula 
_chem_comp.formula_weight 
ACE non-polymer         . 'ACETYL GROUP'  ? 'C2 H4 O'        44.053  
ALA 'L-peptide linking' y ALANINE         ? 'C3 H7 N O2'     89.093  
ARG 'L-peptide linking' y ARGININE        ? 'C6 H15 N4 O2 1' 175.209 
ASN 'L-peptide linking' y ASPARAGINE      ? 'C4 H8 N2 O3'    132.118 
ASP 'L-peptide linking' y 'ASPARTIC ACID' ? 'C4 H7 N O4'     133.103 
CA  non-polymer         . 'CALCIUM ION'   ? 'Ca 2'           40.078  
CYS 'L-peptide linking' y CYSTEINE        ? 'C3 H7 N O2 S'   121.158 
GLN 'L-peptide linking' y GLUTAMINE       ? 'C5 H10 N2 O3'   146.144 
GLU 'L-peptide linking' y 'GLUTAMIC ACID' ? 'C5 H9 N O4'     147.129 
GLY 'peptide linking'   y GLYCINE         ? 'C2 H5 N O2'     75.067  
HOH non-polymer         . WATER           ? 'H2 O'           18.015  
ILE 'L-peptide linking' y ISOLEUCINE      ? 'C6 H13 N O2'    131.173 
LEU 'L-peptide linking' y LEUCINE         ? 'C6 H13 N O2'    131.173 
LYS 'L-peptide linking' y LYSINE          ? 'C6 H15 N2 O2 1' 147.195 
PHE 'L-peptide linking' y PHENYLALANINE   ? 'C9 H11 N O2'    165.189 
SER 'L-peptide linking' y SERINE          ? 'C3 H7 N O3'     105.093 
THR 'L-peptide linking' y THREONINE       ? 'C4 H9 N O3'     119.119 
TRP 'L-peptide linking' y TRYPTOPHAN      ? 'C11 H12 N2 O2'  204.225 
TYR 'L-peptide linking' y TYROSINE        ? 'C9 H11 N O3'    181.189 
VAL 'L-peptide linking' y VALINE          ? 'C5 H11 N O2'    117.146 
# 
loop_
_pdbx_poly_seq_scheme.asym_id 
_pdbx_poly_seq_scheme.entity_id 
_pdbx_poly_seq_scheme.seq_id 
_pdbx_poly_seq_scheme.mon_id 
_pdbx_poly_seq_scheme.ndb_seq_num 
_pdbx_poly_seq_scheme.pdb_seq_num 
_pdbx_poly_seq_scheme.auth_seq_num 
_pdbx_poly_seq_scheme.pdb_mon_id 
_pdbx_poly_seq_scheme.auth_mon_id 
_pdbx_poly_seq_scheme.pdb_strand_id 
_pdbx_poly_seq_scheme.pdb_ins_code 
_pdbx_poly_seq_scheme.hetero 
A 1 1   ACE 1   0   0   ACE ACE A . n 
A 1 2   ALA 2   1   1   ALA ALA A . n 
A 1 3   PHE 3   2   2   PHE PHE A . n 
A 1 4   SER 4   3   3   SER SER A . n 
A 1 5   GLY 5   4   4   GLY GLY A . n 
A 1 6   ILE 6   5   5   ILE ILE A . n 
A 1 7   LEU 7   6   6   LEU LEU A . n 
A 1 8   ALA 8   7   7   ALA ALA A . n 
A 1 9   ASP 9   8   8   ASP ASP A . n 
A 1 10  ALA 10  9   9   ALA ALA A . n 
A 1 11  ASP 11  10  10  ASP ASP A . n 
A 1 12  VAL 12  11  11  VAL VAL A . n 
A 1 13  ALA 13  12  12  ALA ALA A . n 
A 1 14  ALA 14  13  13  ALA ALA A . n 
A 1 15  ALA 15  14  14  ALA ALA A . n 
A 1 16  LEU 16  15  15  LEU LEU A . n 
A 1 17  LYS 17  16  16  LYS LYS A . n 
A 1 18  ALA 18  17  17  ALA ALA A . n 
A 1 19  CYS 19  18  18  CYS CYS A . n 
A 1 20  GLU 20  19  19  GLU GLU A . n 
A 1 21  ALA 21  20  20  ALA ALA A . n 
A 1 22  ALA 22  21  21  ALA ALA A . n 
A 1 23  ASP 23  22  22  ASP ASP A . n 
A 1 24  SER 24  23  23  SER SER A . n 
A 1 25  PHE 25  24  24  PHE PHE A . n 
A 1 26  ASN 26  25  25  ASN ASN A . n 
A 1 27  TYR 27  26  26  TYR TYR A . n 
A 1 28  LYS 28  27  27  LYS LYS A . n 
A 1 29  ALA 29  28  28  ALA ALA A . n 
A 1 30  PHE 30  29  29  PHE PHE A . n 
A 1 31  PHE 31  30  30  PHE PHE A . n 
A 1 32  ALA 32  31  31  ALA ALA A . n 
A 1 33  LYS 33  32  32  LYS LYS A . n 
A 1 34  VAL 34  33  33  VAL VAL A . n 
A 1 35  GLY 35  34  34  GLY GLY A . n 
A 1 36  LEU 36  35  35  LEU LEU A . n 
A 1 37  THR 37  36  36  THR THR A . n 
A 1 38  ALA 38  37  37  ALA ALA A . n 
A 1 39  LYS 39  38  38  LYS LYS A . n 
A 1 40  SER 40  39  39  SER SER A . n 
A 1 41  ALA 41  40  40  ALA ALA A . n 
A 1 42  ASP 42  41  41  ASP ASP A . n 
A 1 43  ASP 43  42  42  ASP ASP A . n 
A 1 44  ILE 44  43  43  ILE ILE A . n 
A 1 45  LYS 45  44  44  LYS LYS A . n 
A 1 46  LYS 46  45  45  LYS LYS A . n 
A 1 47  ALA 47  46  46  ALA ALA A . n 
A 1 48  PHE 48  47  47  PHE PHE A . n 
A 1 49  PHE 49  48  48  PHE PHE A . n 
A 1 50  VAL 50  49  49  VAL VAL A . n 
A 1 51  ILE 51  50  50  ILE ILE A . n 
A 1 52  ASP 52  51  51  ASP ASP A . n 
A 1 53  GLN 53  52  52  GLN GLN A . n 
A 1 54  ASP 54  53  53  ASP ASP A . n 
A 1 55  LYS 55  54  54  LYS LYS A . n 
A 1 56  SER 56  55  55  SER SER A . n 
A 1 57  GLY 57  56  56  GLY GLY A . n 
A 1 58  PHE 58  57  57  PHE PHE A . n 
A 1 59  ILE 59  58  58  ILE ILE A . n 
A 1 60  GLU 60  59  59  GLU GLU A . n 
A 1 61  GLU 61  60  60  GLU GLU A . n 
A 1 62  ASP 62  61  61  ASP ASP A . n 
A 1 63  GLU 63  62  62  GLU GLU A . n 
A 1 64  LEU 64  63  63  LEU LEU A . n 
A 1 65  LYS 65  64  64  LYS LYS A . n 
A 1 66  LEU 66  65  65  LEU LEU A . n 
A 1 67  PHE 67  66  66  PHE PHE A . n 
A 1 68  LEU 68  67  67  LEU LEU A . n 
A 1 69  GLN 69  68  68  GLN GLN A . n 
A 1 70  VAL 70  69  69  VAL VAL A . n 
A 1 71  PHE 71  70  70  PHE PHE A . n 
A 1 72  SER 72  71  71  SER SER A . n 
A 1 73  ALA 73  72  72  ALA ALA A . n 
A 1 74  GLY 74  73  73  GLY GLY A . n 
A 1 75  ALA 75  74  74  ALA ALA A . n 
A 1 76  ARG 76  75  75  ARG ARG A . n 
A 1 77  ALA 77  76  76  ALA ALA A . n 
A 1 78  LEU 78  77  77  LEU LEU A . n 
A 1 79  THR 79  78  78  THR THR A . n 
A 1 80  ASP 80  79  79  ASP ASP A . n 
A 1 81  ALA 81  80  80  ALA ALA A . n 
A 1 82  GLU 82  81  81  GLU GLU A . n 
A 1 83  THR 83  82  82  THR THR A . n 
A 1 84  LYS 84  83  83  LYS LYS A . n 
A 1 85  ALA 85  84  84  ALA ALA A . n 
A 1 86  PHE 86  85  85  PHE PHE A . n 
A 1 87  LEU 87  86  86  LEU LEU A . n 
A 1 88  LYS 88  87  87  LYS LYS A . n 
A 1 89  ALA 89  88  88  ALA ALA A . n 
A 1 90  GLY 90  89  89  GLY GLY A . n 
A 1 91  ASP 91  90  90  ASP ASP A . n 
A 1 92  SER 92  91  91  SER SER A . n 
A 1 93  ASP 93  92  92  ASP ASP A . n 
A 1 94  GLY 94  93  93  GLY GLY A . n 
A 1 95  ASP 95  94  94  ASP ASP A . n 
A 1 96  GLY 96  95  95  GLY GLY A . n 
A 1 97  ALA 97  96  96  ALA ALA A . n 
A 1 98  ILE 98  97  97  ILE ILE A . n 
A 1 99  GLY 99  98  98  GLY GLY A . n 
A 1 100 VAL 100 99  99  VAL VAL A . n 
A 1 101 ASP 101 100 100 ASP ASP A . n 
A 1 102 GLU 102 101 101 GLU GLU A . n 
A 1 103 TRP 103 102 102 TRP TRP A . n 
A 1 104 ALA 104 103 103 ALA ALA A . n 
A 1 105 ALA 105 104 104 ALA ALA A . n 
A 1 106 LEU 106 105 105 LEU LEU A . n 
A 1 107 VAL 107 106 106 VAL VAL A . n 
A 1 108 LYS 108 107 107 LYS LYS A . n 
A 1 109 ALA 109 108 108 ALA ALA A . n 
# 
loop_
_pdbx_nonpoly_scheme.asym_id 
_pdbx_nonpoly_scheme.entity_id 
_pdbx_nonpoly_scheme.mon_id 
_pdbx_nonpoly_scheme.ndb_seq_num 
_pdbx_nonpoly_scheme.pdb_seq_num 
_pdbx_nonpoly_scheme.auth_seq_num 
_pdbx_nonpoly_scheme.pdb_mon_id 
_pdbx_nonpoly_scheme.auth_mon_id 
_pdbx_nonpoly_scheme.pdb_strand_id 
_pdbx_nonpoly_scheme.pdb_ins_code 
B 2 CA  1   109 109 CA  CA  A . 
C 2 CA  1   110 110 CA  CA  A . 
D 3 HOH 1   111 111 HOH HOH A . 
D 3 HOH 2   112 112 HOH HOH A . 
D 3 HOH 3   113 113 HOH HOH A . 
D 3 HOH 4   114 114 HOH HOH A . 
D 3 HOH 5   115 115 HOH HOH A . 
D 3 HOH 6   116 116 HOH HOH A . 
D 3 HOH 7   117 117 HOH HOH A . 
D 3 HOH 8   118 118 HOH HOH A . 
D 3 HOH 9   119 119 HOH HOH A . 
D 3 HOH 10  120 120 HOH HOH A . 
D 3 HOH 11  121 121 HOH HOH A . 
D 3 HOH 12  122 122 HOH HOH A . 
D 3 HOH 13  123 123 HOH HOH A . 
D 3 HOH 14  124 124 HOH HOH A . 
D 3 HOH 15  125 125 HOH HOH A . 
D 3 HOH 16  126 126 HOH HOH A . 
D 3 HOH 17  127 127 HOH HOH A . 
D 3 HOH 18  128 128 HOH HOH A . 
D 3 HOH 19  129 129 HOH HOH A . 
D 3 HOH 20  130 130 HOH HOH A . 
D 3 HOH 21  131 131 HOH HOH A . 
D 3 HOH 22  132 132 HOH HOH A . 
D 3 HOH 23  133 133 HOH HOH A . 
D 3 HOH 24  134 134 HOH HOH A . 
D 3 HOH 25  135 135 HOH HOH A . 
D 3 HOH 26  136 136 HOH HOH A . 
D 3 HOH 27  137 137 HOH HOH A . 
D 3 HOH 28  138 138 HOH HOH A . 
D 3 HOH 29  139 139 HOH HOH A . 
D 3 HOH 30  140 140 HOH HOH A . 
D 3 HOH 31  141 141 HOH HOH A . 
D 3 HOH 32  142 142 HOH HOH A . 
D 3 HOH 33  143 143 HOH HOH A . 
D 3 HOH 34  144 144 HOH HOH A . 
D 3 HOH 35  145 145 HOH HOH A . 
D 3 HOH 36  146 146 HOH HOH A . 
D 3 HOH 37  147 147 HOH HOH A . 
D 3 HOH 38  148 148 HOH HOH A . 
D 3 HOH 39  149 149 HOH HOH A . 
D 3 HOH 40  150 150 HOH HOH A . 
D 3 HOH 41  151 151 HOH HOH A . 
D 3 HOH 42  152 152 HOH HOH A . 
D 3 HOH 43  153 153 HOH HOH A . 
D 3 HOH 44  154 154 HOH HOH A . 
D 3 HOH 45  155 155 HOH HOH A . 
D 3 HOH 46  156 156 HOH HOH A . 
D 3 HOH 47  157 157 HOH HOH A . 
D 3 HOH 48  158 158 HOH HOH A . 
D 3 HOH 49  159 159 HOH HOH A . 
D 3 HOH 50  160 160 HOH HOH A . 
D 3 HOH 51  161 161 HOH HOH A . 
D 3 HOH 52  162 162 HOH HOH A . 
D 3 HOH 53  163 163 HOH HOH A . 
D 3 HOH 54  164 164 HOH HOH A . 
D 3 HOH 55  165 165 HOH HOH A . 
D 3 HOH 56  166 166 HOH HOH A . 
D 3 HOH 57  167 167 HOH HOH A . 
D 3 HOH 58  168 168 HOH HOH A . 
D 3 HOH 59  169 169 HOH HOH A . 
D 3 HOH 60  170 170 HOH HOH A . 
D 3 HOH 61  171 171 HOH HOH A . 
D 3 HOH 62  172 172 HOH HOH A . 
D 3 HOH 63  173 173 HOH HOH A . 
D 3 HOH 64  174 174 HOH HOH A . 
D 3 HOH 65  175 175 HOH HOH A . 
D 3 HOH 66  176 176 HOH HOH A . 
D 3 HOH 67  177 177 HOH HOH A . 
D 3 HOH 68  178 178 HOH HOH A . 
D 3 HOH 69  179 179 HOH HOH A . 
D 3 HOH 70  180 180 HOH HOH A . 
D 3 HOH 71  181 181 HOH HOH A . 
D 3 HOH 72  182 182 HOH HOH A . 
D 3 HOH 73  183 183 HOH HOH A . 
D 3 HOH 74  184 184 HOH HOH A . 
D 3 HOH 75  185 185 HOH HOH A . 
D 3 HOH 76  186 186 HOH HOH A . 
D 3 HOH 77  187 187 HOH HOH A . 
D 3 HOH 78  188 188 HOH HOH A . 
D 3 HOH 79  189 189 HOH HOH A . 
D 3 HOH 80  190 190 HOH HOH A . 
D 3 HOH 81  191 191 HOH HOH A . 
D 3 HOH 82  192 192 HOH HOH A . 
D 3 HOH 83  193 193 HOH HOH A . 
D 3 HOH 84  194 194 HOH HOH A . 
D 3 HOH 85  195 195 HOH HOH A . 
D 3 HOH 86  196 196 HOH HOH A . 
D 3 HOH 87  197 197 HOH HOH A . 
D 3 HOH 88  198 198 HOH HOH A . 
D 3 HOH 89  199 199 HOH HOH A . 
D 3 HOH 90  200 200 HOH HOH A . 
D 3 HOH 91  201 201 HOH HOH A . 
D 3 HOH 92  202 202 HOH HOH A . 
D 3 HOH 93  203 203 HOH HOH A . 
D 3 HOH 94  204 204 HOH HOH A . 
D 3 HOH 95  205 205 HOH HOH A . 
D 3 HOH 96  206 206 HOH HOH A . 
D 3 HOH 97  207 207 HOH HOH A . 
D 3 HOH 98  208 208 HOH HOH A . 
D 3 HOH 99  209 209 HOH HOH A . 
D 3 HOH 100 210 210 HOH HOH A . 
D 3 HOH 101 211 211 HOH HOH A . 
D 3 HOH 102 212 212 HOH HOH A . 
D 3 HOH 103 213 213 HOH HOH A . 
D 3 HOH 104 214 214 HOH HOH A . 
D 3 HOH 105 215 215 HOH HOH A . 
D 3 HOH 106 216 216 HOH HOH A . 
D 3 HOH 107 217 217 HOH HOH A . 
D 3 HOH 108 218 218 HOH HOH A . 
D 3 HOH 109 219 219 HOH HOH A . 
D 3 HOH 110 220 220 HOH HOH A . 
D 3 HOH 111 221 221 HOH HOH A . 
D 3 HOH 112 222 222 HOH HOH A . 
D 3 HOH 113 223 223 HOH HOH A . 
D 3 HOH 114 224 224 HOH HOH A . 
# 
loop_
_software.name 
_software.classification 
_software.version 
_software.citation_id 
_software.pdbx_ordinal 
X-PLOR    'model building' 3.8 ? 1 
X-PLOR    refinement       3.8 ? 2 
DENZO     'data reduction' .   ? 3 
SCALEPACK 'data scaling'   .   ? 4 
X-PLOR    phasing          3.8 ? 5 
# 
_cell.entry_id           1BU3 
_cell.length_a           75.710 
_cell.length_b           80.730 
_cell.length_c           42.160 
_cell.angle_alpha        90.00 
_cell.angle_beta         90.00 
_cell.angle_gamma        90.00 
_cell.Z_PDB              8 
_cell.pdbx_unique_axis   ? 
# 
_symmetry.entry_id                         1BU3 
_symmetry.space_group_name_H-M             'C 2 2 21' 
_symmetry.pdbx_full_space_group_name_H-M   ? 
_symmetry.cell_setting                     ? 
_symmetry.Int_Tables_number                20 
# 
_exptl.entry_id          1BU3 
_exptl.method            'X-RAY DIFFRACTION' 
_exptl.crystals_number   1 
# 
_exptl_crystal.id                    1 
_exptl_crystal.density_meas          ? 
_exptl_crystal.density_Matthews      2.50 
_exptl_crystal.density_percent_sol   51.0 
_exptl_crystal.description           ? 
# 
_exptl_crystal_grow.crystal_id      1 
_exptl_crystal_grow.method          ? 
_exptl_crystal_grow.temp            ? 
_exptl_crystal_grow.temp_details    ? 
_exptl_crystal_grow.pH              6.00 
_exptl_crystal_grow.pdbx_pH_range   ? 
_exptl_crystal_grow.pdbx_details    'pH 6.00' 
# 
_diffrn.id                     1 
_diffrn.ambient_temp           100.0 
_diffrn.ambient_temp_details   ? 
_diffrn.crystal_id             1 
# 
_diffrn_detector.diffrn_id              1 
_diffrn_detector.detector               'IMAGE PLATE' 
_diffrn_detector.type                   MARRESEARCH 
_diffrn_detector.pdbx_collection_date   ? 
_diffrn_detector.details                MIRRORS 
# 
_diffrn_radiation.diffrn_id                        1 
_diffrn_radiation.wavelength_id                    1 
_diffrn_radiation.pdbx_monochromatic_or_laue_m_l   M 
_diffrn_radiation.monochromator                    'NI FILTER' 
_diffrn_radiation.pdbx_diffrn_protocol             ? 
_diffrn_radiation.pdbx_scattering_type             x-ray 
# 
_diffrn_radiation_wavelength.id           1 
_diffrn_radiation_wavelength.wavelength   1.5418 
_diffrn_radiation_wavelength.wt           1.0 
# 
_diffrn_source.diffrn_id                   1 
_diffrn_source.source                      'ROTATING ANODE' 
_diffrn_source.type                        'RIGAKU RUH3R' 
_diffrn_source.pdbx_synchrotron_site       ? 
_diffrn_source.pdbx_synchrotron_beamline   ? 
_diffrn_source.pdbx_wavelength             1.5418 
_diffrn_source.pdbx_wavelength_list        ? 
# 
_reflns.entry_id                     1BU3 
_reflns.observed_criterion_sigma_I   2.000 
_reflns.observed_criterion_sigma_F   ? 
_reflns.d_resolution_low             8.000 
_reflns.d_resolution_high            1.650 
_reflns.number_obs                   15685 
_reflns.number_all                   ? 
_reflns.percent_possible_obs         99.9 
_reflns.pdbx_Rmerge_I_obs            ? 
_reflns.pdbx_Rsym_value              0.0710000 
_reflns.pdbx_netI_over_sigmaI        ? 
_reflns.B_iso_Wilson_estimate        19.00 
_reflns.pdbx_redundancy              6.000 
_reflns.pdbx_diffrn_id               1 
_reflns.pdbx_ordinal                 1 
# 
_refine.entry_id                                 1BU3 
_refine.ls_number_reflns_obs                     15685 
_refine.ls_number_reflns_all                     ? 
_refine.pdbx_ls_sigma_I                          ? 
_refine.pdbx_ls_sigma_F                          2.000 
_refine.pdbx_data_cutoff_high_absF               ? 
_refine.pdbx_data_cutoff_low_absF                ? 
_refine.pdbx_data_cutoff_high_rms_absF           ? 
_refine.ls_d_res_low                             8.0 
_refine.ls_d_res_high                            1.65 
_refine.ls_percent_reflns_obs                    99.9 
_refine.ls_R_factor_obs                          0.2140000 
_refine.ls_R_factor_all                          ? 
_refine.ls_R_factor_R_work                       0.2140000 
_refine.ls_R_factor_R_free                       0.2510000 
_refine.ls_R_factor_R_free_error                 ? 
_refine.ls_R_factor_R_free_error_details         ? 
_refine.ls_percent_reflns_R_free                 10.000 
_refine.ls_number_reflns_R_free                  ? 
_refine.ls_number_parameters                     ? 
_refine.ls_number_restraints                     ? 
_refine.occupancy_min                            ? 
_refine.occupancy_max                            ? 
_refine.B_iso_mean                               16.50 
_refine.aniso_B[1][1]                            ? 
_refine.aniso_B[2][2]                            ? 
_refine.aniso_B[3][3]                            ? 
_refine.aniso_B[1][2]                            ? 
_refine.aniso_B[1][3]                            ? 
_refine.aniso_B[2][3]                            ? 
_refine.solvent_model_details                    ? 
_refine.solvent_model_param_ksol                 ? 
_refine.solvent_model_param_bsol                 ? 
_refine.pdbx_ls_cross_valid_method               THROUGHOUT 
_refine.details                                  ? 
_refine.pdbx_starting_model                      5CPV 
_refine.pdbx_method_to_determine_struct          'MOLECULAR REPLACEMENT' 
_refine.pdbx_isotropic_thermal_model             ? 
_refine.pdbx_stereochemistry_target_values       ? 
_refine.pdbx_stereochem_target_val_spec_case     ? 
_refine.pdbx_R_Free_selection_details            RANDOM 
_refine.pdbx_overall_ESU_R                       ? 
_refine.pdbx_overall_ESU_R_Free                  ? 
_refine.overall_SU_ML                            ? 
_refine.overall_SU_B                             ? 
_refine.pdbx_refine_id                           'X-RAY DIFFRACTION' 
_refine.pdbx_diffrn_id                           1 
_refine.pdbx_TLS_residual_ADP_flag               ? 
_refine.correlation_coeff_Fo_to_Fc               ? 
_refine.correlation_coeff_Fo_to_Fc_free          ? 
_refine.pdbx_solvent_vdw_probe_radii             ? 
_refine.pdbx_solvent_ion_probe_radii             ? 
_refine.pdbx_solvent_shrinkage_radii             ? 
_refine.pdbx_overall_phase_error                 ? 
_refine.overall_SU_R_Cruickshank_DPI             ? 
_refine.pdbx_overall_SU_R_free_Cruickshank_DPI   ? 
_refine.pdbx_overall_SU_R_Blow_DPI               ? 
_refine.pdbx_overall_SU_R_free_Blow_DPI          ? 
# 
_refine_analyze.entry_id                        1BU3 
_refine_analyze.Luzzati_coordinate_error_obs    0.25 
_refine_analyze.Luzzati_sigma_a_obs             ? 
_refine_analyze.Luzzati_d_res_low_obs           ? 
_refine_analyze.Luzzati_coordinate_error_free   ? 
_refine_analyze.Luzzati_sigma_a_free            ? 
_refine_analyze.Luzzati_d_res_low_free          ? 
_refine_analyze.number_disordered_residues      ? 
_refine_analyze.occupancy_sum_hydrogen          ? 
_refine_analyze.occupancy_sum_non_hydrogen      ? 
_refine_analyze.pdbx_refine_id                  'X-RAY DIFFRACTION' 
# 
_refine_hist.pdbx_refine_id                   'X-RAY DIFFRACTION' 
_refine_hist.cycle_id                         LAST 
_refine_hist.pdbx_number_atoms_protein        803 
_refine_hist.pdbx_number_atoms_nucleic_acid   0 
_refine_hist.pdbx_number_atoms_ligand         2 
_refine_hist.number_atoms_solvent             114 
_refine_hist.number_atoms_total               919 
_refine_hist.d_res_high                       1.65 
_refine_hist.d_res_low                        8.0 
# 
loop_
_refine_ls_restr.type 
_refine_ls_restr.dev_ideal 
_refine_ls_restr.dev_ideal_target 
_refine_ls_restr.weight 
_refine_ls_restr.number 
_refine_ls_restr.pdbx_refine_id 
_refine_ls_restr.pdbx_restraint_function 
x_bond_d                0.012 ? ? ? 'X-RAY DIFFRACTION' ? 
x_bond_d_na             ?     ? ? ? 'X-RAY DIFFRACTION' ? 
x_bond_d_prot           ?     ? ? ? 'X-RAY DIFFRACTION' ? 
x_angle_d               ?     ? ? ? 'X-RAY DIFFRACTION' ? 
x_angle_d_na            ?     ? ? ? 'X-RAY DIFFRACTION' ? 
x_angle_d_prot          ?     ? ? ? 'X-RAY DIFFRACTION' ? 
x_angle_deg             1.729 ? ? ? 'X-RAY DIFFRACTION' ? 
x_angle_deg_na          ?     ? ? ? 'X-RAY DIFFRACTION' ? 
x_angle_deg_prot        ?     ? ? ? 'X-RAY DIFFRACTION' ? 
x_dihedral_angle_d      ?     ? ? ? 'X-RAY DIFFRACTION' ? 
x_dihedral_angle_d_na   ?     ? ? ? 'X-RAY DIFFRACTION' ? 
x_dihedral_angle_d_prot ?     ? ? ? 'X-RAY DIFFRACTION' ? 
x_improper_angle_d      1.440 ? ? ? 'X-RAY DIFFRACTION' ? 
x_improper_angle_d_na   ?     ? ? ? 'X-RAY DIFFRACTION' ? 
x_improper_angle_d_prot ?     ? ? ? 'X-RAY DIFFRACTION' ? 
x_mcbond_it             ?     ? ? ? 'X-RAY DIFFRACTION' ? 
x_mcangle_it            ?     ? ? ? 'X-RAY DIFFRACTION' ? 
x_scbond_it             ?     ? ? ? 'X-RAY DIFFRACTION' ? 
x_scangle_it            ?     ? ? ? 'X-RAY DIFFRACTION' ? 
# 
_struct.entry_id                  1BU3 
_struct.title                     'REFINED CRYSTAL STRUCTURE OF CALCIUM-BOUND SILVER HAKE (PI 4.2) PARVALBUMIN AT 1.65 A.' 
_struct.pdbx_model_details        ? 
_struct.pdbx_CASP_flag            ? 
_struct.pdbx_model_type_details   ? 
# 
_struct_keywords.entry_id        1BU3 
_struct_keywords.pdbx_keywords   'CALCIUM BINDING' 
_struct_keywords.text            'CALCIUM BINDING' 
# 
loop_
_struct_asym.id 
_struct_asym.pdbx_blank_PDB_chainid_flag 
_struct_asym.pdbx_modified 
_struct_asym.entity_id 
_struct_asym.details 
A N N 1 ? 
B N N 2 ? 
C N N 2 ? 
D N N 3 ? 
# 
_struct_ref.id                         1 
_struct_ref.db_name                    UNP 
_struct_ref.db_code                    PRVB_MERBI 
_struct_ref.entity_id                  1 
_struct_ref.pdbx_db_accession          P56503 
_struct_ref.pdbx_align_begin           1 
_struct_ref.pdbx_seq_one_letter_code   
;AFSGILADADVAAALKACEAADSFNYKAFFAKVGLTAKSADDIKKAFFVIDQDKSGFIEEDELKLFLQVFSAGARALTDA
ETKAFLKAGDSDGDGAIGVDEWAALVKA
;
_struct_ref.pdbx_db_isoform            ? 
# 
_struct_ref_seq.align_id                      1 
_struct_ref_seq.ref_id                        1 
_struct_ref_seq.pdbx_PDB_id_code              1BU3 
_struct_ref_seq.pdbx_strand_id                A 
_struct_ref_seq.seq_align_beg                 2 
_struct_ref_seq.pdbx_seq_align_beg_ins_code   ? 
_struct_ref_seq.seq_align_end                 109 
_struct_ref_seq.pdbx_seq_align_end_ins_code   ? 
_struct_ref_seq.pdbx_db_accession             P56503 
_struct_ref_seq.db_align_beg                  1 
_struct_ref_seq.pdbx_db_align_beg_ins_code    ? 
_struct_ref_seq.db_align_end                  108 
_struct_ref_seq.pdbx_db_align_end_ins_code    ? 
_struct_ref_seq.pdbx_auth_seq_align_beg       1 
_struct_ref_seq.pdbx_auth_seq_align_end       108 
# 
_pdbx_struct_assembly.id                   1 
_pdbx_struct_assembly.details              author_defined_assembly 
_pdbx_struct_assembly.method_details       ? 
_pdbx_struct_assembly.oligomeric_details   dimeric 
_pdbx_struct_assembly.oligomeric_count     2 
# 
_pdbx_struct_assembly_gen.assembly_id       1 
_pdbx_struct_assembly_gen.oper_expression   1,2 
_pdbx_struct_assembly_gen.asym_id_list      A,B,C,D 
# 
loop_
_pdbx_struct_oper_list.id 
_pdbx_struct_oper_list.type 
_pdbx_struct_oper_list.name 
_pdbx_struct_oper_list.symmetry_operation 
_pdbx_struct_oper_list.matrix[1][1] 
_pdbx_struct_oper_list.matrix[1][2] 
_pdbx_struct_oper_list.matrix[1][3] 
_pdbx_struct_oper_list.vector[1] 
_pdbx_struct_oper_list.matrix[2][1] 
_pdbx_struct_oper_list.matrix[2][2] 
_pdbx_struct_oper_list.matrix[2][3] 
_pdbx_struct_oper_list.vector[2] 
_pdbx_struct_oper_list.matrix[3][1] 
_pdbx_struct_oper_list.matrix[3][2] 
_pdbx_struct_oper_list.matrix[3][3] 
_pdbx_struct_oper_list.vector[3] 
1 'identity operation'         1_555 x,y,z       1.0000000000 0.0000000000  0.0000000000 0.0000000000  0.0000000000  1.0000000000  0.0000000000  0.0000000000  0.0000000000 0.0000000000  1.0000000000  0.0000000000  
2 'crystal symmetry operation' 3_555 -x,y,-z+1/2 0.4766686772 -0.5345279351 0.6979017544 -3.3181837059 -0.5345279351 -0.8065103447 -0.2526280874 21.7930647899 0.6979017544 -0.2526280874 -0.6701583326 23.7123058672 
# 
_struct_biol.id   1 
# 
loop_
_struct_conf.conf_type_id 
_struct_conf.id 
_struct_conf.pdbx_PDB_helix_id 
_struct_conf.beg_label_comp_id 
_struct_conf.beg_label_asym_id 
_struct_conf.beg_label_seq_id 
_struct_conf.pdbx_beg_PDB_ins_code 
_struct_conf.end_label_comp_id 
_struct_conf.end_label_asym_id 
_struct_conf.end_label_seq_id 
_struct_conf.pdbx_end_PDB_ins_code 
_struct_conf.beg_auth_comp_id 
_struct_conf.beg_auth_asym_id 
_struct_conf.beg_auth_seq_id 
_struct_conf.end_auth_comp_id 
_struct_conf.end_auth_asym_id 
_struct_conf.end_auth_seq_id 
_struct_conf.pdbx_PDB_helix_class 
_struct_conf.details 
_struct_conf.pdbx_PDB_helix_length 
HELX_P HELX_P1 1 ASP A 9   ? CYS A 19  ? ASP A 8  CYS A 18  1 ? 11 
HELX_P HELX_P2 2 TYR A 27  ? VAL A 34  ? TYR A 26 VAL A 33  1 ? 8  
HELX_P HELX_P3 3 LEU A 36  ? ALA A 38  ? LEU A 35 ALA A 37  5 ? 3  
HELX_P HELX_P4 4 ALA A 41  ? ILE A 51  ? ALA A 40 ILE A 50  1 ? 11 
HELX_P HELX_P5 5 GLU A 61  ? LYS A 65  ? GLU A 60 LYS A 64  1 ? 5  
HELX_P HELX_P6 6 PHE A 67  ? PHE A 71  ? PHE A 66 PHE A 70  1 ? 5  
HELX_P HELX_P7 7 ASP A 80  ? GLY A 90  ? ASP A 79 GLY A 89  1 ? 11 
HELX_P HELX_P8 8 VAL A 100 ? VAL A 107 ? VAL A 99 VAL A 106 1 ? 8  
# 
_struct_conf_type.id          HELX_P 
_struct_conf_type.criteria    ? 
_struct_conf_type.reference   ? 
# 
loop_
_struct_conn.id 
_struct_conn.conn_type_id 
_struct_conn.pdbx_leaving_atom_flag 
_struct_conn.pdbx_PDB_id 
_struct_conn.ptnr1_label_asym_id 
_struct_conn.ptnr1_label_comp_id 
_struct_conn.ptnr1_label_seq_id 
_struct_conn.ptnr1_label_atom_id 
_struct_conn.pdbx_ptnr1_label_alt_id 
_struct_conn.pdbx_ptnr1_PDB_ins_code 
_struct_conn.pdbx_ptnr1_standard_comp_id 
_struct_conn.ptnr1_symmetry 
_struct_conn.ptnr2_label_asym_id 
_struct_conn.ptnr2_label_comp_id 
_struct_conn.ptnr2_label_seq_id 
_struct_conn.ptnr2_label_atom_id 
_struct_conn.pdbx_ptnr2_label_alt_id 
_struct_conn.pdbx_ptnr2_PDB_ins_code 
_struct_conn.ptnr1_auth_asym_id 
_struct_conn.ptnr1_auth_comp_id 
_struct_conn.ptnr1_auth_seq_id 
_struct_conn.ptnr2_auth_asym_id 
_struct_conn.ptnr2_auth_comp_id 
_struct_conn.ptnr2_auth_seq_id 
_struct_conn.ptnr2_symmetry 
_struct_conn.pdbx_ptnr3_label_atom_id 
_struct_conn.pdbx_ptnr3_label_seq_id 
_struct_conn.pdbx_ptnr3_label_comp_id 
_struct_conn.pdbx_ptnr3_label_asym_id 
_struct_conn.pdbx_ptnr3_label_alt_id 
_struct_conn.pdbx_ptnr3_PDB_ins_code 
_struct_conn.details 
_struct_conn.pdbx_dist_value 
_struct_conn.pdbx_value_order 
_struct_conn.pdbx_role 
covale1  covale both ? A ACE 1   C   ? ? ? 1_555 A ALA 2 N  ? ? A ACE 0   A ALA 1   1_555 ? ? ? ? ? ? ? 1.330 ? ? 
metalc1  metalc ?    ? A ASP 52  OD1 ? ? ? 1_555 B CA  . CA ? ? A ASP 51  A CA  109 1_555 ? ? ? ? ? ? ? 2.382 ? ? 
metalc2  metalc ?    ? A ASP 54  OD1 ? ? ? 1_555 B CA  . CA ? ? A ASP 53  A CA  109 1_555 ? ? ? ? ? ? ? 2.299 ? ? 
metalc3  metalc ?    ? A SER 56  OG  ? ? ? 1_555 B CA  . CA ? ? A SER 55  A CA  109 1_555 ? ? ? ? ? ? ? 2.443 ? ? 
metalc4  metalc ?    ? A PHE 58  O   ? ? ? 1_555 B CA  . CA ? ? A PHE 57  A CA  109 1_555 ? ? ? ? ? ? ? 2.326 ? ? 
metalc5  metalc ?    ? A GLU 60  OE1 ? ? ? 1_555 B CA  . CA ? ? A GLU 59  A CA  109 1_555 ? ? ? ? ? ? ? 2.428 ? ? 
metalc6  metalc ?    ? A GLU 63  OE2 ? ? ? 1_555 B CA  . CA ? ? A GLU 62  A CA  109 1_555 ? ? ? ? ? ? ? 2.646 ? ? 
metalc7  metalc ?    ? A GLU 63  OE1 ? ? ? 1_555 B CA  . CA ? ? A GLU 62  A CA  109 1_555 ? ? ? ? ? ? ? 2.602 ? ? 
metalc8  metalc ?    ? A ASP 91  OD2 ? ? ? 1_555 C CA  . CA ? ? A ASP 90  A CA  110 1_555 ? ? ? ? ? ? ? 2.455 ? ? 
metalc9  metalc ?    ? A ASP 93  OD1 ? ? ? 1_555 C CA  . CA ? ? A ASP 92  A CA  110 1_555 ? ? ? ? ? ? ? 2.519 ? ? 
metalc10 metalc ?    ? A ASP 95  OD1 ? ? ? 1_555 C CA  . CA ? ? A ASP 94  A CA  110 1_555 ? ? ? ? ? ? ? 2.471 ? ? 
metalc11 metalc ?    ? A ALA 97  O   ? ? ? 1_555 C CA  . CA ? ? A ALA 96  A CA  110 1_555 ? ? ? ? ? ? ? 2.314 ? ? 
metalc12 metalc ?    ? A GLU 102 OE2 ? ? ? 1_555 C CA  . CA ? ? A GLU 101 A CA  110 1_555 ? ? ? ? ? ? ? 2.685 ? ? 
metalc13 metalc ?    ? A GLU 102 OE1 ? ? ? 1_555 C CA  . CA ? ? A GLU 101 A CA  110 1_555 ? ? ? ? ? ? ? 2.476 ? ? 
metalc14 metalc ?    ? C CA  .   CA  ? ? ? 1_555 D HOH . O  ? ? A CA  110 A HOH 130 1_555 ? ? ? ? ? ? ? 2.253 ? ? 
# 
loop_
_struct_conn_type.id 
_struct_conn_type.criteria 
_struct_conn_type.reference 
covale ? ? 
metalc ? ? 
# 
loop_
_pdbx_struct_conn_angle.id 
_pdbx_struct_conn_angle.ptnr1_label_atom_id 
_pdbx_struct_conn_angle.ptnr1_label_alt_id 
_pdbx_struct_conn_angle.ptnr1_label_asym_id 
_pdbx_struct_conn_angle.ptnr1_label_comp_id 
_pdbx_struct_conn_angle.ptnr1_label_seq_id 
_pdbx_struct_conn_angle.ptnr1_auth_atom_id 
_pdbx_struct_conn_angle.ptnr1_auth_asym_id 
_pdbx_struct_conn_angle.ptnr1_auth_comp_id 
_pdbx_struct_conn_angle.ptnr1_auth_seq_id 
_pdbx_struct_conn_angle.ptnr1_PDB_ins_code 
_pdbx_struct_conn_angle.ptnr1_symmetry 
_pdbx_struct_conn_angle.ptnr2_label_atom_id 
_pdbx_struct_conn_angle.ptnr2_label_alt_id 
_pdbx_struct_conn_angle.ptnr2_label_asym_id 
_pdbx_struct_conn_angle.ptnr2_label_comp_id 
_pdbx_struct_conn_angle.ptnr2_label_seq_id 
_pdbx_struct_conn_angle.ptnr2_auth_atom_id 
_pdbx_struct_conn_angle.ptnr2_auth_asym_id 
_pdbx_struct_conn_angle.ptnr2_auth_comp_id 
_pdbx_struct_conn_angle.ptnr2_auth_seq_id 
_pdbx_struct_conn_angle.ptnr2_PDB_ins_code 
_pdbx_struct_conn_angle.ptnr2_symmetry 
_pdbx_struct_conn_angle.ptnr3_label_atom_id 
_pdbx_struct_conn_angle.ptnr3_label_alt_id 
_pdbx_struct_conn_angle.ptnr3_label_asym_id 
_pdbx_struct_conn_angle.ptnr3_label_comp_id 
_pdbx_struct_conn_angle.ptnr3_label_seq_id 
_pdbx_struct_conn_angle.ptnr3_auth_atom_id 
_pdbx_struct_conn_angle.ptnr3_auth_asym_id 
_pdbx_struct_conn_angle.ptnr3_auth_comp_id 
_pdbx_struct_conn_angle.ptnr3_auth_seq_id 
_pdbx_struct_conn_angle.ptnr3_PDB_ins_code 
_pdbx_struct_conn_angle.ptnr3_symmetry 
_pdbx_struct_conn_angle.value 
_pdbx_struct_conn_angle.value_esd 
1  OD1 ? A ASP 52  ? A ASP 51  ? 1_555 CA ? B CA . ? A CA 109 ? 1_555 OD1 ? A ASP 54  ? A ASP 53  ? 1_555 82.7  ? 
2  OD1 ? A ASP 52  ? A ASP 51  ? 1_555 CA ? B CA . ? A CA 109 ? 1_555 OG  ? A SER 56  ? A SER 55  ? 1_555 91.2  ? 
3  OD1 ? A ASP 54  ? A ASP 53  ? 1_555 CA ? B CA . ? A CA 109 ? 1_555 OG  ? A SER 56  ? A SER 55  ? 1_555 84.3  ? 
4  OD1 ? A ASP 52  ? A ASP 51  ? 1_555 CA ? B CA . ? A CA 109 ? 1_555 O   ? A PHE 58  ? A PHE 57  ? 1_555 83.9  ? 
5  OD1 ? A ASP 54  ? A ASP 53  ? 1_555 CA ? B CA . ? A CA 109 ? 1_555 O   ? A PHE 58  ? A PHE 57  ? 1_555 157.6 ? 
6  OG  ? A SER 56  ? A SER 55  ? 1_555 CA ? B CA . ? A CA 109 ? 1_555 O   ? A PHE 58  ? A PHE 57  ? 1_555 78.2  ? 
7  OD1 ? A ASP 52  ? A ASP 51  ? 1_555 CA ? B CA . ? A CA 109 ? 1_555 OE1 ? A GLU 60  ? A GLU 59  ? 1_555 167.8 ? 
8  OD1 ? A ASP 54  ? A ASP 53  ? 1_555 CA ? B CA . ? A CA 109 ? 1_555 OE1 ? A GLU 60  ? A GLU 59  ? 1_555 106.6 ? 
9  OG  ? A SER 56  ? A SER 55  ? 1_555 CA ? B CA . ? A CA 109 ? 1_555 OE1 ? A GLU 60  ? A GLU 59  ? 1_555 82.1  ? 
10 O   ? A PHE 58  ? A PHE 57  ? 1_555 CA ? B CA . ? A CA 109 ? 1_555 OE1 ? A GLU 60  ? A GLU 59  ? 1_555 84.8  ? 
11 OD1 ? A ASP 52  ? A ASP 51  ? 1_555 CA ? B CA . ? A CA 109 ? 1_555 OE2 ? A GLU 63  ? A GLU 62  ? 1_555 103.2 ? 
12 OD1 ? A ASP 54  ? A ASP 53  ? 1_555 CA ? B CA . ? A CA 109 ? 1_555 OE2 ? A GLU 63  ? A GLU 62  ? 1_555 121.1 ? 
13 OG  ? A SER 56  ? A SER 55  ? 1_555 CA ? B CA . ? A CA 109 ? 1_555 OE2 ? A GLU 63  ? A GLU 62  ? 1_555 151.8 ? 
14 O   ? A PHE 58  ? A PHE 57  ? 1_555 CA ? B CA . ? A CA 109 ? 1_555 OE2 ? A GLU 63  ? A GLU 62  ? 1_555 79.4  ? 
15 OE1 ? A GLU 60  ? A GLU 59  ? 1_555 CA ? B CA . ? A CA 109 ? 1_555 OE2 ? A GLU 63  ? A GLU 62  ? 1_555 78.9  ? 
16 OD1 ? A ASP 52  ? A ASP 51  ? 1_555 CA ? B CA . ? A CA 109 ? 1_555 OE1 ? A GLU 63  ? A GLU 62  ? 1_555 97.7  ? 
17 OD1 ? A ASP 54  ? A ASP 53  ? 1_555 CA ? B CA . ? A CA 109 ? 1_555 OE1 ? A GLU 63  ? A GLU 62  ? 1_555 71.8  ? 
18 OG  ? A SER 56  ? A SER 55  ? 1_555 CA ? B CA . ? A CA 109 ? 1_555 OE1 ? A GLU 63  ? A GLU 62  ? 1_555 153.0 ? 
19 O   ? A PHE 58  ? A PHE 57  ? 1_555 CA ? B CA . ? A CA 109 ? 1_555 OE1 ? A GLU 63  ? A GLU 62  ? 1_555 128.0 ? 
20 OE1 ? A GLU 60  ? A GLU 59  ? 1_555 CA ? B CA . ? A CA 109 ? 1_555 OE1 ? A GLU 63  ? A GLU 62  ? 1_555 92.7  ? 
21 OE2 ? A GLU 63  ? A GLU 62  ? 1_555 CA ? B CA . ? A CA 109 ? 1_555 OE1 ? A GLU 63  ? A GLU 62  ? 1_555 49.4  ? 
22 OD2 ? A ASP 91  ? A ASP 90  ? 1_555 CA ? C CA . ? A CA 110 ? 1_555 OD1 ? A ASP 93  ? A ASP 92  ? 1_555 82.5  ? 
23 OD2 ? A ASP 91  ? A ASP 90  ? 1_555 CA ? C CA . ? A CA 110 ? 1_555 OD1 ? A ASP 95  ? A ASP 94  ? 1_555 81.9  ? 
24 OD1 ? A ASP 93  ? A ASP 92  ? 1_555 CA ? C CA . ? A CA 110 ? 1_555 OD1 ? A ASP 95  ? A ASP 94  ? 1_555 77.9  ? 
25 OD2 ? A ASP 91  ? A ASP 90  ? 1_555 CA ? C CA . ? A CA 110 ? 1_555 O   ? A ALA 97  ? A ALA 96  ? 1_555 82.9  ? 
26 OD1 ? A ASP 93  ? A ASP 92  ? 1_555 CA ? C CA . ? A CA 110 ? 1_555 O   ? A ALA 97  ? A ALA 96  ? 1_555 150.3 ? 
27 OD1 ? A ASP 95  ? A ASP 94  ? 1_555 CA ? C CA . ? A CA 110 ? 1_555 O   ? A ALA 97  ? A ALA 96  ? 1_555 74.4  ? 
28 OD2 ? A ASP 91  ? A ASP 90  ? 1_555 CA ? C CA . ? A CA 110 ? 1_555 OE2 ? A GLU 102 ? A GLU 101 ? 1_555 93.0  ? 
29 OD1 ? A ASP 93  ? A ASP 92  ? 1_555 CA ? C CA . ? A CA 110 ? 1_555 OE2 ? A GLU 102 ? A GLU 101 ? 1_555 78.6  ? 
30 OD1 ? A ASP 95  ? A ASP 94  ? 1_555 CA ? C CA . ? A CA 110 ? 1_555 OE2 ? A GLU 102 ? A GLU 101 ? 1_555 156.5 ? 
31 O   ? A ALA 97  ? A ALA 96  ? 1_555 CA ? C CA . ? A CA 110 ? 1_555 OE2 ? A GLU 102 ? A GLU 101 ? 1_555 127.9 ? 
32 OD2 ? A ASP 91  ? A ASP 90  ? 1_555 CA ? C CA . ? A CA 110 ? 1_555 OE1 ? A GLU 102 ? A GLU 101 ? 1_555 110.6 ? 
33 OD1 ? A ASP 93  ? A ASP 92  ? 1_555 CA ? C CA . ? A CA 110 ? 1_555 OE1 ? A GLU 102 ? A GLU 101 ? 1_555 126.5 ? 
34 OD1 ? A ASP 95  ? A ASP 94  ? 1_555 CA ? C CA . ? A CA 110 ? 1_555 OE1 ? A GLU 102 ? A GLU 101 ? 1_555 152.7 ? 
35 O   ? A ALA 97  ? A ALA 96  ? 1_555 CA ? C CA . ? A CA 110 ? 1_555 OE1 ? A GLU 102 ? A GLU 101 ? 1_555 83.0  ? 
36 OE2 ? A GLU 102 ? A GLU 101 ? 1_555 CA ? C CA . ? A CA 110 ? 1_555 OE1 ? A GLU 102 ? A GLU 101 ? 1_555 50.1  ? 
37 OD2 ? A ASP 91  ? A ASP 90  ? 1_555 CA ? C CA . ? A CA 110 ? 1_555 O   ? D HOH .   ? A HOH 130 ? 1_555 163.1 ? 
38 OD1 ? A ASP 93  ? A ASP 92  ? 1_555 CA ? C CA . ? A CA 110 ? 1_555 O   ? D HOH .   ? A HOH 130 ? 1_555 96.3  ? 
39 OD1 ? A ASP 95  ? A ASP 94  ? 1_555 CA ? C CA . ? A CA 110 ? 1_555 O   ? D HOH .   ? A HOH 130 ? 1_555 81.4  ? 
40 O   ? A ALA 97  ? A ALA 96  ? 1_555 CA ? C CA . ? A CA 110 ? 1_555 O   ? D HOH .   ? A HOH 130 ? 1_555 90.3  ? 
41 OE2 ? A GLU 102 ? A GLU 101 ? 1_555 CA ? C CA . ? A CA 110 ? 1_555 O   ? D HOH .   ? A HOH 130 ? 1_555 103.3 ? 
42 OE1 ? A GLU 102 ? A GLU 101 ? 1_555 CA ? C CA . ? A CA 110 ? 1_555 O   ? D HOH .   ? A HOH 130 ? 1_555 83.7  ? 
# 
_pdbx_modification_feature.ordinal                            1 
_pdbx_modification_feature.label_comp_id                      ACE 
_pdbx_modification_feature.label_asym_id                      A 
_pdbx_modification_feature.label_seq_id                       1 
_pdbx_modification_feature.label_alt_id                       ? 
_pdbx_modification_feature.modified_residue_label_comp_id     ALA 
_pdbx_modification_feature.modified_residue_label_asym_id     A 
_pdbx_modification_feature.modified_residue_label_seq_id      2 
_pdbx_modification_feature.modified_residue_label_alt_id      ? 
_pdbx_modification_feature.auth_comp_id                       ACE 
_pdbx_modification_feature.auth_asym_id                       A 
_pdbx_modification_feature.auth_seq_id                        0 
_pdbx_modification_feature.PDB_ins_code                       ? 
_pdbx_modification_feature.symmetry                           1_555 
_pdbx_modification_feature.modified_residue_auth_comp_id      ALA 
_pdbx_modification_feature.modified_residue_auth_asym_id      A 
_pdbx_modification_feature.modified_residue_auth_seq_id       1 
_pdbx_modification_feature.modified_residue_PDB_ins_code      ? 
_pdbx_modification_feature.modified_residue_symmetry          1_555 
_pdbx_modification_feature.comp_id_linking_atom               . 
_pdbx_modification_feature.modified_residue_id_linking_atom   . 
_pdbx_modification_feature.modified_residue_id                ALA 
_pdbx_modification_feature.ref_pcm_id                         1 
_pdbx_modification_feature.ref_comp_id                        ACE 
_pdbx_modification_feature.type                               None 
_pdbx_modification_feature.category                           'Terminal acetylation' 
# 
_struct_sheet.id               A 
_struct_sheet.type             ? 
_struct_sheet.number_strands   2 
_struct_sheet.details          ? 
# 
_struct_sheet_order.sheet_id     A 
_struct_sheet_order.range_id_1   1 
_struct_sheet_order.range_id_2   2 
_struct_sheet_order.offset       ? 
_struct_sheet_order.sense        anti-parallel 
# 
loop_
_struct_sheet_range.sheet_id 
_struct_sheet_range.id 
_struct_sheet_range.beg_label_comp_id 
_struct_sheet_range.beg_label_asym_id 
_struct_sheet_range.beg_label_seq_id 
_struct_sheet_range.pdbx_beg_PDB_ins_code 
_struct_sheet_range.end_label_comp_id 
_struct_sheet_range.end_label_asym_id 
_struct_sheet_range.end_label_seq_id 
_struct_sheet_range.pdbx_end_PDB_ins_code 
_struct_sheet_range.beg_auth_comp_id 
_struct_sheet_range.beg_auth_asym_id 
_struct_sheet_range.beg_auth_seq_id 
_struct_sheet_range.end_auth_comp_id 
_struct_sheet_range.end_auth_asym_id 
_struct_sheet_range.end_auth_seq_id 
A 1 ILE A 59 ? GLU A 60 ? ILE A 58 GLU A 59 
A 2 ALA A 97 ? ILE A 98 ? ALA A 96 ILE A 97 
# 
_pdbx_struct_sheet_hbond.sheet_id                A 
_pdbx_struct_sheet_hbond.range_id_1              1 
_pdbx_struct_sheet_hbond.range_id_2              2 
_pdbx_struct_sheet_hbond.range_1_label_atom_id   O 
_pdbx_struct_sheet_hbond.range_1_label_comp_id   ILE 
_pdbx_struct_sheet_hbond.range_1_label_asym_id   A 
_pdbx_struct_sheet_hbond.range_1_label_seq_id    59 
_pdbx_struct_sheet_hbond.range_1_PDB_ins_code    ? 
_pdbx_struct_sheet_hbond.range_1_auth_atom_id    O 
_pdbx_struct_sheet_hbond.range_1_auth_comp_id    ILE 
_pdbx_struct_sheet_hbond.range_1_auth_asym_id    A 
_pdbx_struct_sheet_hbond.range_1_auth_seq_id     58 
_pdbx_struct_sheet_hbond.range_2_label_atom_id   N 
_pdbx_struct_sheet_hbond.range_2_label_comp_id   ILE 
_pdbx_struct_sheet_hbond.range_2_label_asym_id   A 
_pdbx_struct_sheet_hbond.range_2_label_seq_id    98 
_pdbx_struct_sheet_hbond.range_2_PDB_ins_code    ? 
_pdbx_struct_sheet_hbond.range_2_auth_atom_id    N 
_pdbx_struct_sheet_hbond.range_2_auth_comp_id    ILE 
_pdbx_struct_sheet_hbond.range_2_auth_asym_id    A 
_pdbx_struct_sheet_hbond.range_2_auth_seq_id     97 
# 
loop_
_struct_site.id 
_struct_site.pdbx_evidence_code 
_struct_site.pdbx_auth_asym_id 
_struct_site.pdbx_auth_comp_id 
_struct_site.pdbx_auth_seq_id 
_struct_site.pdbx_auth_ins_code 
_struct_site.pdbx_num_residues 
_struct_site.details 
CD  Unknown  ? ?  ?   ? 12 'CA BINDING SITE'                   
EF  Unknown  ? ?  ?   ? 12 'CA BINDING SITE'                   
AC1 Software A CA 109 ? 6  'BINDING SITE FOR RESIDUE CA A 109' 
AC2 Software A CA 110 ? 6  'BINDING SITE FOR RESIDUE CA A 110' 
# 
loop_
_struct_site_gen.id 
_struct_site_gen.site_id 
_struct_site_gen.pdbx_num_res 
_struct_site_gen.label_comp_id 
_struct_site_gen.label_asym_id 
_struct_site_gen.label_seq_id 
_struct_site_gen.pdbx_auth_ins_code 
_struct_site_gen.auth_comp_id 
_struct_site_gen.auth_asym_id 
_struct_site_gen.auth_seq_id 
_struct_site_gen.label_atom_id 
_struct_site_gen.label_alt_id 
_struct_site_gen.symmetry 
_struct_site_gen.details 
1  CD  12 ASP A 52  ? ASP A 51  . ? 1_555 ? 
2  CD  12 GLN A 53  ? GLN A 52  . ? 1_555 ? 
3  CD  12 ASP A 54  ? ASP A 53  . ? 1_555 ? 
4  CD  12 LYS A 55  ? LYS A 54  . ? 1_555 ? 
5  CD  12 SER A 56  ? SER A 55  . ? 1_555 ? 
6  CD  12 GLY A 57  ? GLY A 56  . ? 1_555 ? 
7  CD  12 PHE A 58  ? PHE A 57  . ? 1_555 ? 
8  CD  12 ILE A 59  ? ILE A 58  . ? 1_555 ? 
9  CD  12 GLU A 60  ? GLU A 59  . ? 1_555 ? 
10 CD  12 GLU A 61  ? GLU A 60  . ? 1_555 ? 
11 CD  12 ASP A 62  ? ASP A 61  . ? 1_555 ? 
12 CD  12 GLU A 63  ? GLU A 62  . ? 1_555 ? 
13 EF  12 ASP A 91  ? ASP A 90  . ? 1_555 ? 
14 EF  12 SER A 92  ? SER A 91  . ? 1_555 ? 
15 EF  12 ASP A 93  ? ASP A 92  . ? 1_555 ? 
16 EF  12 GLY A 94  ? GLY A 93  . ? 1_555 ? 
17 EF  12 ASP A 95  ? ASP A 94  . ? 1_555 ? 
18 EF  12 GLY A 96  ? GLY A 95  . ? 1_555 ? 
19 EF  12 ALA A 97  ? ALA A 96  . ? 1_555 ? 
20 EF  12 ILE A 98  ? ILE A 97  . ? 1_555 ? 
21 EF  12 GLY A 99  ? GLY A 98  . ? 1_555 ? 
22 EF  12 VAL A 100 ? VAL A 99  . ? 1_555 ? 
23 EF  12 ASP A 101 ? ASP A 100 . ? 1_555 ? 
24 EF  12 GLU A 102 ? GLU A 101 . ? 1_555 ? 
25 AC1 6  ASP A 52  ? ASP A 51  . ? 1_555 ? 
26 AC1 6  ASP A 54  ? ASP A 53  . ? 1_555 ? 
27 AC1 6  SER A 56  ? SER A 55  . ? 1_555 ? 
28 AC1 6  PHE A 58  ? PHE A 57  . ? 1_555 ? 
29 AC1 6  GLU A 60  ? GLU A 59  . ? 1_555 ? 
30 AC1 6  GLU A 63  ? GLU A 62  . ? 1_555 ? 
31 AC2 6  ASP A 91  ? ASP A 90  . ? 1_555 ? 
32 AC2 6  ASP A 93  ? ASP A 92  . ? 1_555 ? 
33 AC2 6  ASP A 95  ? ASP A 94  . ? 1_555 ? 
34 AC2 6  ALA A 97  ? ALA A 96  . ? 1_555 ? 
35 AC2 6  GLU A 102 ? GLU A 101 . ? 1_555 ? 
36 AC2 6  HOH D .   ? HOH A 130 . ? 1_555 ? 
# 
_pdbx_entry_details.entry_id                   1BU3 
_pdbx_entry_details.compound_details           ? 
_pdbx_entry_details.source_details             ? 
_pdbx_entry_details.nonpolymer_details         ? 
_pdbx_entry_details.sequence_details           ? 
_pdbx_entry_details.has_ligand_of_interest     ? 
_pdbx_entry_details.has_protein_modification   Y 
# 
_pdbx_validate_torsion.id              1 
_pdbx_validate_torsion.PDB_model_num   1 
_pdbx_validate_torsion.auth_comp_id    LYS 
_pdbx_validate_torsion.auth_asym_id    A 
_pdbx_validate_torsion.auth_seq_id     107 
_pdbx_validate_torsion.PDB_ins_code    ? 
_pdbx_validate_torsion.label_alt_id    ? 
_pdbx_validate_torsion.phi             63.10 
_pdbx_validate_torsion.psi             67.12 
# 
loop_
_chem_comp_atom.comp_id 
_chem_comp_atom.atom_id 
_chem_comp_atom.type_symbol 
_chem_comp_atom.pdbx_aromatic_flag 
_chem_comp_atom.pdbx_stereo_config 
_chem_comp_atom.pdbx_ordinal 
ACE C    C  N N 1   
ACE O    O  N N 2   
ACE CH3  C  N N 3   
ACE H    H  N N 4   
ACE H1   H  N N 5   
ACE H2   H  N N 6   
ACE H3   H  N N 7   
ALA N    N  N N 8   
ALA CA   C  N S 9   
ALA C    C  N N 10  
ALA O    O  N N 11  
ALA CB   C  N N 12  
ALA OXT  O  N N 13  
ALA H    H  N N 14  
ALA H2   H  N N 15  
ALA HA   H  N N 16  
ALA HB1  H  N N 17  
ALA HB2  H  N N 18  
ALA HB3  H  N N 19  
ALA HXT  H  N N 20  
ARG N    N  N N 21  
ARG CA   C  N S 22  
ARG C    C  N N 23  
ARG O    O  N N 24  
ARG CB   C  N N 25  
ARG CG   C  N N 26  
ARG CD   C  N N 27  
ARG NE   N  N N 28  
ARG CZ   C  N N 29  
ARG NH1  N  N N 30  
ARG NH2  N  N N 31  
ARG OXT  O  N N 32  
ARG H    H  N N 33  
ARG H2   H  N N 34  
ARG HA   H  N N 35  
ARG HB2  H  N N 36  
ARG HB3  H  N N 37  
ARG HG2  H  N N 38  
ARG HG3  H  N N 39  
ARG HD2  H  N N 40  
ARG HD3  H  N N 41  
ARG HE   H  N N 42  
ARG HH11 H  N N 43  
ARG HH12 H  N N 44  
ARG HH21 H  N N 45  
ARG HH22 H  N N 46  
ARG HXT  H  N N 47  
ASN N    N  N N 48  
ASN CA   C  N S 49  
ASN C    C  N N 50  
ASN O    O  N N 51  
ASN CB   C  N N 52  
ASN CG   C  N N 53  
ASN OD1  O  N N 54  
ASN ND2  N  N N 55  
ASN OXT  O  N N 56  
ASN H    H  N N 57  
ASN H2   H  N N 58  
ASN HA   H  N N 59  
ASN HB2  H  N N 60  
ASN HB3  H  N N 61  
ASN HD21 H  N N 62  
ASN HD22 H  N N 63  
ASN HXT  H  N N 64  
ASP N    N  N N 65  
ASP CA   C  N S 66  
ASP C    C  N N 67  
ASP O    O  N N 68  
ASP CB   C  N N 69  
ASP CG   C  N N 70  
ASP OD1  O  N N 71  
ASP OD2  O  N N 72  
ASP OXT  O  N N 73  
ASP H    H  N N 74  
ASP H2   H  N N 75  
ASP HA   H  N N 76  
ASP HB2  H  N N 77  
ASP HB3  H  N N 78  
ASP HD2  H  N N 79  
ASP HXT  H  N N 80  
CA  CA   CA N N 81  
CYS N    N  N N 82  
CYS CA   C  N R 83  
CYS C    C  N N 84  
CYS O    O  N N 85  
CYS CB   C  N N 86  
CYS SG   S  N N 87  
CYS OXT  O  N N 88  
CYS H    H  N N 89  
CYS H2   H  N N 90  
CYS HA   H  N N 91  
CYS HB2  H  N N 92  
CYS HB3  H  N N 93  
CYS HG   H  N N 94  
CYS HXT  H  N N 95  
GLN N    N  N N 96  
GLN CA   C  N S 97  
GLN C    C  N N 98  
GLN O    O  N N 99  
GLN CB   C  N N 100 
GLN CG   C  N N 101 
GLN CD   C  N N 102 
GLN OE1  O  N N 103 
GLN NE2  N  N N 104 
GLN OXT  O  N N 105 
GLN H    H  N N 106 
GLN H2   H  N N 107 
GLN HA   H  N N 108 
GLN HB2  H  N N 109 
GLN HB3  H  N N 110 
GLN HG2  H  N N 111 
GLN HG3  H  N N 112 
GLN HE21 H  N N 113 
GLN HE22 H  N N 114 
GLN HXT  H  N N 115 
GLU N    N  N N 116 
GLU CA   C  N S 117 
GLU C    C  N N 118 
GLU O    O  N N 119 
GLU CB   C  N N 120 
GLU CG   C  N N 121 
GLU CD   C  N N 122 
GLU OE1  O  N N 123 
GLU OE2  O  N N 124 
GLU OXT  O  N N 125 
GLU H    H  N N 126 
GLU H2   H  N N 127 
GLU HA   H  N N 128 
GLU HB2  H  N N 129 
GLU HB3  H  N N 130 
GLU HG2  H  N N 131 
GLU HG3  H  N N 132 
GLU HE2  H  N N 133 
GLU HXT  H  N N 134 
GLY N    N  N N 135 
GLY CA   C  N N 136 
GLY C    C  N N 137 
GLY O    O  N N 138 
GLY OXT  O  N N 139 
GLY H    H  N N 140 
GLY H2   H  N N 141 
GLY HA2  H  N N 142 
GLY HA3  H  N N 143 
GLY HXT  H  N N 144 
HOH O    O  N N 145 
HOH H1   H  N N 146 
HOH H2   H  N N 147 
ILE N    N  N N 148 
ILE CA   C  N S 149 
ILE C    C  N N 150 
ILE O    O  N N 151 
ILE CB   C  N S 152 
ILE CG1  C  N N 153 
ILE CG2  C  N N 154 
ILE CD1  C  N N 155 
ILE OXT  O  N N 156 
ILE H    H  N N 157 
ILE H2   H  N N 158 
ILE HA   H  N N 159 
ILE HB   H  N N 160 
ILE HG12 H  N N 161 
ILE HG13 H  N N 162 
ILE HG21 H  N N 163 
ILE HG22 H  N N 164 
ILE HG23 H  N N 165 
ILE HD11 H  N N 166 
ILE HD12 H  N N 167 
ILE HD13 H  N N 168 
ILE HXT  H  N N 169 
LEU N    N  N N 170 
LEU CA   C  N S 171 
LEU C    C  N N 172 
LEU O    O  N N 173 
LEU CB   C  N N 174 
LEU CG   C  N N 175 
LEU CD1  C  N N 176 
LEU CD2  C  N N 177 
LEU OXT  O  N N 178 
LEU H    H  N N 179 
LEU H2   H  N N 180 
LEU HA   H  N N 181 
LEU HB2  H  N N 182 
LEU HB3  H  N N 183 
LEU HG   H  N N 184 
LEU HD11 H  N N 185 
LEU HD12 H  N N 186 
LEU HD13 H  N N 187 
LEU HD21 H  N N 188 
LEU HD22 H  N N 189 
LEU HD23 H  N N 190 
LEU HXT  H  N N 191 
LYS N    N  N N 192 
LYS CA   C  N S 193 
LYS C    C  N N 194 
LYS O    O  N N 195 
LYS CB   C  N N 196 
LYS CG   C  N N 197 
LYS CD   C  N N 198 
LYS CE   C  N N 199 
LYS NZ   N  N N 200 
LYS OXT  O  N N 201 
LYS H    H  N N 202 
LYS H2   H  N N 203 
LYS HA   H  N N 204 
LYS HB2  H  N N 205 
LYS HB3  H  N N 206 
LYS HG2  H  N N 207 
LYS HG3  H  N N 208 
LYS HD2  H  N N 209 
LYS HD3  H  N N 210 
LYS HE2  H  N N 211 
LYS HE3  H  N N 212 
LYS HZ1  H  N N 213 
LYS HZ2  H  N N 214 
LYS HZ3  H  N N 215 
LYS HXT  H  N N 216 
PHE N    N  N N 217 
PHE CA   C  N S 218 
PHE C    C  N N 219 
PHE O    O  N N 220 
PHE CB   C  N N 221 
PHE CG   C  Y N 222 
PHE CD1  C  Y N 223 
PHE CD2  C  Y N 224 
PHE CE1  C  Y N 225 
PHE CE2  C  Y N 226 
PHE CZ   C  Y N 227 
PHE OXT  O  N N 228 
PHE H    H  N N 229 
PHE H2   H  N N 230 
PHE HA   H  N N 231 
PHE HB2  H  N N 232 
PHE HB3  H  N N 233 
PHE HD1  H  N N 234 
PHE HD2  H  N N 235 
PHE HE1  H  N N 236 
PHE HE2  H  N N 237 
PHE HZ   H  N N 238 
PHE HXT  H  N N 239 
SER N    N  N N 240 
SER CA   C  N S 241 
SER C    C  N N 242 
SER O    O  N N 243 
SER CB   C  N N 244 
SER OG   O  N N 245 
SER OXT  O  N N 246 
SER H    H  N N 247 
SER H2   H  N N 248 
SER HA   H  N N 249 
SER HB2  H  N N 250 
SER HB3  H  N N 251 
SER HG   H  N N 252 
SER HXT  H  N N 253 
THR N    N  N N 254 
THR CA   C  N S 255 
THR C    C  N N 256 
THR O    O  N N 257 
THR CB   C  N R 258 
THR OG1  O  N N 259 
THR CG2  C  N N 260 
THR OXT  O  N N 261 
THR H    H  N N 262 
THR H2   H  N N 263 
THR HA   H  N N 264 
THR HB   H  N N 265 
THR HG1  H  N N 266 
THR HG21 H  N N 267 
THR HG22 H  N N 268 
THR HG23 H  N N 269 
THR HXT  H  N N 270 
TRP N    N  N N 271 
TRP CA   C  N S 272 
TRP C    C  N N 273 
TRP O    O  N N 274 
TRP CB   C  N N 275 
TRP CG   C  Y N 276 
TRP CD1  C  Y N 277 
TRP CD2  C  Y N 278 
TRP NE1  N  Y N 279 
TRP CE2  C  Y N 280 
TRP CE3  C  Y N 281 
TRP CZ2  C  Y N 282 
TRP CZ3  C  Y N 283 
TRP CH2  C  Y N 284 
TRP OXT  O  N N 285 
TRP H    H  N N 286 
TRP H2   H  N N 287 
TRP HA   H  N N 288 
TRP HB2  H  N N 289 
TRP HB3  H  N N 290 
TRP HD1  H  N N 291 
TRP HE1  H  N N 292 
TRP HE3  H  N N 293 
TRP HZ2  H  N N 294 
TRP HZ3  H  N N 295 
TRP HH2  H  N N 296 
TRP HXT  H  N N 297 
TYR N    N  N N 298 
TYR CA   C  N S 299 
TYR C    C  N N 300 
TYR O    O  N N 301 
TYR CB   C  N N 302 
TYR CG   C  Y N 303 
TYR CD1  C  Y N 304 
TYR CD2  C  Y N 305 
TYR CE1  C  Y N 306 
TYR CE2  C  Y N 307 
TYR CZ   C  Y N 308 
TYR OH   O  N N 309 
TYR OXT  O  N N 310 
TYR H    H  N N 311 
TYR H2   H  N N 312 
TYR HA   H  N N 313 
TYR HB2  H  N N 314 
TYR HB3  H  N N 315 
TYR HD1  H  N N 316 
TYR HD2  H  N N 317 
TYR HE1  H  N N 318 
TYR HE2  H  N N 319 
TYR HH   H  N N 320 
TYR HXT  H  N N 321 
VAL N    N  N N 322 
VAL CA   C  N S 323 
VAL C    C  N N 324 
VAL O    O  N N 325 
VAL CB   C  N N 326 
VAL CG1  C  N N 327 
VAL CG2  C  N N 328 
VAL OXT  O  N N 329 
VAL H    H  N N 330 
VAL H2   H  N N 331 
VAL HA   H  N N 332 
VAL HB   H  N N 333 
VAL HG11 H  N N 334 
VAL HG12 H  N N 335 
VAL HG13 H  N N 336 
VAL HG21 H  N N 337 
VAL HG22 H  N N 338 
VAL HG23 H  N N 339 
VAL HXT  H  N N 340 
# 
loop_
_chem_comp_bond.comp_id 
_chem_comp_bond.atom_id_1 
_chem_comp_bond.atom_id_2 
_chem_comp_bond.value_order 
_chem_comp_bond.pdbx_aromatic_flag 
_chem_comp_bond.pdbx_stereo_config 
_chem_comp_bond.pdbx_ordinal 
ACE C   O    doub N N 1   
ACE C   CH3  sing N N 2   
ACE C   H    sing N N 3   
ACE CH3 H1   sing N N 4   
ACE CH3 H2   sing N N 5   
ACE CH3 H3   sing N N 6   
ALA N   CA   sing N N 7   
ALA N   H    sing N N 8   
ALA N   H2   sing N N 9   
ALA CA  C    sing N N 10  
ALA CA  CB   sing N N 11  
ALA CA  HA   sing N N 12  
ALA C   O    doub N N 13  
ALA C   OXT  sing N N 14  
ALA CB  HB1  sing N N 15  
ALA CB  HB2  sing N N 16  
ALA CB  HB3  sing N N 17  
ALA OXT HXT  sing N N 18  
ARG N   CA   sing N N 19  
ARG N   H    sing N N 20  
ARG N   H2   sing N N 21  
ARG CA  C    sing N N 22  
ARG CA  CB   sing N N 23  
ARG CA  HA   sing N N 24  
ARG C   O    doub N N 25  
ARG C   OXT  sing N N 26  
ARG CB  CG   sing N N 27  
ARG CB  HB2  sing N N 28  
ARG CB  HB3  sing N N 29  
ARG CG  CD   sing N N 30  
ARG CG  HG2  sing N N 31  
ARG CG  HG3  sing N N 32  
ARG CD  NE   sing N N 33  
ARG CD  HD2  sing N N 34  
ARG CD  HD3  sing N N 35  
ARG NE  CZ   sing N N 36  
ARG NE  HE   sing N N 37  
ARG CZ  NH1  sing N N 38  
ARG CZ  NH2  doub N N 39  
ARG NH1 HH11 sing N N 40  
ARG NH1 HH12 sing N N 41  
ARG NH2 HH21 sing N N 42  
ARG NH2 HH22 sing N N 43  
ARG OXT HXT  sing N N 44  
ASN N   CA   sing N N 45  
ASN N   H    sing N N 46  
ASN N   H2   sing N N 47  
ASN CA  C    sing N N 48  
ASN CA  CB   sing N N 49  
ASN CA  HA   sing N N 50  
ASN C   O    doub N N 51  
ASN C   OXT  sing N N 52  
ASN CB  CG   sing N N 53  
ASN CB  HB2  sing N N 54  
ASN CB  HB3  sing N N 55  
ASN CG  OD1  doub N N 56  
ASN CG  ND2  sing N N 57  
ASN ND2 HD21 sing N N 58  
ASN ND2 HD22 sing N N 59  
ASN OXT HXT  sing N N 60  
ASP N   CA   sing N N 61  
ASP N   H    sing N N 62  
ASP N   H2   sing N N 63  
ASP CA  C    sing N N 64  
ASP CA  CB   sing N N 65  
ASP CA  HA   sing N N 66  
ASP C   O    doub N N 67  
ASP C   OXT  sing N N 68  
ASP CB  CG   sing N N 69  
ASP CB  HB2  sing N N 70  
ASP CB  HB3  sing N N 71  
ASP CG  OD1  doub N N 72  
ASP CG  OD2  sing N N 73  
ASP OD2 HD2  sing N N 74  
ASP OXT HXT  sing N N 75  
CYS N   CA   sing N N 76  
CYS N   H    sing N N 77  
CYS N   H2   sing N N 78  
CYS CA  C    sing N N 79  
CYS CA  CB   sing N N 80  
CYS CA  HA   sing N N 81  
CYS C   O    doub N N 82  
CYS C   OXT  sing N N 83  
CYS CB  SG   sing N N 84  
CYS CB  HB2  sing N N 85  
CYS CB  HB3  sing N N 86  
CYS SG  HG   sing N N 87  
CYS OXT HXT  sing N N 88  
GLN N   CA   sing N N 89  
GLN N   H    sing N N 90  
GLN N   H2   sing N N 91  
GLN CA  C    sing N N 92  
GLN CA  CB   sing N N 93  
GLN CA  HA   sing N N 94  
GLN C   O    doub N N 95  
GLN C   OXT  sing N N 96  
GLN CB  CG   sing N N 97  
GLN CB  HB2  sing N N 98  
GLN CB  HB3  sing N N 99  
GLN CG  CD   sing N N 100 
GLN CG  HG2  sing N N 101 
GLN CG  HG3  sing N N 102 
GLN CD  OE1  doub N N 103 
GLN CD  NE2  sing N N 104 
GLN NE2 HE21 sing N N 105 
GLN NE2 HE22 sing N N 106 
GLN OXT HXT  sing N N 107 
GLU N   CA   sing N N 108 
GLU N   H    sing N N 109 
GLU N   H2   sing N N 110 
GLU CA  C    sing N N 111 
GLU CA  CB   sing N N 112 
GLU CA  HA   sing N N 113 
GLU C   O    doub N N 114 
GLU C   OXT  sing N N 115 
GLU CB  CG   sing N N 116 
GLU CB  HB2  sing N N 117 
GLU CB  HB3  sing N N 118 
GLU CG  CD   sing N N 119 
GLU CG  HG2  sing N N 120 
GLU CG  HG3  sing N N 121 
GLU CD  OE1  doub N N 122 
GLU CD  OE2  sing N N 123 
GLU OE2 HE2  sing N N 124 
GLU OXT HXT  sing N N 125 
GLY N   CA   sing N N 126 
GLY N   H    sing N N 127 
GLY N   H2   sing N N 128 
GLY CA  C    sing N N 129 
GLY CA  HA2  sing N N 130 
GLY CA  HA3  sing N N 131 
GLY C   O    doub N N 132 
GLY C   OXT  sing N N 133 
GLY OXT HXT  sing N N 134 
HOH O   H1   sing N N 135 
HOH O   H2   sing N N 136 
ILE N   CA   sing N N 137 
ILE N   H    sing N N 138 
ILE N   H2   sing N N 139 
ILE CA  C    sing N N 140 
ILE CA  CB   sing N N 141 
ILE CA  HA   sing N N 142 
ILE C   O    doub N N 143 
ILE C   OXT  sing N N 144 
ILE CB  CG1  sing N N 145 
ILE CB  CG2  sing N N 146 
ILE CB  HB   sing N N 147 
ILE CG1 CD1  sing N N 148 
ILE CG1 HG12 sing N N 149 
ILE CG1 HG13 sing N N 150 
ILE CG2 HG21 sing N N 151 
ILE CG2 HG22 sing N N 152 
ILE CG2 HG23 sing N N 153 
ILE CD1 HD11 sing N N 154 
ILE CD1 HD12 sing N N 155 
ILE CD1 HD13 sing N N 156 
ILE OXT HXT  sing N N 157 
LEU N   CA   sing N N 158 
LEU N   H    sing N N 159 
LEU N   H2   sing N N 160 
LEU CA  C    sing N N 161 
LEU CA  CB   sing N N 162 
LEU CA  HA   sing N N 163 
LEU C   O    doub N N 164 
LEU C   OXT  sing N N 165 
LEU CB  CG   sing N N 166 
LEU CB  HB2  sing N N 167 
LEU CB  HB3  sing N N 168 
LEU CG  CD1  sing N N 169 
LEU CG  CD2  sing N N 170 
LEU CG  HG   sing N N 171 
LEU CD1 HD11 sing N N 172 
LEU CD1 HD12 sing N N 173 
LEU CD1 HD13 sing N N 174 
LEU CD2 HD21 sing N N 175 
LEU CD2 HD22 sing N N 176 
LEU CD2 HD23 sing N N 177 
LEU OXT HXT  sing N N 178 
LYS N   CA   sing N N 179 
LYS N   H    sing N N 180 
LYS N   H2   sing N N 181 
LYS CA  C    sing N N 182 
LYS CA  CB   sing N N 183 
LYS CA  HA   sing N N 184 
LYS C   O    doub N N 185 
LYS C   OXT  sing N N 186 
LYS CB  CG   sing N N 187 
LYS CB  HB2  sing N N 188 
LYS CB  HB3  sing N N 189 
LYS CG  CD   sing N N 190 
LYS CG  HG2  sing N N 191 
LYS CG  HG3  sing N N 192 
LYS CD  CE   sing N N 193 
LYS CD  HD2  sing N N 194 
LYS CD  HD3  sing N N 195 
LYS CE  NZ   sing N N 196 
LYS CE  HE2  sing N N 197 
LYS CE  HE3  sing N N 198 
LYS NZ  HZ1  sing N N 199 
LYS NZ  HZ2  sing N N 200 
LYS NZ  HZ3  sing N N 201 
LYS OXT HXT  sing N N 202 
PHE N   CA   sing N N 203 
PHE N   H    sing N N 204 
PHE N   H2   sing N N 205 
PHE CA  C    sing N N 206 
PHE CA  CB   sing N N 207 
PHE CA  HA   sing N N 208 
PHE C   O    doub N N 209 
PHE C   OXT  sing N N 210 
PHE CB  CG   sing N N 211 
PHE CB  HB2  sing N N 212 
PHE CB  HB3  sing N N 213 
PHE CG  CD1  doub Y N 214 
PHE CG  CD2  sing Y N 215 
PHE CD1 CE1  sing Y N 216 
PHE CD1 HD1  sing N N 217 
PHE CD2 CE2  doub Y N 218 
PHE CD2 HD2  sing N N 219 
PHE CE1 CZ   doub Y N 220 
PHE CE1 HE1  sing N N 221 
PHE CE2 CZ   sing Y N 222 
PHE CE2 HE2  sing N N 223 
PHE CZ  HZ   sing N N 224 
PHE OXT HXT  sing N N 225 
SER N   CA   sing N N 226 
SER N   H    sing N N 227 
SER N   H2   sing N N 228 
SER CA  C    sing N N 229 
SER CA  CB   sing N N 230 
SER CA  HA   sing N N 231 
SER C   O    doub N N 232 
SER C   OXT  sing N N 233 
SER CB  OG   sing N N 234 
SER CB  HB2  sing N N 235 
SER CB  HB3  sing N N 236 
SER OG  HG   sing N N 237 
SER OXT HXT  sing N N 238 
THR N   CA   sing N N 239 
THR N   H    sing N N 240 
THR N   H2   sing N N 241 
THR CA  C    sing N N 242 
THR CA  CB   sing N N 243 
THR CA  HA   sing N N 244 
THR C   O    doub N N 245 
THR C   OXT  sing N N 246 
THR CB  OG1  sing N N 247 
THR CB  CG2  sing N N 248 
THR CB  HB   sing N N 249 
THR OG1 HG1  sing N N 250 
THR CG2 HG21 sing N N 251 
THR CG2 HG22 sing N N 252 
THR CG2 HG23 sing N N 253 
THR OXT HXT  sing N N 254 
TRP N   CA   sing N N 255 
TRP N   H    sing N N 256 
TRP N   H2   sing N N 257 
TRP CA  C    sing N N 258 
TRP CA  CB   sing N N 259 
TRP CA  HA   sing N N 260 
TRP C   O    doub N N 261 
TRP C   OXT  sing N N 262 
TRP CB  CG   sing N N 263 
TRP CB  HB2  sing N N 264 
TRP CB  HB3  sing N N 265 
TRP CG  CD1  doub Y N 266 
TRP CG  CD2  sing Y N 267 
TRP CD1 NE1  sing Y N 268 
TRP CD1 HD1  sing N N 269 
TRP CD2 CE2  doub Y N 270 
TRP CD2 CE3  sing Y N 271 
TRP NE1 CE2  sing Y N 272 
TRP NE1 HE1  sing N N 273 
TRP CE2 CZ2  sing Y N 274 
TRP CE3 CZ3  doub Y N 275 
TRP CE3 HE3  sing N N 276 
TRP CZ2 CH2  doub Y N 277 
TRP CZ2 HZ2  sing N N 278 
TRP CZ3 CH2  sing Y N 279 
TRP CZ3 HZ3  sing N N 280 
TRP CH2 HH2  sing N N 281 
TRP OXT HXT  sing N N 282 
TYR N   CA   sing N N 283 
TYR N   H    sing N N 284 
TYR N   H2   sing N N 285 
TYR CA  C    sing N N 286 
TYR CA  CB   sing N N 287 
TYR CA  HA   sing N N 288 
TYR C   O    doub N N 289 
TYR C   OXT  sing N N 290 
TYR CB  CG   sing N N 291 
TYR CB  HB2  sing N N 292 
TYR CB  HB3  sing N N 293 
TYR CG  CD1  doub Y N 294 
TYR CG  CD2  sing Y N 295 
TYR CD1 CE1  sing Y N 296 
TYR CD1 HD1  sing N N 297 
TYR CD2 CE2  doub Y N 298 
TYR CD2 HD2  sing N N 299 
TYR CE1 CZ   doub Y N 300 
TYR CE1 HE1  sing N N 301 
TYR CE2 CZ   sing Y N 302 
TYR CE2 HE2  sing N N 303 
TYR CZ  OH   sing N N 304 
TYR OH  HH   sing N N 305 
TYR OXT HXT  sing N N 306 
VAL N   CA   sing N N 307 
VAL N   H    sing N N 308 
VAL N   H2   sing N N 309 
VAL CA  C    sing N N 310 
VAL CA  CB   sing N N 311 
VAL CA  HA   sing N N 312 
VAL C   O    doub N N 313 
VAL C   OXT  sing N N 314 
VAL CB  CG1  sing N N 315 
VAL CB  CG2  sing N N 316 
VAL CB  HB   sing N N 317 
VAL CG1 HG11 sing N N 318 
VAL CG1 HG12 sing N N 319 
VAL CG1 HG13 sing N N 320 
VAL CG2 HG21 sing N N 321 
VAL CG2 HG22 sing N N 322 
VAL CG2 HG23 sing N N 323 
VAL OXT HXT  sing N N 324 
# 
_pdbx_initial_refinement_model.id               1 
_pdbx_initial_refinement_model.entity_id_list   ? 
_pdbx_initial_refinement_model.type             'experimental model' 
_pdbx_initial_refinement_model.source_name      PDB 
_pdbx_initial_refinement_model.accession_code   5CPV 
_pdbx_initial_refinement_model.details          ? 
# 
_atom_sites.entry_id                    1BU3 
_atom_sites.fract_transf_matrix[1][1]   0.00302488 
_atom_sites.fract_transf_matrix[1][2]   -0.00628657 
_atom_sites.fract_transf_matrix[1][3]   -0.01121518 
_atom_sites.fract_transf_matrix[2][1]   0.01064370 
_atom_sites.fract_transf_matrix[2][2]   -0.00385283 
_atom_sites.fract_transf_matrix[2][3]   0.00503042 
_atom_sites.fract_transf_matrix[3][1]   -0.01084910 
_atom_sites.fract_transf_matrix[3][2]   -0.01951182 
_atom_sites.fract_transf_matrix[3][3]   0.00801104 
_atom_sites.fract_transf_vector[1]      0.206489 
_atom_sites.fract_transf_vector[2]      0.142388 
_atom_sites.fract_transf_vector[3]      0.349630 
# 
loop_
_atom_type.symbol 
C  
CA 
N  
O  
S  
# 
loop_
_atom_site.group_PDB 
_atom_site.id 
_atom_site.type_symbol 
_atom_site.label_atom_id 
_atom_site.label_alt_id 
_atom_site.label_comp_id 
_atom_site.label_asym_id 
_atom_site.label_entity_id 
_atom_site.label_seq_id 
_atom_site.pdbx_PDB_ins_code 
_atom_site.Cartn_x 
_atom_site.Cartn_y 
_atom_site.Cartn_z 
_atom_site.occupancy 
_atom_site.B_iso_or_equiv 
_atom_site.pdbx_formal_charge 
_atom_site.auth_seq_id 
_atom_site.auth_comp_id 
_atom_site.auth_asym_id 
_atom_site.auth_atom_id 
_atom_site.pdbx_PDB_model_num 
HETATM 1   C  C   . ACE A 1 1   ? 3.628   6.289   19.750  1.00 28.60 ? 0   ACE A C   1 
HETATM 2   O  O   . ACE A 1 1   ? 3.676   7.040   20.723  1.00 28.60 ? 0   ACE A O   1 
HETATM 3   C  CH3 . ACE A 1 1   ? 3.314   4.812   19.931  1.00 28.91 ? 0   ACE A CH3 1 
ATOM   4   N  N   . ALA A 1 2   ? 3.852   6.704   18.506  1.00 27.22 ? 1   ALA A N   1 
ATOM   5   C  CA  . ALA A 1 2   ? 4.158   8.095   18.217  1.00 26.90 ? 1   ALA A CA  1 
ATOM   6   C  C   . ALA A 1 2   ? 2.914   8.974   18.353  1.00 25.31 ? 1   ALA A C   1 
ATOM   7   O  O   . ALA A 1 2   ? 1.801   8.576   17.992  1.00 24.37 ? 1   ALA A O   1 
ATOM   8   C  CB  . ALA A 1 2   ? 4.753   8.232   16.824  1.00 25.83 ? 1   ALA A CB  1 
ATOM   9   N  N   . PHE A 1 3   ? 3.118   10.172  18.889  1.00 22.78 ? 2   PHE A N   1 
ATOM   10  C  CA  . PHE A 1 3   ? 2.051   11.145  19.086  1.00 22.73 ? 2   PHE A CA  1 
ATOM   11  C  C   . PHE A 1 3   ? 1.550   11.697  17.748  1.00 22.81 ? 2   PHE A C   1 
ATOM   12  O  O   . PHE A 1 3   ? 0.353   11.945  17.575  1.00 23.26 ? 2   PHE A O   1 
ATOM   13  C  CB  . PHE A 1 3   ? 2.570   12.288  19.967  1.00 23.76 ? 2   PHE A CB  1 
ATOM   14  C  CG  . PHE A 1 3   ? 1.539   13.331  20.286  1.00 21.95 ? 2   PHE A CG  1 
ATOM   15  C  CD1 . PHE A 1 3   ? 0.389   12.999  21.000  1.00 24.03 ? 2   PHE A CD1 1 
ATOM   16  C  CD2 . PHE A 1 3   ? 1.719   14.648  19.879  1.00 23.03 ? 2   PHE A CD2 1 
ATOM   17  C  CE1 . PHE A 1 3   ? -0.561  13.960  21.302  1.00 26.85 ? 2   PHE A CE1 1 
ATOM   18  C  CE2 . PHE A 1 3   ? 0.775   15.624  20.172  1.00 23.57 ? 2   PHE A CE2 1 
ATOM   19  C  CZ  . PHE A 1 3   ? -0.372  15.284  20.891  1.00 25.74 ? 2   PHE A CZ  1 
ATOM   20  N  N   . SER A 1 4   ? 2.462   11.843  16.794  1.00 22.09 ? 3   SER A N   1 
ATOM   21  C  CA  . SER A 1 4   ? 2.130   12.383  15.479  1.00 21.32 ? 3   SER A CA  1 
ATOM   22  C  C   . SER A 1 4   ? 2.909   11.608  14.407  1.00 21.20 ? 3   SER A C   1 
ATOM   23  O  O   . SER A 1 4   ? 4.004   11.100  14.677  1.00 21.38 ? 3   SER A O   1 
ATOM   24  C  CB  . SER A 1 4   ? 2.504   13.867  15.457  1.00 22.02 ? 3   SER A CB  1 
ATOM   25  O  OG  . SER A 1 4   ? 2.048   14.507  14.280  1.00 31.07 ? 3   SER A OG  1 
ATOM   26  N  N   . GLY A 1 5   ? 2.335   11.489  13.215  1.00 16.44 ? 4   GLY A N   1 
ATOM   27  C  CA  . GLY A 1 5   ? 3.003   10.776  12.147  1.00 15.78 ? 4   GLY A CA  1 
ATOM   28  C  C   . GLY A 1 5   ? 2.418   11.182  10.808  1.00 16.97 ? 4   GLY A C   1 
ATOM   29  O  O   . GLY A 1 5   ? 1.511   12.006  10.761  1.00 16.69 ? 4   GLY A O   1 
ATOM   30  N  N   . ILE A 1 6   ? 2.943   10.628  9.717   1.00 15.95 ? 5   ILE A N   1 
ATOM   31  C  CA  . ILE A 1 6   ? 2.420   10.962  8.392   1.00 16.26 ? 5   ILE A CA  1 
ATOM   32  C  C   . ILE A 1 6   ? 0.927   10.627  8.327   1.00 15.81 ? 5   ILE A C   1 
ATOM   33  O  O   . ILE A 1 6   ? 0.113   11.440  7.861   1.00 14.95 ? 5   ILE A O   1 
ATOM   34  C  CB  . ILE A 1 6   ? 3.184   10.220  7.261   1.00 16.05 ? 5   ILE A CB  1 
ATOM   35  C  CG1 . ILE A 1 6   ? 4.678   10.591  7.303   1.00 17.91 ? 5   ILE A CG1 1 
ATOM   36  C  CG2 . ILE A 1 6   ? 2.600   10.584  5.895   1.00 13.07 ? 5   ILE A CG2 1 
ATOM   37  C  CD1 . ILE A 1 6   ? 5.528   9.883   6.235   1.00 16.29 ? 5   ILE A CD1 1 
ATOM   38  N  N   . LEU A 1 7   ? 0.564   9.445   8.812   1.00 12.93 ? 6   LEU A N   1 
ATOM   39  C  CA  . LEU A 1 7   ? -0.833  9.015   8.814   1.00 13.80 ? 6   LEU A CA  1 
ATOM   40  C  C   . LEU A 1 7   ? -1.330  8.923   10.257  1.00 14.36 ? 6   LEU A C   1 
ATOM   41  O  O   . LEU A 1 7   ? -0.531  8.699   11.174  1.00 13.06 ? 6   LEU A O   1 
ATOM   42  C  CB  . LEU A 1 7   ? -0.972  7.651   8.114   1.00 12.65 ? 6   LEU A CB  1 
ATOM   43  C  CG  . LEU A 1 7   ? -0.309  7.501   6.736   1.00 14.04 ? 6   LEU A CG  1 
ATOM   44  C  CD1 . LEU A 1 7   ? -0.402  6.069   6.248   1.00 14.35 ? 6   LEU A CD1 1 
ATOM   45  C  CD2 . LEU A 1 7   ? -0.930  8.449   5.727   1.00 12.62 ? 6   LEU A CD2 1 
ATOM   46  N  N   . ALA A 1 8   ? -2.634  9.113   10.445  1.00 13.53 ? 7   ALA A N   1 
ATOM   47  C  CA  . ALA A 1 8   ? -3.250  9.046   11.764  1.00 13.90 ? 7   ALA A CA  1 
ATOM   48  C  C   . ALA A 1 8   ? -3.657  7.594   11.999  1.00 15.13 ? 7   ALA A C   1 
ATOM   49  O  O   . ALA A 1 8   ? -4.266  6.967   11.116  1.00 14.80 ? 7   ALA A O   1 
ATOM   50  C  CB  . ALA A 1 8   ? -4.468  9.947   11.849  1.00 10.06 ? 7   ALA A CB  1 
ATOM   51  N  N   . ASP A 1 9   ? -3.327  7.057   13.176  1.00 15.06 ? 8   ASP A N   1 
ATOM   52  C  CA  . ASP A 1 9   ? -3.652  5.663   13.522  1.00 15.88 ? 8   ASP A CA  1 
ATOM   53  C  C   . ASP A 1 9   ? -5.127  5.344   13.295  1.00 15.82 ? 8   ASP A C   1 
ATOM   54  O  O   . ASP A 1 9   ? -5.475  4.268   12.819  1.00 16.12 ? 8   ASP A O   1 
ATOM   55  C  CB  . ASP A 1 9   ? -3.286  5.362   14.980  1.00 16.00 ? 8   ASP A CB  1 
ATOM   56  C  CG  . ASP A 1 9   ? -1.786  5.428   15.252  1.00 18.28 ? 8   ASP A CG  1 
ATOM   57  O  OD1 . ASP A 1 9   ? -0.978  5.073   14.373  1.00 18.45 ? 8   ASP A OD1 1 
ATOM   58  O  OD2 . ASP A 1 9   ? -1.408  5.816   16.380  1.00 23.81 ? 8   ASP A OD2 1 
ATOM   59  N  N   . ALA A 1 10  ? -5.980  6.301   13.655  1.00 14.57 ? 9   ALA A N   1 
ATOM   60  C  CA  . ALA A 1 10  ? -7.419  6.157   13.509  1.00 15.15 ? 9   ALA A CA  1 
ATOM   61  C  C   . ALA A 1 10  ? -7.839  5.909   12.063  1.00 14.86 ? 9   ALA A C   1 
ATOM   62  O  O   . ALA A 1 10  ? -8.710  5.079   11.782  1.00 14.83 ? 9   ALA A O   1 
ATOM   63  C  CB  . ALA A 1 10  ? -8.131  7.365   14.084  1.00 15.22 ? 9   ALA A CB  1 
ATOM   64  N  N   . ASP A 1 11  ? -7.230  6.642   11.139  1.00 14.29 ? 10  ASP A N   1 
ATOM   65  C  CA  . ASP A 1 11  ? -7.546  6.504   9.715   1.00 12.86 ? 10  ASP A CA  1 
ATOM   66  C  C   . ASP A 1 11  ? -7.054  5.147   9.218   1.00 13.64 ? 10  ASP A C   1 
ATOM   67  O  O   . ASP A 1 11  ? -7.707  4.495   8.397   1.00 13.58 ? 10  ASP A O   1 
ATOM   68  C  CB  . ASP A 1 11  ? -6.911  7.644   8.887   1.00 13.67 ? 10  ASP A CB  1 
ATOM   69  C  CG  . ASP A 1 11  ? -7.501  9.021   9.223   1.00 15.53 ? 10  ASP A CG  1 
ATOM   70  O  OD1 . ASP A 1 11  ? -8.649  9.079   9.704   1.00 15.40 ? 10  ASP A OD1 1 
ATOM   71  O  OD2 . ASP A 1 11  ? -6.818  10.042  9.010   1.00 14.91 ? 10  ASP A OD2 1 
ATOM   72  N  N   . VAL A 1 12  ? -5.896  4.721   9.727   1.00 13.00 ? 11  VAL A N   1 
ATOM   73  C  CA  . VAL A 1 12  ? -5.343  3.419   9.354   1.00 13.84 ? 11  VAL A CA  1 
ATOM   74  C  C   . VAL A 1 12  ? -6.295  2.335   9.838   1.00 11.82 ? 11  VAL A C   1 
ATOM   75  O  O   . VAL A 1 12  ? -6.620  1.419   9.089   1.00 14.65 ? 11  VAL A O   1 
ATOM   76  C  CB  . VAL A 1 12  ? -3.917  3.212   9.951   1.00 14.24 ? 11  VAL A CB  1 
ATOM   77  C  CG1 . VAL A 1 12  ? -3.449  1.770   9.722   1.00 14.21 ? 11  VAL A CG1 1 
ATOM   78  C  CG2 . VAL A 1 12  ? -2.928  4.192   9.317   1.00 15.07 ? 11  VAL A CG2 1 
ATOM   79  N  N   . ALA A 1 13  ? -6.760  2.466   11.078  1.00 12.38 ? 12  ALA A N   1 
ATOM   80  C  CA  . ALA A 1 13  ? -7.684  1.501   11.676  1.00 14.26 ? 12  ALA A CA  1 
ATOM   81  C  C   . ALA A 1 13  ? -8.962  1.394   10.842  1.00 15.27 ? 12  ALA A C   1 
ATOM   82  O  O   . ALA A 1 13  ? -9.433  0.283   10.543  1.00 15.55 ? 12  ALA A O   1 
ATOM   83  C  CB  . ALA A 1 13  ? -8.003  1.882   13.129  1.00 12.26 ? 12  ALA A CB  1 
ATOM   84  N  N   . ALA A 1 14  ? -9.504  2.545   10.449  1.00 13.50 ? 13  ALA A N   1 
ATOM   85  C  CA  . ALA A 1 14  ? -10.720 2.604   9.643   1.00 12.84 ? 13  ALA A CA  1 
ATOM   86  C  C   . ALA A 1 14  ? -10.527 1.988   8.251   1.00 12.86 ? 13  ALA A C   1 
ATOM   87  O  O   . ALA A 1 14  ? -11.395 1.256   7.773   1.00 13.13 ? 13  ALA A O   1 
ATOM   88  C  CB  . ALA A 1 14  ? -11.194 4.052   9.524   1.00 13.79 ? 13  ALA A CB  1 
ATOM   89  N  N   . ALA A 1 15  ? -9.392  2.271   7.614   1.00 10.77 ? 14  ALA A N   1 
ATOM   90  C  CA  . ALA A 1 15  ? -9.098  1.734   6.292   1.00 12.44 ? 14  ALA A CA  1 
ATOM   91  C  C   . ALA A 1 15  ? -8.945  0.204   6.355   1.00 14.86 ? 14  ALA A C   1 
ATOM   92  O  O   . ALA A 1 15  ? -9.394  -0.541  5.473   1.00 12.87 ? 14  ALA A O   1 
ATOM   93  C  CB  . ALA A 1 15  ? -7.836  2.373   5.718   1.00 9.58  ? 14  ALA A CB  1 
ATOM   94  N  N   . LEU A 1 16  ? -8.321  -0.252  7.430   1.00 12.47 ? 15  LEU A N   1 
ATOM   95  C  CA  . LEU A 1 16  ? -8.124  -1.677  7.642   1.00 16.03 ? 15  LEU A CA  1 
ATOM   96  C  C   . LEU A 1 16  ? -9.450  -2.367  7.922   1.00 11.18 ? 15  LEU A C   1 
ATOM   97  O  O   . LEU A 1 16  ? -9.711  -3.469  7.414   1.00 12.95 ? 15  LEU A O   1 
ATOM   98  C  CB  . LEU A 1 16  ? -7.210  -1.895  8.837   1.00 21.64 ? 15  LEU A CB  1 
ATOM   99  C  CG  . LEU A 1 16  ? -6.224  -2.992  8.548   1.00 29.38 ? 15  LEU A CG  1 
ATOM   100 C  CD1 . LEU A 1 16  ? -5.068  -2.383  7.736   1.00 22.80 ? 15  LEU A CD1 1 
ATOM   101 C  CD2 . LEU A 1 16  ? -5.748  -3.602  9.846   1.00 33.31 ? 15  LEU A CD2 1 
ATOM   102 N  N   . LYS A 1 17  ? -10.254 -1.764  8.785   1.00 11.22 ? 16  LYS A N   1 
ATOM   103 C  CA  . LYS A 1 17  ? -11.554 -2.327  9.131   1.00 12.91 ? 16  LYS A CA  1 
ATOM   104 C  C   . LYS A 1 17  ? -12.422 -2.496  7.895   1.00 13.20 ? 16  LYS A C   1 
ATOM   105 O  O   . LYS A 1 17  ? -13.021 -3.552  7.692   1.00 12.13 ? 16  LYS A O   1 
ATOM   106 C  CB  . LYS A 1 17  ? -12.242 -1.395  10.142  1.00 12.20 ? 16  LYS A CB  1 
ATOM   107 C  CG  . LYS A 1 17  ? -13.572 -1.910  10.635  1.00 17.22 ? 16  LYS A CG  1 
ATOM   108 C  CD  . LYS A 1 17  ? -14.135 -0.973  11.685  1.00 25.30 ? 16  LYS A CD  1 
ATOM   109 C  CE  . LYS A 1 17  ? -15.531 -1.425  12.112  1.00 33.64 ? 16  LYS A CE  1 
ATOM   110 N  NZ  . LYS A 1 17  ? -15.510 -2.819  12.640  1.00 36.64 ? 16  LYS A NZ  1 
ATOM   111 N  N   . ALA A 1 18  ? -12.417 -1.485  7.032   1.00 12.58 ? 17  ALA A N   1 
ATOM   112 C  CA  . ALA A 1 18  ? -13.221 -1.509  5.811   1.00 13.68 ? 17  ALA A CA  1 
ATOM   113 C  C   . ALA A 1 18  ? -12.888 -2.657  4.829   1.00 16.09 ? 17  ALA A C   1 
ATOM   114 O  O   . ALA A 1 18  ? -13.749 -3.079  4.063   1.00 14.34 ? 17  ALA A O   1 
ATOM   115 C  CB  . ALA A 1 18  ? -13.104 -0.161  5.100   1.00 14.42 ? 17  ALA A CB  1 
ATOM   116 N  N   . CYS A 1 19  ? -11.649 -3.153  4.872   1.00 12.96 ? 18  CYS A N   1 
ATOM   117 C  CA  . CYS A 1 19  ? -11.284 -4.239  3.980   1.00 11.92 ? 18  CYS A CA  1 
ATOM   118 C  C   . CYS A 1 19  ? -10.974 -5.551  4.691   1.00 12.17 ? 18  CYS A C   1 
ATOM   119 O  O   . CYS A 1 19  ? -10.232 -6.379  4.181   1.00 10.97 ? 18  CYS A O   1 
ATOM   120 C  CB  . CYS A 1 19  ? -10.143 -3.855  3.028   1.00 13.43 ? 18  CYS A CB  1 
ATOM   121 S  SG  . CYS A 1 19  ? -8.508  -3.600  3.788   1.00 12.24 ? 18  CYS A SG  1 
ATOM   122 N  N   . GLU A 1 20  ? -11.593 -5.777  5.849   1.00 12.42 ? 19  GLU A N   1 
ATOM   123 C  CA  . GLU A 1 20  ? -11.384 -6.993  6.631   1.00 13.55 ? 19  GLU A CA  1 
ATOM   124 C  C   . GLU A 1 20  ? -11.788 -8.251  5.863   1.00 15.07 ? 19  GLU A C   1 
ATOM   125 O  O   . GLU A 1 20  ? -11.150 -9.294  5.994   1.00 14.77 ? 19  GLU A O   1 
ATOM   126 C  CB  . GLU A 1 20  ? -12.160 -6.966  7.946   1.00 15.88 ? 19  GLU A CB  1 
ATOM   127 C  CG  . GLU A 1 20  ? -11.522 -6.140  9.037   1.00 19.77 ? 19  GLU A CG  1 
ATOM   128 C  CD  . GLU A 1 20  ? -12.375 -6.069  10.294  1.00 23.96 ? 19  GLU A CD  1 
ATOM   129 O  OE1 . GLU A 1 20  ? -13.508 -6.611  10.297  1.00 26.95 ? 19  GLU A OE1 1 
ATOM   130 O  OE2 . GLU A 1 20  ? -11.919 -5.456  11.287  1.00 26.70 ? 19  GLU A OE2 1 
ATOM   131 N  N   . ALA A 1 21  ? -12.879 -8.165  5.100   1.00 16.24 ? 20  ALA A N   1 
ATOM   132 C  CA  . ALA A 1 21  ? -13.363 -9.316  4.345   1.00 17.00 ? 20  ALA A CA  1 
ATOM   133 C  C   . ALA A 1 21  ? -12.435 -9.713  3.203   1.00 18.03 ? 20  ALA A C   1 
ATOM   134 O  O   . ALA A 1 21  ? -11.870 -8.852  2.512   1.00 16.85 ? 20  ALA A O   1 
ATOM   135 C  CB  . ALA A 1 21  ? -14.764 -9.046  3.824   1.00 16.58 ? 20  ALA A CB  1 
ATOM   136 N  N   . ALA A 1 22  ? -12.270 -11.018 2.990   1.00 17.70 ? 21  ALA A N   1 
ATOM   137 C  CA  . ALA A 1 22  ? -11.440 -11.505 1.894   1.00 16.40 ? 21  ALA A CA  1 
ATOM   138 C  C   . ALA A 1 22  ? -12.015 -10.961 0.594   1.00 16.21 ? 21  ALA A C   1 
ATOM   139 O  O   . ALA A 1 22  ? -13.232 -10.971 0.389   1.00 15.87 ? 21  ALA A O   1 
ATOM   140 C  CB  . ALA A 1 22  ? -11.416 -13.028 1.874   1.00 19.34 ? 21  ALA A CB  1 
ATOM   141 N  N   . ASP A 1 23  ? -11.119 -10.423 -0.227  1.00 15.83 ? 22  ASP A N   1 
ATOM   142 C  CA  . ASP A 1 23  ? -11.458 -9.837  -1.527  1.00 16.39 ? 22  ASP A CA  1 
ATOM   143 C  C   . ASP A 1 23  ? -12.228 -8.514  -1.515  1.00 14.03 ? 22  ASP A C   1 
ATOM   144 O  O   . ASP A 1 23  ? -12.779 -8.109  -2.538  1.00 14.23 ? 22  ASP A O   1 
ATOM   145 C  CB  . ASP A 1 23  ? -12.125 -10.880 -2.439  1.00 16.70 ? 22  ASP A CB  1 
ATOM   146 C  CG  . ASP A 1 23  ? -11.143 -11.944 -2.876  1.00 19.88 ? 22  ASP A CG  1 
ATOM   147 O  OD1 . ASP A 1 23  ? -11.394 -13.127 -2.625  1.00 22.07 ? 22  ASP A OD1 1 
ATOM   148 O  OD2 . ASP A 1 23  ? -10.101 -11.578 -3.459  1.00 20.29 ? 22  ASP A OD2 1 
ATOM   149 N  N   . SER A 1 24  ? -12.192 -7.814  -0.384  1.00 13.05 ? 23  SER A N   1 
ATOM   150 C  CA  . SER A 1 24  ? -12.854 -6.515  -0.270  1.00 13.92 ? 23  SER A CA  1 
ATOM   151 C  C   . SER A 1 24  ? -11.873 -5.352  -0.410  1.00 14.77 ? 23  SER A C   1 
ATOM   152 O  O   . SER A 1 24  ? -12.267 -4.192  -0.286  1.00 13.89 ? 23  SER A O   1 
ATOM   153 C  CB  . SER A 1 24  ? -13.608 -6.400  1.066   1.00 13.44 ? 23  SER A CB  1 
ATOM   154 O  OG  . SER A 1 24  ? -12.714 -6.314  2.167   1.00 13.33 ? 23  SER A OG  1 
ATOM   155 N  N   . PHE A 1 25  ? -10.591 -5.677  -0.591  1.00 13.97 ? 24  PHE A N   1 
ATOM   156 C  CA  . PHE A 1 25  ? -9.560  -4.647  -0.728  1.00 12.09 ? 24  PHE A CA  1 
ATOM   157 C  C   . PHE A 1 25  ? -9.607  -3.911  -2.070  1.00 11.55 ? 24  PHE A C   1 
ATOM   158 O  O   . PHE A 1 25  ? -9.860  -4.501  -3.112  1.00 13.49 ? 24  PHE A O   1 
ATOM   159 C  CB  . PHE A 1 25  ? -8.168  -5.251  -0.509  1.00 13.26 ? 24  PHE A CB  1 
ATOM   160 C  CG  . PHE A 1 25  ? -7.037  -4.271  -0.691  1.00 13.25 ? 24  PHE A CG  1 
ATOM   161 C  CD1 . PHE A 1 25  ? -6.300  -4.254  -1.878  1.00 12.07 ? 24  PHE A CD1 1 
ATOM   162 C  CD2 . PHE A 1 25  ? -6.716  -3.350  0.322   1.00 11.80 ? 24  PHE A CD2 1 
ATOM   163 C  CE1 . PHE A 1 25  ? -5.258  -3.329  -2.045  1.00 14.32 ? 24  PHE A CE1 1 
ATOM   164 C  CE2 . PHE A 1 25  ? -5.674  -2.428  0.156   1.00 10.40 ? 24  PHE A CE2 1 
ATOM   165 C  CZ  . PHE A 1 25  ? -4.944  -2.419  -1.030  1.00 9.80  ? 24  PHE A CZ  1 
ATOM   166 N  N   . ASN A 1 26  ? -9.341  -2.613  -2.016  1.00 11.09 ? 25  ASN A N   1 
ATOM   167 C  CA  . ASN A 1 26  ? -9.296  -1.767  -3.193  1.00 11.29 ? 25  ASN A CA  1 
ATOM   168 C  C   . ASN A 1 26  ? -8.245  -0.728  -2.812  1.00 10.32 ? 25  ASN A C   1 
ATOM   169 O  O   . ASN A 1 26  ? -8.432  0.009   -1.850  1.00 10.68 ? 25  ASN A O   1 
ATOM   170 C  CB  . ASN A 1 26  ? -10.662 -1.108  -3.435  1.00 11.55 ? 25  ASN A CB  1 
ATOM   171 C  CG  . ASN A 1 26  ? -10.637 -0.114  -4.570  1.00 12.75 ? 25  ASN A CG  1 
ATOM   172 O  OD1 . ASN A 1 26  ? -10.017 0.931   -4.467  1.00 11.60 ? 25  ASN A OD1 1 
ATOM   173 N  ND2 . ASN A 1 26  ? -11.283 -0.454  -5.678  1.00 14.37 ? 25  ASN A ND2 1 
ATOM   174 N  N   . TYR A 1 27  ? -7.111  -0.701  -3.517  1.00 11.96 ? 26  TYR A N   1 
ATOM   175 C  CA  . TYR A 1 27  ? -6.049  0.242   -3.172  1.00 11.63 ? 26  TYR A CA  1 
ATOM   176 C  C   . TYR A 1 27  ? -6.440  1.708   -3.196  1.00 11.79 ? 26  TYR A C   1 
ATOM   177 O  O   . TYR A 1 27  ? -6.021  2.466   -2.314  1.00 10.76 ? 26  TYR A O   1 
ATOM   178 C  CB  . TYR A 1 27  ? -4.747  -0.010  -3.963  1.00 11.99 ? 26  TYR A CB  1 
ATOM   179 C  CG  . TYR A 1 27  ? -4.792  0.341   -5.428  1.00 13.72 ? 26  TYR A CG  1 
ATOM   180 C  CD1 . TYR A 1 27  ? -4.569  1.655   -5.861  1.00 14.11 ? 26  TYR A CD1 1 
ATOM   181 C  CD2 . TYR A 1 27  ? -5.058  -0.634  -6.391  1.00 17.14 ? 26  TYR A CD2 1 
ATOM   182 C  CE1 . TYR A 1 27  ? -4.620  1.985   -7.227  1.00 15.54 ? 26  TYR A CE1 1 
ATOM   183 C  CE2 . TYR A 1 27  ? -5.107  -0.325  -7.747  1.00 20.08 ? 26  TYR A CE2 1 
ATOM   184 C  CZ  . TYR A 1 27  ? -4.891  0.988   -8.159  1.00 21.33 ? 26  TYR A CZ  1 
ATOM   185 O  OH  . TYR A 1 27  ? -4.978  1.295   -9.494  1.00 26.40 ? 26  TYR A OH  1 
ATOM   186 N  N   . LYS A 1 28  ? -7.266  2.117   -4.157  1.00 11.20 ? 27  LYS A N   1 
ATOM   187 C  CA  . LYS A 1 28  ? -7.679  3.527   -4.191  1.00 12.28 ? 27  LYS A CA  1 
ATOM   188 C  C   . LYS A 1 28  ? -8.469  3.896   -2.940  1.00 11.74 ? 27  LYS A C   1 
ATOM   189 O  O   . LYS A 1 28  ? -8.258  4.950   -2.350  1.00 13.10 ? 27  LYS A O   1 
ATOM   190 C  CB  . LYS A 1 28  ? -8.510  3.824   -5.437  1.00 14.31 ? 27  LYS A CB  1 
ATOM   191 C  CG  . LYS A 1 28  ? -7.717  3.899   -6.720  1.00 20.82 ? 27  LYS A CG  1 
ATOM   192 C  CD  . LYS A 1 28  ? -8.600  4.402   -7.851  1.00 26.09 ? 27  LYS A CD  1 
ATOM   193 C  CE  . LYS A 1 28  ? -7.799  4.812   -9.074  1.00 28.95 ? 27  LYS A CE  1 
ATOM   194 N  NZ  . LYS A 1 28  ? -7.095  3.659   -9.699  1.00 34.15 ? 27  LYS A NZ  1 
ATOM   195 N  N   . ALA A 1 29  ? -9.386  3.014   -2.541  1.00 10.32 ? 28  ALA A N   1 
ATOM   196 C  CA  . ALA A 1 29  ? -10.198 3.256   -1.360  1.00 10.63 ? 28  ALA A CA  1 
ATOM   197 C  C   . ALA A 1 29  ? -9.317  3.306   -0.123  1.00 10.23 ? 28  ALA A C   1 
ATOM   198 O  O   . ALA A 1 29  ? -9.506  4.161   0.753   1.00 9.53  ? 28  ALA A O   1 
ATOM   199 C  CB  . ALA A 1 29  ? -11.264 2.166   -1.200  1.00 13.49 ? 28  ALA A CB  1 
ATOM   200 N  N   . PHE A 1 30  ? -8.340  2.399   -0.061  1.00 11.30 ? 29  PHE A N   1 
ATOM   201 C  CA  . PHE A 1 30  ? -7.430  2.332   1.082   1.00 11.59 ? 29  PHE A CA  1 
ATOM   202 C  C   . PHE A 1 30  ? -6.572  3.601   1.168   1.00 10.40 ? 29  PHE A C   1 
ATOM   203 O  O   . PHE A 1 30  ? -6.457  4.205   2.229   1.00 10.55 ? 29  PHE A O   1 
ATOM   204 C  CB  . PHE A 1 30  ? -6.524  1.095   0.980   1.00 12.29 ? 29  PHE A CB  1 
ATOM   205 C  CG  . PHE A 1 30  ? -5.727  0.832   2.225   1.00 13.12 ? 29  PHE A CG  1 
ATOM   206 C  CD1 . PHE A 1 30  ? -4.470  1.407   2.408   1.00 12.06 ? 29  PHE A CD1 1 
ATOM   207 C  CD2 . PHE A 1 30  ? -6.239  0.014   3.223   1.00 11.45 ? 29  PHE A CD2 1 
ATOM   208 C  CE1 . PHE A 1 30  ? -3.739  1.161   3.575   1.00 12.59 ? 29  PHE A CE1 1 
ATOM   209 C  CE2 . PHE A 1 30  ? -5.508  -0.229  4.395   1.00 14.89 ? 29  PHE A CE2 1 
ATOM   210 C  CZ  . PHE A 1 30  ? -4.261  0.346   4.561   1.00 15.37 ? 29  PHE A CZ  1 
ATOM   211 N  N   . PHE A 1 31  ? -5.975  3.991   0.041   1.00 13.35 ? 30  PHE A N   1 
ATOM   212 C  CA  . PHE A 1 31  ? -5.126  5.180   -0.013  1.00 13.15 ? 30  PHE A CA  1 
ATOM   213 C  C   . PHE A 1 31  ? -5.935  6.407   0.381   1.00 12.00 ? 30  PHE A C   1 
ATOM   214 O  O   . PHE A 1 31  ? -5.443  7.298   1.086   1.00 13.64 ? 30  PHE A O   1 
ATOM   215 C  CB  . PHE A 1 31  ? -4.544  5.395   -1.403  1.00 13.25 ? 30  PHE A CB  1 
ATOM   216 C  CG  . PHE A 1 31  ? -3.508  4.369   -1.795  1.00 15.14 ? 30  PHE A CG  1 
ATOM   217 C  CD1 . PHE A 1 31  ? -3.307  4.031   -3.136  1.00 15.39 ? 30  PHE A CD1 1 
ATOM   218 C  CD2 . PHE A 1 31  ? -2.704  3.754   -0.823  1.00 18.20 ? 30  PHE A CD2 1 
ATOM   219 C  CE1 . PHE A 1 31  ? -2.348  3.110   -3.511  1.00 16.15 ? 30  PHE A CE1 1 
ATOM   220 C  CE2 . PHE A 1 31  ? -1.731  2.821   -1.198  1.00 15.20 ? 30  PHE A CE2 1 
ATOM   221 C  CZ  . PHE A 1 31  ? -1.553  2.504   -2.524  1.00 13.97 ? 30  PHE A CZ  1 
ATOM   222 N  N   . ALA A 1 32  ? -7.180  6.472   -0.089  1.00 12.74 ? 31  ALA A N   1 
ATOM   223 C  CA  . ALA A 1 32  ? -8.057  7.603   0.222   1.00 13.23 ? 31  ALA A CA  1 
ATOM   224 C  C   . ALA A 1 32  ? -8.350  7.670   1.719   1.00 12.63 ? 31  ALA A C   1 
ATOM   225 O  O   . ALA A 1 32  ? -8.205  8.711   2.346   1.00 12.69 ? 31  ALA A O   1 
ATOM   226 C  CB  . ALA A 1 32  ? -9.368  7.522   -0.598  1.00 11.41 ? 31  ALA A CB  1 
ATOM   227 N  N   . LYS A 1 33  ? -8.742  6.542   2.294   1.00 14.46 ? 32  LYS A N   1 
ATOM   228 C  CA  . LYS A 1 33  ? -9.063  6.508   3.713   1.00 14.93 ? 32  LYS A CA  1 
ATOM   229 C  C   . LYS A 1 33  ? -7.898  6.796   4.653   1.00 17.44 ? 32  LYS A C   1 
ATOM   230 O  O   . LYS A 1 33  ? -8.076  7.490   5.653   1.00 17.69 ? 32  LYS A O   1 
ATOM   231 C  CB  . LYS A 1 33  ? -9.751  5.202   4.099   1.00 15.14 ? 32  LYS A CB  1 
ATOM   232 C  CG  . LYS A 1 33  ? -10.298 5.223   5.516   1.00 20.87 ? 32  LYS A CG  1 
ATOM   233 C  CD  . LYS A 1 33  ? -11.396 4.196   5.710   1.00 29.48 ? 32  LYS A CD  1 
ATOM   234 C  CE  . LYS A 1 33  ? -12.656 4.570   4.959   1.00 33.81 ? 32  LYS A CE  1 
ATOM   235 N  NZ  . LYS A 1 33  ? -13.714 3.558   5.210   1.00 36.91 ? 32  LYS A NZ  1 
ATOM   236 N  N   . VAL A 1 34  ? -6.720  6.247   4.364   1.00 18.61 ? 33  VAL A N   1 
ATOM   237 C  CA  . VAL A 1 34  ? -5.552  6.488   5.230   1.00 18.67 ? 33  VAL A CA  1 
ATOM   238 C  C   . VAL A 1 34  ? -4.963  7.880   5.050   1.00 19.97 ? 33  VAL A C   1 
ATOM   239 O  O   . VAL A 1 34  ? -4.162  8.332   5.867   1.00 22.71 ? 33  VAL A O   1 
ATOM   240 C  CB  . VAL A 1 34  ? -4.434  5.435   5.068   1.00 16.70 ? 33  VAL A CB  1 
ATOM   241 C  CG1 . VAL A 1 34  ? -4.970  4.054   5.356   1.00 20.30 ? 33  VAL A CG1 1 
ATOM   242 C  CG2 . VAL A 1 34  ? -3.795  5.503   3.684   1.00 13.99 ? 33  VAL A CG2 1 
ATOM   243 N  N   . GLY A 1 35  ? -5.362  8.551   3.974   1.00 18.46 ? 34  GLY A N   1 
ATOM   244 C  CA  . GLY A 1 35  ? -4.904  9.904   3.714   1.00 20.33 ? 34  GLY A CA  1 
ATOM   245 C  C   . GLY A 1 35  ? -3.679  10.054  2.833   1.00 20.02 ? 34  GLY A C   1 
ATOM   246 O  O   . GLY A 1 35  ? -3.265  11.187  2.545   1.00 22.48 ? 34  GLY A O   1 
ATOM   247 N  N   . LEU A 1 36  ? -3.136  8.945   2.337   1.00 18.47 ? 35  LEU A N   1 
ATOM   248 C  CA  . LEU A 1 36  ? -1.948  8.990   1.502   1.00 18.20 ? 35  LEU A CA  1 
ATOM   249 C  C   . LEU A 1 36  ? -2.113  9.735   0.178   1.00 21.26 ? 35  LEU A C   1 
ATOM   250 O  O   . LEU A 1 36  ? -1.189  10.420  -0.265  1.00 19.50 ? 35  LEU A O   1 
ATOM   251 C  CB  . LEU A 1 36  ? -1.436  7.578   1.214   1.00 17.98 ? 35  LEU A CB  1 
ATOM   252 C  CG  . LEU A 1 36  ? 0.041   7.469   0.821   1.00 18.62 ? 35  LEU A CG  1 
ATOM   253 C  CD1 . LEU A 1 36  ? 0.924   7.951   1.972   1.00 16.92 ? 35  LEU A CD1 1 
ATOM   254 C  CD2 . LEU A 1 36  ? 0.379   6.033   0.458   1.00 18.96 ? 35  LEU A CD2 1 
ATOM   255 N  N   . THR A 1 37  ? -3.283  9.627   -0.448  1.00 21.98 ? 36  THR A N   1 
ATOM   256 C  CA  . THR A 1 37  ? -3.507  10.287  -1.730  1.00 23.14 ? 36  THR A CA  1 
ATOM   257 C  C   . THR A 1 37  ? -3.317  11.808  -1.664  1.00 22.69 ? 36  THR A C   1 
ATOM   258 O  O   . THR A 1 37  ? -2.908  12.438  -2.637  1.00 24.80 ? 36  THR A O   1 
ATOM   259 C  CB  . THR A 1 37  ? -4.924  9.956   -2.269  1.00 23.08 ? 36  THR A CB  1 
ATOM   260 O  OG1 . THR A 1 37  ? -5.134  8.547   -2.157  1.00 28.35 ? 36  THR A OG1 1 
ATOM   261 C  CG2 . THR A 1 37  ? -5.041  10.334  -3.736  1.00 21.68 ? 36  THR A CG2 1 
ATOM   262 N  N   . ALA A 1 38  ? -3.558  12.373  -0.487  1.00 22.66 ? 37  ALA A N   1 
ATOM   263 C  CA  . ALA A 1 38  ? -3.457  13.814  -0.279  1.00 23.50 ? 37  ALA A CA  1 
ATOM   264 C  C   . ALA A 1 38  ? -2.077  14.295  0.160   1.00 23.88 ? 37  ALA A C   1 
ATOM   265 O  O   . ALA A 1 38  ? -1.880  15.495  0.384   1.00 25.94 ? 37  ALA A O   1 
ATOM   266 C  CB  . ALA A 1 38  ? -4.503  14.266  0.728   1.00 24.22 ? 37  ALA A CB  1 
ATOM   267 N  N   . LYS A 1 39  ? -1.122  13.373  0.288   1.00 21.34 ? 38  LYS A N   1 
ATOM   268 C  CA  . LYS A 1 39  ? 0.218   13.728  0.741   1.00 20.94 ? 38  LYS A CA  1 
ATOM   269 C  C   . LYS A 1 39  ? 1.161   14.150  -0.387  1.00 20.97 ? 38  LYS A C   1 
ATOM   270 O  O   . LYS A 1 39  ? 0.908   13.922  -1.572  1.00 19.76 ? 38  LYS A O   1 
ATOM   271 C  CB  . LYS A 1 39  ? 0.858   12.574  1.521   1.00 20.32 ? 38  LYS A CB  1 
ATOM   272 C  CG  . LYS A 1 39  ? 0.017   12.023  2.655   1.00 19.26 ? 38  LYS A CG  1 
ATOM   273 C  CD  . LYS A 1 39  ? -0.366  13.072  3.665   1.00 20.37 ? 38  LYS A CD  1 
ATOM   274 C  CE  . LYS A 1 39  ? -1.211  12.464  4.760   1.00 19.34 ? 38  LYS A CE  1 
ATOM   275 N  NZ  . LYS A 1 39  ? -1.747  13.479  5.686   1.00 19.83 ? 38  LYS A NZ  1 
ATOM   276 N  N   . SER A 1 40  ? 2.292   14.717  0.015   1.00 21.81 ? 39  SER A N   1 
ATOM   277 C  CA  . SER A 1 40  ? 3.322   15.186  -0.904  1.00 21.97 ? 39  SER A CA  1 
ATOM   278 C  C   . SER A 1 40  ? 4.032   14.000  -1.554  1.00 22.63 ? 39  SER A C   1 
ATOM   279 O  O   . SER A 1 40  ? 4.056   12.893  -1.004  1.00 22.14 ? 39  SER A O   1 
ATOM   280 C  CB  . SER A 1 40  ? 4.344   16.031  -0.135  1.00 19.55 ? 39  SER A CB  1 
ATOM   281 O  OG  . SER A 1 40  ? 5.144   15.224  0.712   1.00 22.42 ? 39  SER A OG  1 
ATOM   282 N  N   . ALA A 1 41  ? 4.667   14.244  -2.691  1.00 22.25 ? 40  ALA A N   1 
ATOM   283 C  CA  . ALA A 1 41  ? 5.394   13.194  -3.390  1.00 23.07 ? 40  ALA A CA  1 
ATOM   284 C  C   . ALA A 1 41  ? 6.448   12.581  -2.458  1.00 25.05 ? 40  ALA A C   1 
ATOM   285 O  O   . ALA A 1 41  ? 6.685   11.378  -2.499  1.00 26.37 ? 40  ALA A O   1 
ATOM   286 C  CB  . ALA A 1 41  ? 6.048   13.738  -4.654  1.00 23.17 ? 40  ALA A CB  1 
ATOM   287 N  N   . ASP A 1 42  ? 7.047   13.393  -1.586  1.00 25.03 ? 41  ASP A N   1 
ATOM   288 C  CA  . ASP A 1 42  ? 8.056   12.876  -0.661  1.00 26.18 ? 41  ASP A CA  1 
ATOM   289 C  C   . ASP A 1 42  ? 7.432   11.944  0.370   1.00 26.21 ? 41  ASP A C   1 
ATOM   290 O  O   . ASP A 1 42  ? 8.015   10.913  0.708   1.00 23.83 ? 41  ASP A O   1 
ATOM   291 C  CB  . ASP A 1 42  ? 8.826   14.019  0.043   1.00 29.44 ? 41  ASP A CB  1 
ATOM   292 C  CG  . ASP A 1 42  ? 10.041  14.499  -0.741  1.00 29.40 ? 41  ASP A CG  1 
ATOM   293 O  OD1 . ASP A 1 42  ? 10.770  15.363  -0.214  1.00 35.04 ? 41  ASP A OD1 1 
ATOM   294 O  OD2 . ASP A 1 42  ? 10.283  14.031  -1.877  1.00 30.77 ? 41  ASP A OD2 1 
ATOM   295 N  N   . ASP A 1 43  ? 6.246   12.300  0.861   1.00 23.72 ? 42  ASP A N   1 
ATOM   296 C  CA  . ASP A 1 43  ? 5.557   11.469  1.835   1.00 21.78 ? 42  ASP A CA  1 
ATOM   297 C  C   . ASP A 1 43  ? 5.119   10.175  1.170   1.00 19.20 ? 42  ASP A C   1 
ATOM   298 O  O   . ASP A 1 43  ? 5.129   9.117   1.796   1.00 21.10 ? 42  ASP A O   1 
ATOM   299 C  CB  . ASP A 1 43  ? 4.325   12.176  2.408   1.00 23.37 ? 42  ASP A CB  1 
ATOM   300 C  CG  . ASP A 1 43  ? 4.679   13.226  3.434   1.00 25.16 ? 42  ASP A CG  1 
ATOM   301 O  OD1 . ASP A 1 43  ? 5.860   13.334  3.819   1.00 25.82 ? 42  ASP A OD1 1 
ATOM   302 O  OD2 . ASP A 1 43  ? 3.762   13.943  3.871   1.00 25.65 ? 42  ASP A OD2 1 
ATOM   303 N  N   . ILE A 1 44  ? 4.723   10.260  -0.096  1.00 18.63 ? 43  ILE A N   1 
ATOM   304 C  CA  . ILE A 1 44  ? 4.305   9.077   -0.829  1.00 19.69 ? 43  ILE A CA  1 
ATOM   305 C  C   . ILE A 1 44  ? 5.508   8.146   -0.985  1.00 21.83 ? 43  ILE A C   1 
ATOM   306 O  O   . ILE A 1 44  ? 5.370   6.918   -0.889  1.00 20.52 ? 43  ILE A O   1 
ATOM   307 C  CB  . ILE A 1 44  ? 3.756   9.445   -2.237  1.00 20.09 ? 43  ILE A CB  1 
ATOM   308 C  CG1 . ILE A 1 44  ? 2.573   10.396  -2.104  1.00 22.89 ? 43  ILE A CG1 1 
ATOM   309 C  CG2 . ILE A 1 44  ? 3.354   8.192   -3.000  1.00 19.64 ? 43  ILE A CG2 1 
ATOM   310 C  CD1 . ILE A 1 44  ? 1.581   9.978   -1.100  1.00 24.61 ? 43  ILE A CD1 1 
ATOM   311 N  N   . LYS A 1 45  ? 6.681   8.732   -1.212  1.00 19.52 ? 44  LYS A N   1 
ATOM   312 C  CA  . LYS A 1 45  ? 7.905   7.965   -1.374  1.00 20.27 ? 44  LYS A CA  1 
ATOM   313 C  C   . LYS A 1 45  ? 8.286   7.299   -0.047  1.00 18.84 ? 44  LYS A C   1 
ATOM   314 O  O   . LYS A 1 45  ? 8.727   6.150   -0.027  1.00 19.75 ? 44  LYS A O   1 
ATOM   315 C  CB  . LYS A 1 45  ? 9.035   8.865   -1.865  1.00 23.61 ? 44  LYS A CB  1 
ATOM   316 C  CG  . LYS A 1 45  ? 10.238  8.097   -2.353  1.00 29.56 ? 44  LYS A CG  1 
ATOM   317 C  CD  . LYS A 1 45  ? 11.369  9.023   -2.779  1.00 37.11 ? 44  LYS A CD  1 
ATOM   318 C  CE  . LYS A 1 45  ? 10.996  9.892   -3.971  1.00 40.82 ? 44  LYS A CE  1 
ATOM   319 N  NZ  . LYS A 1 45  ? 10.203  11.096  -3.590  1.00 48.44 ? 44  LYS A NZ  1 
ATOM   320 N  N   . LYS A 1 46  ? 8.094   8.008   1.064   1.00 19.23 ? 45  LYS A N   1 
ATOM   321 C  CA  . LYS A 1 46  ? 8.395   7.441   2.371   1.00 20.05 ? 45  LYS A CA  1 
ATOM   322 C  C   . LYS A 1 46  ? 7.543   6.190   2.609   1.00 20.49 ? 45  LYS A C   1 
ATOM   323 O  O   . LYS A 1 46  ? 8.018   5.207   3.184   1.00 19.50 ? 45  LYS A O   1 
ATOM   324 C  CB  . LYS A 1 46  ? 8.185   8.471   3.472   1.00 24.15 ? 45  LYS A CB  1 
ATOM   325 C  CG  . LYS A 1 46  ? 9.199   9.608   3.452   1.00 26.90 ? 45  LYS A CG  1 
ATOM   326 C  CD  . LYS A 1 46  ? 8.921   10.625  4.543   1.00 31.77 ? 45  LYS A CD  1 
ATOM   327 C  CE  . LYS A 1 46  ? 9.847   11.833  4.446   1.00 32.97 ? 45  LYS A CE  1 
ATOM   328 N  NZ  . LYS A 1 46  ? 11.264  11.431  4.592   1.00 36.73 ? 45  LYS A NZ  1 
ATOM   329 N  N   . ALA A 1 47  ? 6.295   6.227   2.147   1.00 18.40 ? 46  ALA A N   1 
ATOM   330 C  CA  . ALA A 1 47  ? 5.413   5.072   2.279   1.00 16.70 ? 46  ALA A CA  1 
ATOM   331 C  C   . ALA A 1 47  ? 6.007   3.911   1.471   1.00 16.22 ? 46  ALA A C   1 
ATOM   332 O  O   . ALA A 1 47  ? 5.989   2.759   1.922   1.00 15.72 ? 46  ALA A O   1 
ATOM   333 C  CB  . ALA A 1 47  ? 4.017   5.411   1.767   1.00 15.73 ? 46  ALA A CB  1 
ATOM   334 N  N   . PHE A 1 48  ? 6.561   4.223   0.298   1.00 14.15 ? 47  PHE A N   1 
ATOM   335 C  CA  . PHE A 1 48  ? 7.166   3.214   -0.570  1.00 13.55 ? 47  PHE A CA  1 
ATOM   336 C  C   . PHE A 1 48  ? 8.259   2.443   0.177   1.00 13.87 ? 47  PHE A C   1 
ATOM   337 O  O   . PHE A 1 48  ? 8.309   1.219   0.120   1.00 14.75 ? 47  PHE A O   1 
ATOM   338 C  CB  . PHE A 1 48  ? 7.772   3.868   -1.829  1.00 11.47 ? 47  PHE A CB  1 
ATOM   339 C  CG  . PHE A 1 48  ? 8.517   2.898   -2.728  1.00 13.25 ? 47  PHE A CG  1 
ATOM   340 C  CD1 . PHE A 1 48  ? 7.832   2.135   -3.664  1.00 12.91 ? 47  PHE A CD1 1 
ATOM   341 C  CD2 . PHE A 1 48  ? 9.903   2.755   -2.633  1.00 13.50 ? 47  PHE A CD2 1 
ATOM   342 C  CE1 . PHE A 1 48  ? 8.508   1.227   -4.500  1.00 15.07 ? 47  PHE A CE1 1 
ATOM   343 C  CE2 . PHE A 1 48  ? 10.597  1.858   -3.454  1.00 13.29 ? 47  PHE A CE2 1 
ATOM   344 C  CZ  . PHE A 1 48  ? 9.900   1.090   -4.390  1.00 14.49 ? 47  PHE A CZ  1 
ATOM   345 N  N   . PHE A 1 49  ? 9.131   3.166   0.874   1.00 15.39 ? 48  PHE A N   1 
ATOM   346 C  CA  . PHE A 1 49  ? 10.225  2.531   1.613   1.00 17.34 ? 48  PHE A CA  1 
ATOM   347 C  C   . PHE A 1 49  ? 9.718   1.589   2.708   1.00 19.94 ? 48  PHE A C   1 
ATOM   348 O  O   . PHE A 1 49  ? 10.276  0.518   2.914   1.00 20.85 ? 48  PHE A O   1 
ATOM   349 C  CB  . PHE A 1 49  ? 11.158  3.588   2.203   1.00 18.00 ? 48  PHE A CB  1 
ATOM   350 C  CG  . PHE A 1 49  ? 11.858  4.428   1.168   1.00 19.08 ? 48  PHE A CG  1 
ATOM   351 C  CD1 . PHE A 1 49  ? 11.864  5.817   1.265   1.00 23.67 ? 48  PHE A CD1 1 
ATOM   352 C  CD2 . PHE A 1 49  ? 12.527  3.826   0.104   1.00 19.53 ? 48  PHE A CD2 1 
ATOM   353 C  CE1 . PHE A 1 49  ? 12.529  6.598   0.309   1.00 22.65 ? 48  PHE A CE1 1 
ATOM   354 C  CE2 . PHE A 1 49  ? 13.193  4.591   -0.852  1.00 21.19 ? 48  PHE A CE2 1 
ATOM   355 C  CZ  . PHE A 1 49  ? 13.195  5.981   -0.744  1.00 22.06 ? 48  PHE A CZ  1 
ATOM   356 N  N   . VAL A 1 50  ? 8.647   1.982   3.394   1.00 19.15 ? 49  VAL A N   1 
ATOM   357 C  CA  . VAL A 1 50  ? 8.068   1.156   4.452   1.00 20.84 ? 49  VAL A CA  1 
ATOM   358 C  C   . VAL A 1 50  ? 7.526   -0.167  3.882   1.00 20.59 ? 49  VAL A C   1 
ATOM   359 O  O   . VAL A 1 50  ? 7.677   -1.226  4.494   1.00 18.99 ? 49  VAL A O   1 
ATOM   360 C  CB  . VAL A 1 50  ? 6.923   1.909   5.181   1.00 22.59 ? 49  VAL A CB  1 
ATOM   361 C  CG1 . VAL A 1 50  ? 6.415   1.085   6.340   1.00 25.03 ? 49  VAL A CG1 1 
ATOM   362 C  CG2 . VAL A 1 50  ? 7.420   3.262   5.684   1.00 24.37 ? 49  VAL A CG2 1 
ATOM   363 N  N   . ILE A 1 51  ? 6.886   -0.110  2.714   1.00 18.71 ? 50  ILE A N   1 
ATOM   364 C  CA  . ILE A 1 51  ? 6.316   -1.311  2.088   1.00 17.02 ? 50  ILE A CA  1 
ATOM   365 C  C   . ILE A 1 51  ? 7.428   -2.216  1.546   1.00 18.05 ? 50  ILE A C   1 
ATOM   366 O  O   . ILE A 1 51  ? 7.291   -3.442  1.498   1.00 17.02 ? 50  ILE A O   1 
ATOM   367 C  CB  . ILE A 1 51  ? 5.337   -0.932  0.959   1.00 18.14 ? 50  ILE A CB  1 
ATOM   368 C  CG1 . ILE A 1 51  ? 4.245   -0.044  1.546   1.00 20.17 ? 50  ILE A CG1 1 
ATOM   369 C  CG2 . ILE A 1 51  ? 4.724   -2.189  0.347   1.00 15.61 ? 50  ILE A CG2 1 
ATOM   370 C  CD1 . ILE A 1 51  ? 3.372   0.559   0.517   1.00 21.93 ? 50  ILE A CD1 1 
ATOM   371 N  N   . ASP A 1 52  ? 8.524   -1.598  1.123   1.00 17.75 ? 51  ASP A N   1 
ATOM   372 C  CA  . ASP A 1 52  ? 9.675   -2.315  0.602   1.00 16.85 ? 51  ASP A CA  1 
ATOM   373 C  C   . ASP A 1 52  ? 10.436  -2.826  1.838   1.00 16.90 ? 51  ASP A C   1 
ATOM   374 O  O   . ASP A 1 52  ? 11.542  -2.384  2.132   1.00 16.39 ? 51  ASP A O   1 
ATOM   375 C  CB  . ASP A 1 52  ? 10.526  -1.360  -0.247  1.00 15.58 ? 51  ASP A CB  1 
ATOM   376 C  CG  . ASP A 1 52  ? 11.864  -1.957  -0.645  1.00 16.45 ? 51  ASP A CG  1 
ATOM   377 O  OD1 . ASP A 1 52  ? 11.973  -3.194  -0.764  1.00 16.40 ? 51  ASP A OD1 1 
ATOM   378 O  OD2 . ASP A 1 52  ? 12.826  -1.181  -0.835  1.00 14.58 ? 51  ASP A OD2 1 
ATOM   379 N  N   . GLN A 1 53  ? 9.854   -3.834  2.489   1.00 17.83 ? 52  GLN A N   1 
ATOM   380 C  CA  . GLN A 1 53  ? 10.410  -4.445  3.694   1.00 20.26 ? 52  GLN A CA  1 
ATOM   381 C  C   . GLN A 1 53  ? 11.841  -4.968  3.615   1.00 16.97 ? 52  GLN A C   1 
ATOM   382 O  O   . GLN A 1 53  ? 12.611  -4.815  4.561   1.00 20.36 ? 52  GLN A O   1 
ATOM   383 C  CB  . GLN A 1 53  ? 9.471   -5.542  4.194   1.00 21.39 ? 52  GLN A CB  1 
ATOM   384 C  CG  . GLN A 1 53  ? 8.205   -5.022  4.868   1.00 26.81 ? 52  GLN A CG  1 
ATOM   385 C  CD  . GLN A 1 53  ? 8.497   -4.327  6.188   1.00 30.57 ? 52  GLN A CD  1 
ATOM   386 O  OE1 . GLN A 1 53  ? 9.122   -4.903  7.089   1.00 32.42 ? 52  GLN A OE1 1 
ATOM   387 N  NE2 . GLN A 1 53  ? 8.036   -3.089  6.320   1.00 27.89 ? 52  GLN A NE2 1 
ATOM   388 N  N   . ASP A 1 54  ? 12.201  -5.589  2.503   1.00 16.88 ? 53  ASP A N   1 
ATOM   389 C  CA  . ASP A 1 54  ? 13.551  -6.139  2.365   1.00 16.29 ? 53  ASP A CA  1 
ATOM   390 C  C   . ASP A 1 54  ? 14.594  -5.168  1.776   1.00 19.03 ? 53  ASP A C   1 
ATOM   391 O  O   . ASP A 1 54  ? 15.721  -5.559  1.485   1.00 17.42 ? 53  ASP A O   1 
ATOM   392 C  CB  . ASP A 1 54  ? 13.506  -7.452  1.578   1.00 15.13 ? 53  ASP A CB  1 
ATOM   393 C  CG  . ASP A 1 54  ? 13.165  -7.255  0.113   1.00 18.20 ? 53  ASP A CG  1 
ATOM   394 O  OD1 . ASP A 1 54  ? 12.837  -6.124  -0.277  1.00 17.29 ? 53  ASP A OD1 1 
ATOM   395 O  OD2 . ASP A 1 54  ? 13.265  -8.228  -0.654  1.00 20.98 ? 53  ASP A OD2 1 
ATOM   396 N  N   . LYS A 1 55  ? 14.184  -3.918  1.537   1.00 20.71 ? 54  LYS A N   1 
ATOM   397 C  CA  . LYS A 1 55  ? 15.053  -2.870  0.989   1.00 19.06 ? 54  LYS A CA  1 
ATOM   398 C  C   . LYS A 1 55  ? 15.698  -3.173  -0.383  1.00 17.15 ? 54  LYS A C   1 
ATOM   399 O  O   . LYS A 1 55  ? 16.810  -2.740  -0.694  1.00 17.91 ? 54  LYS A O   1 
ATOM   400 C  CB  . LYS A 1 55  ? 16.108  -2.462  2.024   1.00 25.20 ? 54  LYS A CB  1 
ATOM   401 C  CG  . LYS A 1 55  ? 15.513  -1.911  3.321   1.00 30.35 ? 54  LYS A CG  1 
ATOM   402 C  CD  . LYS A 1 55  ? 16.618  -1.548  4.309   1.00 39.27 ? 54  LYS A CD  1 
ATOM   403 C  CE  . LYS A 1 55  ? 16.062  -1.078  5.659   1.00 43.88 ? 54  LYS A CE  1 
ATOM   404 N  NZ  . LYS A 1 55  ? 17.176  -0.781  6.633   1.00 45.71 ? 54  LYS A NZ  1 
ATOM   405 N  N   . SER A 1 56  ? 14.958  -3.888  -1.222  1.00 15.29 ? 55  SER A N   1 
ATOM   406 C  CA  . SER A 1 56  ? 15.420  -4.212  -2.566  1.00 14.37 ? 55  SER A CA  1 
ATOM   407 C  C   . SER A 1 56  ? 15.194  -3.024  -3.513  1.00 12.24 ? 55  SER A C   1 
ATOM   408 O  O   . SER A 1 56  ? 15.620  -3.058  -4.654  1.00 13.18 ? 55  SER A O   1 
ATOM   409 C  CB  . SER A 1 56  ? 14.664  -5.439  -3.090  1.00 15.86 ? 55  SER A CB  1 
ATOM   410 O  OG  . SER A 1 56  ? 13.275  -5.161  -3.279  1.00 15.58 ? 55  SER A OG  1 
ATOM   411 N  N   . GLY A 1 57  ? 14.505  -1.994  -3.036  1.00 13.22 ? 56  GLY A N   1 
ATOM   412 C  CA  . GLY A 1 57  ? 14.230  -0.841  -3.880  1.00 15.47 ? 56  GLY A CA  1 
ATOM   413 C  C   . GLY A 1 57  ? 13.039  -1.047  -4.796  1.00 17.00 ? 56  GLY A C   1 
ATOM   414 O  O   . GLY A 1 57  ? 12.769  -0.236  -5.685  1.00 16.74 ? 56  GLY A O   1 
ATOM   415 N  N   . PHE A 1 58  ? 12.325  -2.153  -4.586  1.00 16.80 ? 57  PHE A N   1 
ATOM   416 C  CA  . PHE A 1 58  ? 11.125  -2.488  -5.372  1.00 15.40 ? 57  PHE A CA  1 
ATOM   417 C  C   . PHE A 1 58  ? 10.144  -3.200  -4.465  1.00 17.01 ? 57  PHE A C   1 
ATOM   418 O  O   . PHE A 1 58  ? 10.564  -3.873  -3.494  1.00 16.58 ? 57  PHE A O   1 
ATOM   419 C  CB  . PHE A 1 58  ? 11.448  -3.461  -6.506  1.00 15.11 ? 57  PHE A CB  1 
ATOM   420 C  CG  . PHE A 1 58  ? 12.316  -2.879  -7.577  1.00 19.09 ? 57  PHE A CG  1 
ATOM   421 C  CD1 . PHE A 1 58  ? 13.710  -2.911  -7.462  1.00 19.75 ? 57  PHE A CD1 1 
ATOM   422 C  CD2 . PHE A 1 58  ? 11.753  -2.325  -8.722  1.00 19.60 ? 57  PHE A CD2 1 
ATOM   423 C  CE1 . PHE A 1 58  ? 14.520  -2.400  -8.465  1.00 19.51 ? 57  PHE A CE1 1 
ATOM   424 C  CE2 . PHE A 1 58  ? 12.556  -1.812  -9.733  1.00 20.47 ? 57  PHE A CE2 1 
ATOM   425 C  CZ  . PHE A 1 58  ? 13.942  -1.851  -9.613  1.00 21.26 ? 57  PHE A CZ  1 
ATOM   426 N  N   . ILE A 1 59  ? 8.856   -3.048  -4.746  1.00 16.77 ? 58  ILE A N   1 
ATOM   427 C  CA  . ILE A 1 59  ? 7.821   -3.746  -3.988  1.00 15.30 ? 58  ILE A CA  1 
ATOM   428 C  C   . ILE A 1 59  ? 7.507   -5.007  -4.802  1.00 16.27 ? 58  ILE A C   1 
ATOM   429 O  O   . ILE A 1 59  ? 7.059   -4.938  -5.942  1.00 16.34 ? 58  ILE A O   1 
ATOM   430 C  CB  . ILE A 1 59  ? 6.526   -2.896  -3.840  1.00 14.96 ? 58  ILE A CB  1 
ATOM   431 C  CG1 . ILE A 1 59  ? 6.814   -1.637  -3.016  1.00 13.60 ? 58  ILE A CG1 1 
ATOM   432 C  CG2 . ILE A 1 59  ? 5.418   -3.732  -3.151  1.00 13.63 ? 58  ILE A CG2 1 
ATOM   433 C  CD1 . ILE A 1 59  ? 5.637   -0.697  -2.874  1.00 13.70 ? 58  ILE A CD1 1 
ATOM   434 N  N   . GLU A 1 60  ? 7.873   -6.162  -4.258  1.00 16.33 ? 59  GLU A N   1 
ATOM   435 C  CA  . GLU A 1 60  ? 7.621   -7.417  -4.942  1.00 17.79 ? 59  GLU A CA  1 
ATOM   436 C  C   . GLU A 1 60  ? 6.229   -7.900  -4.569  1.00 18.00 ? 59  GLU A C   1 
ATOM   437 O  O   . GLU A 1 60  ? 5.666   -7.461  -3.564  1.00 17.10 ? 59  GLU A O   1 
ATOM   438 C  CB  . GLU A 1 60  ? 8.663   -8.479  -4.588  1.00 16.60 ? 59  GLU A CB  1 
ATOM   439 C  CG  . GLU A 1 60  ? 10.024  -8.249  -5.241  1.00 23.04 ? 59  GLU A CG  1 
ATOM   440 C  CD  . GLU A 1 60  ? 10.912  -7.247  -4.480  1.00 19.23 ? 59  GLU A CD  1 
ATOM   441 O  OE1 . GLU A 1 60  ? 10.704  -7.067  -3.266  1.00 18.14 ? 59  GLU A OE1 1 
ATOM   442 O  OE2 . GLU A 1 60  ? 11.834  -6.664  -5.089  1.00 19.32 ? 59  GLU A OE2 1 
ATOM   443 N  N   . GLU A 1 61  ? 5.684   -8.817  -5.361  1.00 21.19 ? 60  GLU A N   1 
ATOM   444 C  CA  . GLU A 1 61  ? 4.351   -9.360  -5.111  1.00 22.41 ? 60  GLU A CA  1 
ATOM   445 C  C   . GLU A 1 61  ? 4.171   -9.823  -3.662  1.00 21.74 ? 60  GLU A C   1 
ATOM   446 O  O   . GLU A 1 61  ? 3.136   -9.558  -3.055  1.00 21.34 ? 60  GLU A O   1 
ATOM   447 C  CB  . GLU A 1 61  ? 4.052   -10.504 -6.092  1.00 24.01 ? 60  GLU A CB  1 
ATOM   448 C  CG  . GLU A 1 61  ? 2.593   -10.940 -6.089  1.00 31.92 ? 60  GLU A CG  1 
ATOM   449 C  CD  . GLU A 1 61  ? 2.152   -11.621 -7.381  1.00 36.42 ? 60  GLU A CD  1 
ATOM   450 O  OE1 . GLU A 1 61  ? 0.919   -11.693 -7.611  1.00 39.47 ? 60  GLU A OE1 1 
ATOM   451 O  OE2 . GLU A 1 61  ? 3.015   -12.080 -8.168  1.00 35.73 ? 60  GLU A OE2 1 
ATOM   452 N  N   . ASP A 1 62  ? 5.208   -10.446 -3.102  1.00 21.67 ? 61  ASP A N   1 
ATOM   453 C  CA  . ASP A 1 62  ? 5.157   -10.937 -1.731  1.00 19.34 ? 61  ASP A CA  1 
ATOM   454 C  C   . ASP A 1 62  ? 4.984   -9.816  -0.697  1.00 18.83 ? 61  ASP A C   1 
ATOM   455 O  O   . ASP A 1 62  ? 4.418   -10.029 0.388   1.00 17.25 ? 61  ASP A O   1 
ATOM   456 C  CB  . ASP A 1 62  ? 6.378   -11.809 -1.409  1.00 29.66 ? 61  ASP A CB  1 
ATOM   457 C  CG  . ASP A 1 62  ? 7.715   -11.056 -1.534  1.00 38.10 ? 61  ASP A CG  1 
ATOM   458 O  OD1 . ASP A 1 62  ? 8.173   -10.474 -0.523  1.00 36.85 ? 61  ASP A OD1 1 
ATOM   459 O  OD2 . ASP A 1 62  ? 8.320   -11.085 -2.638  1.00 43.17 ? 61  ASP A OD2 1 
ATOM   460 N  N   . GLU A 1 63  ? 5.470   -8.624  -1.021  1.00 15.05 ? 62  GLU A N   1 
ATOM   461 C  CA  . GLU A 1 63  ? 5.324   -7.491  -0.115  1.00 15.13 ? 62  GLU A CA  1 
ATOM   462 C  C   . GLU A 1 63  ? 3.940   -6.865  -0.261  1.00 13.81 ? 62  GLU A C   1 
ATOM   463 O  O   . GLU A 1 63  ? 3.447   -6.196  0.647   1.00 14.83 ? 62  GLU A O   1 
ATOM   464 C  CB  . GLU A 1 63  ? 6.417   -6.462  -0.371  1.00 16.75 ? 62  GLU A CB  1 
ATOM   465 C  CG  . GLU A 1 63  ? 7.759   -6.971  0.091   1.00 18.45 ? 62  GLU A CG  1 
ATOM   466 C  CD  . GLU A 1 63  ? 8.914   -6.130  -0.387  1.00 21.19 ? 62  GLU A CD  1 
ATOM   467 O  OE1 . GLU A 1 63  ? 9.998   -6.238  0.209   1.00 17.43 ? 62  GLU A OE1 1 
ATOM   468 O  OE2 . GLU A 1 63  ? 8.734   -5.366  -1.356  1.00 16.87 ? 62  GLU A OE2 1 
ATOM   469 N  N   . LEU A 1 64  ? 3.300   -7.100  -1.406  1.00 14.47 ? 63  LEU A N   1 
ATOM   470 C  CA  . LEU A 1 64  ? 1.949   -6.620  -1.646  1.00 14.44 ? 63  LEU A CA  1 
ATOM   471 C  C   . LEU A 1 64  ? 1.024   -7.522  -0.835  1.00 13.60 ? 63  LEU A C   1 
ATOM   472 O  O   . LEU A 1 64  ? 0.024   -7.078  -0.287  1.00 13.73 ? 63  LEU A O   1 
ATOM   473 C  CB  . LEU A 1 64  ? 1.582   -6.712  -3.132  1.00 14.62 ? 63  LEU A CB  1 
ATOM   474 C  CG  . LEU A 1 64  ? 2.229   -5.688  -4.060  1.00 16.06 ? 63  LEU A CG  1 
ATOM   475 C  CD1 . LEU A 1 64  ? 1.808   -5.943  -5.484  1.00 14.63 ? 63  LEU A CD1 1 
ATOM   476 C  CD2 . LEU A 1 64  ? 1.840   -4.282  -3.618  1.00 14.82 ? 63  LEU A CD2 1 
ATOM   477 N  N   . LYS A 1 65  ? 1.395   -8.789  -0.731  1.00 12.88 ? 64  LYS A N   1 
ATOM   478 C  CA  . LYS A 1 65  ? 0.597   -9.753  0.014   1.00 13.41 ? 64  LYS A CA  1 
ATOM   479 C  C   . LYS A 1 65  ? 0.487   -9.347  1.476   1.00 12.51 ? 64  LYS A C   1 
ATOM   480 O  O   . LYS A 1 65  ? -0.565  -9.525  2.088   1.00 12.09 ? 64  LYS A O   1 
ATOM   481 C  CB  . LYS A 1 65  ? 1.197   -11.154 -0.128  1.00 18.25 ? 64  LYS A CB  1 
ATOM   482 C  CG  . LYS A 1 65  ? 0.224   -12.261 0.148   1.00 27.72 ? 64  LYS A CG  1 
ATOM   483 C  CD  . LYS A 1 65  ? 0.538   -13.461 -0.709  1.00 30.77 ? 64  LYS A CD  1 
ATOM   484 C  CE  . LYS A 1 65  ? -0.515  -14.563 -0.545  1.00 36.50 ? 64  LYS A CE  1 
ATOM   485 N  NZ  . LYS A 1 65  ? -1.859  -14.171 -1.051  1.00 31.82 ? 64  LYS A NZ  1 
ATOM   486 N  N   . LEU A 1 66  ? 1.551   -8.757  2.011   1.00 12.16 ? 65  LEU A N   1 
ATOM   487 C  CA  . LEU A 1 66  ? 1.558   -8.314  3.394   1.00 12.63 ? 65  LEU A CA  1 
ATOM   488 C  C   . LEU A 1 66  ? 1.450   -6.791  3.539   1.00 12.19 ? 65  LEU A C   1 
ATOM   489 O  O   . LEU A 1 66  ? 1.745   -6.223  4.590   1.00 12.93 ? 65  LEU A O   1 
ATOM   490 C  CB  . LEU A 1 66  ? 2.777   -8.854  4.139   1.00 14.67 ? 65  LEU A CB  1 
ATOM   491 C  CG  . LEU A 1 66  ? 2.814   -10.368 4.251   1.00 17.44 ? 65  LEU A CG  1 
ATOM   492 C  CD1 . LEU A 1 66  ? 3.970   -10.796 5.168   1.00 20.59 ? 65  LEU A CD1 1 
ATOM   493 C  CD2 . LEU A 1 66  ? 1.489   -10.900 4.797   1.00 15.76 ? 65  LEU A CD2 1 
ATOM   494 N  N   . PHE A 1 67  ? 0.965   -6.143  2.485   1.00 12.68 ? 66  PHE A N   1 
ATOM   495 C  CA  . PHE A 1 67  ? 0.761   -4.700  2.419   1.00 12.27 ? 66  PHE A CA  1 
ATOM   496 C  C   . PHE A 1 67  ? 0.026   -4.137  3.647   1.00 12.74 ? 66  PHE A C   1 
ATOM   497 O  O   . PHE A 1 67  ? 0.461   -3.150  4.255   1.00 14.17 ? 66  PHE A O   1 
ATOM   498 C  CB  . PHE A 1 67  ? -0.047  -4.378  1.154   1.00 12.05 ? 66  PHE A CB  1 
ATOM   499 C  CG  . PHE A 1 67  ? -0.456  -2.944  1.040   1.00 15.86 ? 66  PHE A CG  1 
ATOM   500 C  CD1 . PHE A 1 67  ? -1.751  -2.557  1.366   1.00 16.34 ? 66  PHE A CD1 1 
ATOM   501 C  CD2 . PHE A 1 67  ? 0.434   -1.981  0.573   1.00 15.88 ? 66  PHE A CD2 1 
ATOM   502 C  CE1 . PHE A 1 67  ? -2.156  -1.237  1.236   1.00 19.39 ? 66  PHE A CE1 1 
ATOM   503 C  CE2 . PHE A 1 67  ? 0.040   -0.668  0.440   1.00 18.52 ? 66  PHE A CE2 1 
ATOM   504 C  CZ  . PHE A 1 67  ? -1.256  -0.276  0.763   1.00 17.84 ? 66  PHE A CZ  1 
ATOM   505 N  N   . LEU A 1 68  ? -1.098  -4.751  4.006   1.00 10.61 ? 67  LEU A N   1 
ATOM   506 C  CA  . LEU A 1 68  ? -1.870  -4.280  5.145   1.00 11.53 ? 67  LEU A CA  1 
ATOM   507 C  C   . LEU A 1 68  ? -1.076  -4.295  6.456   1.00 12.64 ? 67  LEU A C   1 
ATOM   508 O  O   . LEU A 1 68  ? -1.212  -3.381  7.280   1.00 12.46 ? 67  LEU A O   1 
ATOM   509 C  CB  . LEU A 1 68  ? -3.146  -5.123  5.285   1.00 13.73 ? 67  LEU A CB  1 
ATOM   510 C  CG  . LEU A 1 68  ? -4.441  -4.741  4.561   1.00 15.51 ? 67  LEU A CG  1 
ATOM   511 C  CD1 . LEU A 1 68  ? -4.215  -3.879  3.351   1.00 15.30 ? 67  LEU A CD1 1 
ATOM   512 C  CD2 . LEU A 1 68  ? -5.225  -6.011  4.226   1.00 12.08 ? 67  LEU A CD2 1 
ATOM   513 N  N   . GLN A 1 69  ? -0.224  -5.303  6.625   1.00 14.92 ? 68  GLN A N   1 
ATOM   514 C  CA  . GLN A 1 69  ? 0.564   -5.445  7.857   1.00 14.89 ? 68  GLN A CA  1 
ATOM   515 C  C   . GLN A 1 69  ? 1.554   -4.321  8.131   1.00 14.84 ? 68  GLN A C   1 
ATOM   516 O  O   . GLN A 1 69  ? 1.860   -4.026  9.287   1.00 14.16 ? 68  GLN A O   1 
ATOM   517 C  CB  . GLN A 1 69  ? 1.246   -6.817  7.910   1.00 15.38 ? 68  GLN A CB  1 
ATOM   518 C  CG  . GLN A 1 69  ? 0.231   -7.935  8.045   1.00 15.96 ? 68  GLN A CG  1 
ATOM   519 C  CD  . GLN A 1 69  ? 0.838   -9.289  8.369   1.00 20.68 ? 68  GLN A CD  1 
ATOM   520 O  OE1 . GLN A 1 69  ? 0.115   -10.252 8.621   1.00 22.04 ? 68  GLN A OE1 1 
ATOM   521 N  NE2 . GLN A 1 69  ? 2.164   -9.373  8.364   1.00 14.54 ? 68  GLN A NE2 1 
ATOM   522 N  N   . VAL A 1 70  ? 2.028   -3.689  7.063   1.00 16.30 ? 69  VAL A N   1 
ATOM   523 C  CA  . VAL A 1 70  ? 2.945   -2.562  7.156   1.00 18.97 ? 69  VAL A CA  1 
ATOM   524 C  C   . VAL A 1 70  ? 2.215   -1.394  7.848   1.00 19.66 ? 69  VAL A C   1 
ATOM   525 O  O   . VAL A 1 70  ? 2.834   -0.598  8.563   1.00 19.05 ? 69  VAL A O   1 
ATOM   526 C  CB  . VAL A 1 70  ? 3.372   -2.131  5.727   1.00 23.79 ? 69  VAL A CB  1 
ATOM   527 C  CG1 . VAL A 1 70  ? 3.812   -0.687  5.694   1.00 27.75 ? 69  VAL A CG1 1 
ATOM   528 C  CG2 . VAL A 1 70  ? 4.481   -3.036  5.221   1.00 24.92 ? 69  VAL A CG2 1 
ATOM   529 N  N   . PHE A 1 71  ? 0.906   -1.303  7.630   1.00 16.78 ? 70  PHE A N   1 
ATOM   530 C  CA  . PHE A 1 71  ? 0.080   -0.257  8.223   1.00 16.62 ? 70  PHE A CA  1 
ATOM   531 C  C   . PHE A 1 71  ? -0.451  -0.670  9.587   1.00 17.75 ? 70  PHE A C   1 
ATOM   532 O  O   . PHE A 1 71  ? -0.492  0.142   10.502  1.00 20.00 ? 70  PHE A O   1 
ATOM   533 C  CB  . PHE A 1 71  ? -1.094  0.091   7.298   1.00 14.17 ? 70  PHE A CB  1 
ATOM   534 C  CG  . PHE A 1 71  ? -0.676  0.706   5.994   1.00 11.38 ? 70  PHE A CG  1 
ATOM   535 C  CD1 . PHE A 1 71  ? -0.579  2.095   5.868   1.00 13.59 ? 70  PHE A CD1 1 
ATOM   536 C  CD2 . PHE A 1 71  ? -0.326  -0.097  4.908   1.00 9.40  ? 70  PHE A CD2 1 
ATOM   537 C  CE1 . PHE A 1 71  ? -0.136  2.670   4.668   1.00 10.74 ? 70  PHE A CE1 1 
ATOM   538 C  CE2 . PHE A 1 71  ? 0.114   0.471   3.721   1.00 11.84 ? 70  PHE A CE2 1 
ATOM   539 C  CZ  . PHE A 1 71  ? 0.208   1.862   3.606   1.00 11.60 ? 70  PHE A CZ  1 
ATOM   540 N  N   . SER A 1 72  ? -0.872  -1.924  9.702   1.00 17.73 ? 71  SER A N   1 
ATOM   541 C  CA  . SER A 1 72  ? -1.418  -2.436  10.948  1.00 18.67 ? 71  SER A CA  1 
ATOM   542 C  C   . SER A 1 72  ? -0.920  -3.869  11.109  1.00 19.51 ? 71  SER A C   1 
ATOM   543 O  O   . SER A 1 72  ? -1.384  -4.789  10.424  1.00 18.23 ? 71  SER A O   1 
ATOM   544 C  CB  . SER A 1 72  ? -2.943  -2.377  10.893  1.00 20.10 ? 71  SER A CB  1 
ATOM   545 O  OG  . SER A 1 72  ? -3.529  -2.701  12.143  1.00 25.57 ? 71  SER A OG  1 
ATOM   546 N  N   . ALA A 1 73  ? 0.062   -4.034  11.998  1.00 18.91 ? 72  ALA A N   1 
ATOM   547 C  CA  . ALA A 1 73  ? 0.712   -5.316  12.268  1.00 19.08 ? 72  ALA A CA  1 
ATOM   548 C  C   . ALA A 1 73  ? -0.144  -6.570  12.340  1.00 18.55 ? 72  ALA A C   1 
ATOM   549 O  O   . ALA A 1 73  ? 0.289   -7.626  11.883  1.00 19.50 ? 72  ALA A O   1 
ATOM   550 C  CB  . ALA A 1 73  ? 1.566   -5.203  13.521  1.00 22.33 ? 72  ALA A CB  1 
ATOM   551 N  N   . GLY A 1 74  ? -1.360  -6.457  12.864  1.00 17.01 ? 73  GLY A N   1 
ATOM   552 C  CA  . GLY A 1 74  ? -2.211  -7.629  12.994  1.00 15.61 ? 73  GLY A CA  1 
ATOM   553 C  C   . GLY A 1 74  ? -3.139  -7.920  11.828  1.00 14.38 ? 73  GLY A C   1 
ATOM   554 O  O   . GLY A 1 74  ? -3.928  -8.863  11.880  1.00 13.77 ? 73  GLY A O   1 
ATOM   555 N  N   . ALA A 1 75  ? -3.029  -7.131  10.773  1.00 12.13 ? 74  ALA A N   1 
ATOM   556 C  CA  . ALA A 1 75  ? -3.882  -7.301  9.606   1.00 14.06 ? 74  ALA A CA  1 
ATOM   557 C  C   . ALA A 1 75  ? -3.689  -8.605  8.848   1.00 14.09 ? 74  ALA A C   1 
ATOM   558 O  O   . ALA A 1 75  ? -2.651  -9.257  8.956   1.00 13.88 ? 74  ALA A O   1 
ATOM   559 C  CB  . ALA A 1 75  ? -3.689  -6.116  8.655   1.00 12.44 ? 74  ALA A CB  1 
ATOM   560 N  N   . ARG A 1 76  ? -4.695  -8.949  8.052   1.00 12.82 ? 75  ARG A N   1 
ATOM   561 C  CA  . ARG A 1 76  ? -4.689  -10.165 7.251   1.00 13.21 ? 75  ARG A CA  1 
ATOM   562 C  C   . ARG A 1 76  ? -3.774  -10.014 6.047   1.00 13.23 ? 75  ARG A C   1 
ATOM   563 O  O   . ARG A 1 76  ? -3.288  -8.917  5.748   1.00 14.88 ? 75  ARG A O   1 
ATOM   564 C  CB  . ARG A 1 76  ? -6.112  -10.452 6.741   1.00 13.94 ? 75  ARG A CB  1 
ATOM   565 C  CG  . ARG A 1 76  ? -6.651  -9.409  5.729   1.00 13.48 ? 75  ARG A CG  1 
ATOM   566 C  CD  . ARG A 1 76  ? -7.984  -9.826  5.132   1.00 13.54 ? 75  ARG A CD  1 
ATOM   567 N  NE  . ARG A 1 76  ? -8.527  -8.829  4.215   1.00 12.66 ? 75  ARG A NE  1 
ATOM   568 C  CZ  . ARG A 1 76  ? -8.359  -8.834  2.893   1.00 12.16 ? 75  ARG A CZ  1 
ATOM   569 N  NH1 . ARG A 1 76  ? -7.654  -9.795  2.310   1.00 10.59 ? 75  ARG A NH1 1 
ATOM   570 N  NH2 . ARG A 1 76  ? -8.910  -7.873  2.141   1.00 12.77 ? 75  ARG A NH2 1 
ATOM   571 N  N   . ALA A 1 77  ? -3.546  -11.116 5.349   1.00 13.10 ? 76  ALA A N   1 
ATOM   572 C  CA  . ALA A 1 77  ? -2.734  -11.100 4.142   1.00 13.31 ? 76  ALA A CA  1 
ATOM   573 C  C   . ALA A 1 77  ? -3.739  -10.882 3.004   1.00 15.26 ? 76  ALA A C   1 
ATOM   574 O  O   . ALA A 1 77  ? -4.922  -11.243 3.149   1.00 14.93 ? 76  ALA A O   1 
ATOM   575 C  CB  . ALA A 1 77  ? -2.020  -12.455 3.954   1.00 12.09 ? 76  ALA A CB  1 
ATOM   576 N  N   . LEU A 1 78  ? -3.317  -10.223 1.918   1.00 12.40 ? 77  LEU A N   1 
ATOM   577 C  CA  . LEU A 1 78  ? -4.228  -10.039 0.787   1.00 14.02 ? 77  LEU A CA  1 
ATOM   578 C  C   . LEU A 1 78  ? -4.318  -11.385 0.075   1.00 15.73 ? 77  LEU A C   1 
ATOM   579 O  O   . LEU A 1 78  ? -3.355  -12.167 0.078   1.00 14.19 ? 77  LEU A O   1 
ATOM   580 C  CB  . LEU A 1 78  ? -3.704  -8.991  -0.193  1.00 11.99 ? 77  LEU A CB  1 
ATOM   581 C  CG  . LEU A 1 78  ? -3.607  -7.535  0.288   1.00 15.17 ? 77  LEU A CG  1 
ATOM   582 C  CD1 . LEU A 1 78  ? -3.137  -6.645  -0.857  1.00 14.57 ? 77  LEU A CD1 1 
ATOM   583 C  CD2 . LEU A 1 78  ? -4.951  -7.067  0.825   1.00 15.20 ? 77  LEU A CD2 1 
ATOM   584 N  N   . THR A 1 79  ? -5.475  -11.672 -0.510  1.00 15.22 ? 78  THR A N   1 
ATOM   585 C  CA  . THR A 1 79  ? -5.680  -12.923 -1.230  1.00 15.02 ? 78  THR A CA  1 
ATOM   586 C  C   . THR A 1 79  ? -4.863  -12.847 -2.528  1.00 16.29 ? 78  THR A C   1 
ATOM   587 O  O   . THR A 1 79  ? -4.416  -11.770 -2.934  1.00 16.41 ? 78  THR A O   1 
ATOM   588 C  CB  . THR A 1 79  ? -7.165  -13.113 -1.611  1.00 15.45 ? 78  THR A CB  1 
ATOM   589 O  OG1 . THR A 1 79  ? -7.522  -12.165 -2.629  1.00 16.20 ? 78  THR A OG1 1 
ATOM   590 C  CG2 . THR A 1 79  ? -8.064  -12.906 -0.404  1.00 15.43 ? 78  THR A CG2 1 
ATOM   591 N  N   . ASP A 1 80  ? -4.679  -13.979 -3.200  1.00 16.79 ? 79  ASP A N   1 
ATOM   592 C  CA  . ASP A 1 80  ? -3.929  -13.972 -4.447  1.00 20.06 ? 79  ASP A CA  1 
ATOM   593 C  C   . ASP A 1 80  ? -4.616  -13.091 -5.495  1.00 19.24 ? 79  ASP A C   1 
ATOM   594 O  O   . ASP A 1 80  ? -3.946  -12.408 -6.274  1.00 18.40 ? 79  ASP A O   1 
ATOM   595 C  CB  . ASP A 1 80  ? -3.743  -15.393 -4.990  1.00 26.59 ? 79  ASP A CB  1 
ATOM   596 C  CG  . ASP A 1 80  ? -2.775  -16.222 -4.143  1.00 34.93 ? 79  ASP A CG  1 
ATOM   597 O  OD1 . ASP A 1 80  ? -1.879  -15.632 -3.477  1.00 36.59 ? 79  ASP A OD1 1 
ATOM   598 O  OD2 . ASP A 1 80  ? -2.896  -17.466 -4.157  1.00 38.31 ? 79  ASP A OD2 1 
ATOM   599 N  N   . ALA A 1 81  ? -5.945  -13.094 -5.517  1.00 16.61 ? 80  ALA A N   1 
ATOM   600 C  CA  . ALA A 1 81  ? -6.682  -12.261 -6.472  1.00 17.49 ? 80  ALA A CA  1 
ATOM   601 C  C   . ALA A 1 81  ? -6.406  -10.780 -6.212  1.00 15.71 ? 80  ALA A C   1 
ATOM   602 O  O   . ALA A 1 81  ? -6.173  -10.009 -7.141  1.00 17.91 ? 80  ALA A O   1 
ATOM   603 C  CB  . ALA A 1 81  ? -8.184  -12.546 -6.383  1.00 15.03 ? 80  ALA A CB  1 
ATOM   604 N  N   . GLU A 1 82  ? -6.413  -10.398 -4.938  1.00 14.49 ? 81  GLU A N   1 
ATOM   605 C  CA  . GLU A 1 82  ? -6.157  -9.015  -4.555  1.00 13.05 ? 81  GLU A CA  1 
ATOM   606 C  C   . GLU A 1 82  ? -4.723  -8.597  -4.871  1.00 17.68 ? 81  GLU A C   1 
ATOM   607 O  O   . GLU A 1 82  ? -4.494  -7.499  -5.400  1.00 14.39 ? 81  GLU A O   1 
ATOM   608 C  CB  . GLU A 1 82  ? -6.434  -8.788  -3.073  1.00 11.62 ? 81  GLU A CB  1 
ATOM   609 C  CG  . GLU A 1 82  ? -7.888  -8.867  -2.688  1.00 10.22 ? 81  GLU A CG  1 
ATOM   610 C  CD  . GLU A 1 82  ? -8.083  -8.804  -1.199  1.00 12.29 ? 81  GLU A CD  1 
ATOM   611 O  OE1 . GLU A 1 82  ? -9.055  -8.174  -0.744  1.00 12.81 ? 81  GLU A OE1 1 
ATOM   612 O  OE2 . GLU A 1 82  ? -7.264  -9.393  -0.464  1.00 14.39 ? 81  GLU A OE2 1 
ATOM   613 N  N   . THR A 1 83  ? -3.760  -9.464  -4.560  1.00 17.33 ? 82  THR A N   1 
ATOM   614 C  CA  . THR A 1 83  ? -2.362  -9.132  -4.830  1.00 18.89 ? 82  THR A CA  1 
ATOM   615 C  C   . THR A 1 83  ? -2.094  -9.037  -6.327  1.00 18.27 ? 82  THR A C   1 
ATOM   616 O  O   . THR A 1 83  ? -1.404  -8.129  -6.777  1.00 18.28 ? 82  THR A O   1 
ATOM   617 C  CB  . THR A 1 83  ? -1.391  -10.165 -4.199  1.00 19.70 ? 82  THR A CB  1 
ATOM   618 O  OG1 . THR A 1 83  ? -1.541  -11.433 -4.848  1.00 31.98 ? 82  THR A OG1 1 
ATOM   619 C  CG2 . THR A 1 83  ? -1.689  -10.343 -2.734  1.00 15.16 ? 82  THR A CG2 1 
ATOM   620 N  N   . LYS A 1 84  ? -2.667  -9.949  -7.107  1.00 20.39 ? 83  LYS A N   1 
ATOM   621 C  CA  . LYS A 1 84  ? -2.476  -9.940  -8.554  1.00 23.15 ? 83  LYS A CA  1 
ATOM   622 C  C   . LYS A 1 84  ? -3.067  -8.692  -9.207  1.00 22.08 ? 83  LYS A C   1 
ATOM   623 O  O   . LYS A 1 84  ? -2.443  -8.093  -10.082 1.00 21.13 ? 83  LYS A O   1 
ATOM   624 C  CB  . LYS A 1 84  ? -3.037  -11.231 -9.181  1.00 30.41 ? 83  LYS A CB  1 
ATOM   625 C  CG  . LYS A 1 84  ? -2.264  -12.496 -8.756  1.00 38.79 ? 83  LYS A CG  1 
ATOM   626 C  CD  . LYS A 1 84  ? -2.650  -13.755 -9.545  1.00 42.71 ? 83  LYS A CD  1 
ATOM   627 C  CE  . LYS A 1 84  ? -3.647  -14.659 -8.800  1.00 45.37 ? 83  LYS A CE  1 
ATOM   628 N  NZ  . LYS A 1 84  ? -5.063  -14.183 -8.851  1.00 46.20 ? 83  LYS A NZ  1 
ATOM   629 N  N   . ALA A 1 85  ? -4.246  -8.278  -8.752  1.00 19.60 ? 84  ALA A N   1 
ATOM   630 C  CA  . ALA A 1 85  ? -4.890  -7.087  -9.299  1.00 18.45 ? 84  ALA A CA  1 
ATOM   631 C  C   . ALA A 1 85  ? -4.088  -5.836  -8.933  1.00 17.81 ? 84  ALA A C   1 
ATOM   632 O  O   . ALA A 1 85  ? -3.928  -4.923  -9.749  1.00 17.97 ? 84  ALA A O   1 
ATOM   633 C  CB  . ALA A 1 85  ? -6.305  -6.968  -8.763  1.00 17.04 ? 84  ALA A CB  1 
ATOM   634 N  N   . PHE A 1 86  ? -3.573  -5.823  -7.706  1.00 16.40 ? 85  PHE A N   1 
ATOM   635 C  CA  . PHE A 1 86  ? -2.765  -4.728  -7.186  1.00 15.24 ? 85  PHE A CA  1 
ATOM   636 C  C   . PHE A 1 86  ? -1.496  -4.635  -8.038  1.00 15.49 ? 85  PHE A C   1 
ATOM   637 O  O   . PHE A 1 86  ? -1.159  -3.554  -8.533  1.00 17.22 ? 85  PHE A O   1 
ATOM   638 C  CB  . PHE A 1 86  ? -2.419  -5.016  -5.717  1.00 15.14 ? 85  PHE A CB  1 
ATOM   639 C  CG  . PHE A 1 86  ? -2.065  -3.793  -4.899  1.00 13.26 ? 85  PHE A CG  1 
ATOM   640 C  CD1 . PHE A 1 86  ? -1.742  -2.581  -5.497  1.00 14.80 ? 85  PHE A CD1 1 
ATOM   641 C  CD2 . PHE A 1 86  ? -2.016  -3.884  -3.508  1.00 12.59 ? 85  PHE A CD2 1 
ATOM   642 C  CE1 . PHE A 1 86  ? -1.371  -1.477  -4.723  1.00 15.29 ? 85  PHE A CE1 1 
ATOM   643 C  CE2 . PHE A 1 86  ? -1.651  -2.802  -2.725  1.00 13.71 ? 85  PHE A CE2 1 
ATOM   644 C  CZ  . PHE A 1 86  ? -1.323  -1.590  -3.333  1.00 17.26 ? 85  PHE A CZ  1 
ATOM   645 N  N   . LEU A 1 87  ? -0.831  -5.763  -8.256  1.00 16.85 ? 86  LEU A N   1 
ATOM   646 C  CA  . LEU A 1 87  ? 0.397   -5.767  -9.056  1.00 22.04 ? 86  LEU A CA  1 
ATOM   647 C  C   . LEU A 1 87  ? 0.134   -5.302  -10.486 1.00 23.11 ? 86  LEU A C   1 
ATOM   648 O  O   . LEU A 1 87  ? 0.857   -4.452  -11.001 1.00 23.61 ? 86  LEU A O   1 
ATOM   649 C  CB  . LEU A 1 87  ? 1.047   -7.153  -9.071  1.00 20.40 ? 86  LEU A CB  1 
ATOM   650 C  CG  . LEU A 1 87  ? 2.409   -7.282  -9.785  1.00 20.23 ? 86  LEU A CG  1 
ATOM   651 C  CD1 . LEU A 1 87  ? 3.419   -6.331  -9.151  1.00 19.28 ? 86  LEU A CD1 1 
ATOM   652 C  CD2 . LEU A 1 87  ? 2.902   -8.720  -9.692  1.00 18.56 ? 86  LEU A CD2 1 
ATOM   653 N  N   . LYS A 1 88  ? -0.911  -5.832  -11.118 1.00 26.11 ? 87  LYS A N   1 
ATOM   654 C  CA  . LYS A 1 88  ? -1.264  -5.454  -12.486 1.00 28.30 ? 87  LYS A CA  1 
ATOM   655 C  C   . LYS A 1 88  ? -1.486  -3.941  -12.599 1.00 26.49 ? 87  LYS A C   1 
ATOM   656 O  O   . LYS A 1 88  ? -1.036  -3.304  -13.554 1.00 27.39 ? 87  LYS A O   1 
ATOM   657 C  CB  . LYS A 1 88  ? -2.528  -6.196  -12.929 1.00 33.26 ? 87  LYS A CB  1 
ATOM   658 C  CG  . LYS A 1 88  ? -2.966  -5.872  -14.356 1.00 39.93 ? 87  LYS A CG  1 
ATOM   659 C  CD  . LYS A 1 88  ? -4.325  -6.487  -14.711 1.00 44.36 ? 87  LYS A CD  1 
ATOM   660 C  CE  . LYS A 1 88  ? -4.277  -8.013  -14.773 1.00 48.52 ? 87  LYS A CE  1 
ATOM   661 N  NZ  . LYS A 1 88  ? -3.429  -8.527  -15.884 1.00 49.69 ? 87  LYS A NZ  1 
ATOM   662 N  N   . ALA A 1 89  ? -2.175  -3.374  -11.612 1.00 23.80 ? 88  ALA A N   1 
ATOM   663 C  CA  . ALA A 1 89  ? -2.471  -1.952  -11.608 1.00 22.61 ? 88  ALA A CA  1 
ATOM   664 C  C   . ALA A 1 89  ? -1.221  -1.084  -11.547 1.00 23.50 ? 88  ALA A C   1 
ATOM   665 O  O   . ALA A 1 89  ? -1.110  -0.108  -12.290 1.00 22.76 ? 88  ALA A O   1 
ATOM   666 C  CB  . ALA A 1 89  ? -3.385  -1.609  -10.444 1.00 22.97 ? 88  ALA A CB  1 
ATOM   667 N  N   . GLY A 1 90  ? -0.276  -1.447  -10.680 1.00 21.53 ? 89  GLY A N   1 
ATOM   668 C  CA  . GLY A 1 90  ? 0.922   -0.645  -10.532 1.00 20.81 ? 89  GLY A CA  1 
ATOM   669 C  C   . GLY A 1 90  ? 2.102   -0.946  -11.427 1.00 21.42 ? 89  GLY A C   1 
ATOM   670 O  O   . GLY A 1 90  ? 2.924   -0.057  -11.713 1.00 20.06 ? 89  GLY A O   1 
ATOM   671 N  N   . ASP A 1 91  ? 2.200   -2.194  -11.871 1.00 21.27 ? 90  ASP A N   1 
ATOM   672 C  CA  . ASP A 1 91  ? 3.320   -2.621  -12.703 1.00 23.10 ? 90  ASP A CA  1 
ATOM   673 C  C   . ASP A 1 91  ? 3.222   -2.194  -14.174 1.00 24.13 ? 90  ASP A C   1 
ATOM   674 O  O   . ASP A 1 91  ? 3.047   -3.026  -15.059 1.00 27.27 ? 90  ASP A O   1 
ATOM   675 C  CB  . ASP A 1 91  ? 3.510   -4.144  -12.567 1.00 22.12 ? 90  ASP A CB  1 
ATOM   676 C  CG  . ASP A 1 91  ? 4.730   -4.675  -13.302 1.00 19.90 ? 90  ASP A CG  1 
ATOM   677 O  OD1 . ASP A 1 91  ? 4.763   -5.881  -13.609 1.00 22.15 ? 90  ASP A OD1 1 
ATOM   678 O  OD2 . ASP A 1 91  ? 5.655   -3.904  -13.589 1.00 19.80 ? 90  ASP A OD2 1 
ATOM   679 N  N   . SER A 1 92  ? 3.451   -0.910  -14.421 1.00 24.45 ? 91  SER A N   1 
ATOM   680 C  CA  . SER A 1 92  ? 3.408   -0.338  -15.771 1.00 26.13 ? 91  SER A CA  1 
ATOM   681 C  C   . SER A 1 92  ? 4.382   -0.998  -16.744 1.00 27.29 ? 91  SER A C   1 
ATOM   682 O  O   . SER A 1 92  ? 4.014   -1.305  -17.875 1.00 29.59 ? 91  SER A O   1 
ATOM   683 C  CB  . SER A 1 92  ? 3.708   1.163   -15.716 1.00 25.31 ? 91  SER A CB  1 
ATOM   684 O  OG  . SER A 1 92  ? 3.089   1.781   -14.590 1.00 31.72 ? 91  SER A OG  1 
ATOM   685 N  N   . ASP A 1 93  ? 5.625   -1.204  -16.320 1.00 27.57 ? 92  ASP A N   1 
ATOM   686 C  CA  . ASP A 1 93  ? 6.623   -1.823  -17.200 1.00 29.18 ? 92  ASP A CA  1 
ATOM   687 C  C   . ASP A 1 93  ? 6.676   -3.364  -17.226 1.00 30.49 ? 92  ASP A C   1 
ATOM   688 O  O   . ASP A 1 93  ? 7.684   -3.944  -17.628 1.00 32.16 ? 92  ASP A O   1 
ATOM   689 C  CB  . ASP A 1 93  ? 8.025   -1.225  -16.943 1.00 29.07 ? 92  ASP A CB  1 
ATOM   690 C  CG  . ASP A 1 93  ? 8.569   -1.510  -15.539 1.00 30.14 ? 92  ASP A CG  1 
ATOM   691 O  OD1 . ASP A 1 93  ? 8.322   -2.596  -14.979 1.00 29.13 ? 92  ASP A OD1 1 
ATOM   692 O  OD2 . ASP A 1 93  ? 9.282   -0.640  -15.001 1.00 31.73 ? 92  ASP A OD2 1 
ATOM   693 N  N   . GLY A 1 94  ? 5.638   -4.016  -16.714 1.00 29.16 ? 93  GLY A N   1 
ATOM   694 C  CA  . GLY A 1 94  ? 5.572   -5.468  -16.725 1.00 29.05 ? 93  GLY A CA  1 
ATOM   695 C  C   . GLY A 1 94  ? 6.712   -6.325  -16.175 1.00 28.87 ? 93  GLY A C   1 
ATOM   696 O  O   . GLY A 1 94  ? 6.763   -7.518  -16.473 1.00 28.29 ? 93  GLY A O   1 
ATOM   697 N  N   . ASP A 1 95  ? 7.590   -5.763  -15.350 1.00 27.69 ? 94  ASP A N   1 
ATOM   698 C  CA  . ASP A 1 95  ? 8.695   -6.550  -14.792 1.00 26.95 ? 94  ASP A CA  1 
ATOM   699 C  C   . ASP A 1 95  ? 8.365   -7.423  -13.569 1.00 25.60 ? 94  ASP A C   1 
ATOM   700 O  O   . ASP A 1 95  ? 9.251   -8.036  -12.993 1.00 26.84 ? 94  ASP A O   1 
ATOM   701 C  CB  . ASP A 1 95  ? 9.912   -5.647  -14.506 1.00 27.10 ? 94  ASP A CB  1 
ATOM   702 C  CG  . ASP A 1 95  ? 9.746   -4.774  -13.264 1.00 26.75 ? 94  ASP A CG  1 
ATOM   703 O  OD1 . ASP A 1 95  ? 8.647   -4.715  -12.686 1.00 25.61 ? 94  ASP A OD1 1 
ATOM   704 O  OD2 . ASP A 1 95  ? 10.736  -4.143  -12.866 1.00 27.30 ? 94  ASP A OD2 1 
ATOM   705 N  N   . GLY A 1 96  ? 7.103   -7.434  -13.153 1.00 23.73 ? 95  GLY A N   1 
ATOM   706 C  CA  . GLY A 1 96  ? 6.707   -8.242  -12.006 1.00 24.21 ? 95  GLY A CA  1 
ATOM   707 C  C   . GLY A 1 96  ? 6.801   -7.593  -10.633 1.00 23.42 ? 95  GLY A C   1 
ATOM   708 O  O   . GLY A 1 96  ? 6.453   -8.210  -9.621  1.00 24.80 ? 95  GLY A O   1 
ATOM   709 N  N   . ALA A 1 97  ? 7.254   -6.342  -10.600 1.00 22.44 ? 96  ALA A N   1 
ATOM   710 C  CA  . ALA A 1 97  ? 7.383   -5.602  -9.347  1.00 20.77 ? 96  ALA A CA  1 
ATOM   711 C  C   . ALA A 1 97  ? 6.996   -4.141  -9.533  1.00 20.86 ? 96  ALA A C   1 
ATOM   712 O  O   . ALA A 1 97  ? 6.850   -3.658  -10.674 1.00 21.48 ? 96  ALA A O   1 
ATOM   713 C  CB  . ALA A 1 97  ? 8.825   -5.699  -8.836  1.00 20.56 ? 96  ALA A CB  1 
ATOM   714 N  N   . ILE A 1 98  ? 6.881   -3.427  -8.420  1.00 19.60 ? 97  ILE A N   1 
ATOM   715 C  CA  . ILE A 1 98  ? 6.537   -2.004  -8.434  1.00 19.44 ? 97  ILE A CA  1 
ATOM   716 C  C   . ILE A 1 98  ? 7.712   -1.116  -7.987  1.00 18.80 ? 97  ILE A C   1 
ATOM   717 O  O   . ILE A 1 98  ? 8.141   -1.175  -6.835  1.00 18.99 ? 97  ILE A O   1 
ATOM   718 C  CB  . ILE A 1 98  ? 5.296   -1.712  -7.547  1.00 17.44 ? 97  ILE A CB  1 
ATOM   719 C  CG1 . ILE A 1 98  ? 4.067   -2.427  -8.118  1.00 17.69 ? 97  ILE A CG1 1 
ATOM   720 C  CG2 . ILE A 1 98  ? 5.028   -0.219  -7.478  1.00 18.15 ? 97  ILE A CG2 1 
ATOM   721 C  CD1 . ILE A 1 98  ? 2.791   -2.133  -7.374  1.00 21.40 ? 97  ILE A CD1 1 
ATOM   722 N  N   . GLY A 1 99  ? 8.223   -0.309  -8.919  1.00 16.20 ? 98  GLY A N   1 
ATOM   723 C  CA  . GLY A 1 99  ? 9.327   0.588   -8.604  1.00 16.28 ? 98  GLY A CA  1 
ATOM   724 C  C   . GLY A 1 99  ? 8.810   1.870   -7.982  1.00 16.87 ? 98  GLY A C   1 
ATOM   725 O  O   . GLY A 1 99  ? 7.598   2.103   -7.966  1.00 16.57 ? 98  GLY A O   1 
ATOM   726 N  N   . VAL A 1 100 ? 9.717   2.736   -7.532  1.00 14.89 ? 99  VAL A N   1 
ATOM   727 C  CA  . VAL A 1 100 ? 9.331   3.998   -6.887  1.00 14.01 ? 99  VAL A CA  1 
ATOM   728 C  C   . VAL A 1 100 ? 8.426   4.931   -7.729  1.00 16.47 ? 99  VAL A C   1 
ATOM   729 O  O   . VAL A 1 100 ? 7.462   5.500   -7.208  1.00 15.78 ? 99  VAL A O   1 
ATOM   730 C  CB  . VAL A 1 100 ? 10.565  4.766   -6.375  1.00 13.43 ? 99  VAL A CB  1 
ATOM   731 C  CG1 . VAL A 1 100 ? 11.364  5.361   -7.538  1.00 15.12 ? 99  VAL A CG1 1 
ATOM   732 C  CG2 . VAL A 1 100 ? 10.167  5.837   -5.379  1.00 11.59 ? 99  VAL A CG2 1 
ATOM   733 N  N   . ASP A 1 101 ? 8.729   5.087   -9.015  1.00 17.84 ? 100 ASP A N   1 
ATOM   734 C  CA  . ASP A 1 101 ? 7.921   5.957   -9.865  1.00 19.89 ? 100 ASP A CA  1 
ATOM   735 C  C   . ASP A 1 101 ? 6.558   5.338   -10.133 1.00 20.59 ? 100 ASP A C   1 
ATOM   736 O  O   . ASP A 1 101 ? 5.553   6.040   -10.201 1.00 21.09 ? 100 ASP A O   1 
ATOM   737 C  CB  . ASP A 1 101 ? 8.644   6.264   -11.173 1.00 19.20 ? 100 ASP A CB  1 
ATOM   738 C  CG  . ASP A 1 101 ? 9.874   7.129   -10.969 1.00 21.07 ? 100 ASP A CG  1 
ATOM   739 O  OD1 . ASP A 1 101 ? 9.885   7.929   -10.013 1.00 20.00 ? 100 ASP A OD1 1 
ATOM   740 O  OD2 . ASP A 1 101 ? 10.829  7.005   -11.761 1.00 24.50 ? 100 ASP A OD2 1 
ATOM   741 N  N   . GLU A 1 102 ? 6.517   4.020   -10.284 1.00 20.84 ? 101 GLU A N   1 
ATOM   742 C  CA  . GLU A 1 102 ? 5.245   3.327   -10.514 1.00 18.99 ? 101 GLU A CA  1 
ATOM   743 C  C   . GLU A 1 102 ? 4.373   3.477   -9.288  1.00 17.85 ? 101 GLU A C   1 
ATOM   744 O  O   . GLU A 1 102 ? 3.162   3.638   -9.397  1.00 15.23 ? 101 GLU A O   1 
ATOM   745 C  CB  . GLU A 1 102 ? 5.480   1.854   -10.815 1.00 17.82 ? 101 GLU A CB  1 
ATOM   746 C  CG  . GLU A 1 102 ? 6.045   1.599   -12.185 1.00 16.69 ? 101 GLU A CG  1 
ATOM   747 C  CD  . GLU A 1 102 ? 6.362   0.144   -12.417 1.00 19.48 ? 101 GLU A CD  1 
ATOM   748 O  OE1 . GLU A 1 102 ? 6.527   -0.589  -11.423 1.00 19.78 ? 101 GLU A OE1 1 
ATOM   749 O  OE2 . GLU A 1 102 ? 6.453   -0.260  -13.589 1.00 21.31 ? 101 GLU A OE2 1 
ATOM   750 N  N   . TRP A 1 103 ? 5.009   3.437   -8.118  1.00 15.63 ? 102 TRP A N   1 
ATOM   751 C  CA  . TRP A 1 103 ? 4.300   3.603   -6.856  1.00 17.16 ? 102 TRP A CA  1 
ATOM   752 C  C   . TRP A 1 103 ? 3.729   5.026   -6.785  1.00 16.93 ? 102 TRP A C   1 
ATOM   753 O  O   . TRP A 1 103 ? 2.544   5.213   -6.492  1.00 17.63 ? 102 TRP A O   1 
ATOM   754 C  CB  . TRP A 1 103 ? 5.239   3.343   -5.674  1.00 16.06 ? 102 TRP A CB  1 
ATOM   755 C  CG  . TRP A 1 103 ? 4.658   3.708   -4.344  1.00 15.59 ? 102 TRP A CG  1 
ATOM   756 C  CD1 . TRP A 1 103 ? 4.974   4.807   -3.574  1.00 16.12 ? 102 TRP A CD1 1 
ATOM   757 C  CD2 . TRP A 1 103 ? 3.668   2.999   -3.608  1.00 16.28 ? 102 TRP A CD2 1 
ATOM   758 N  NE1 . TRP A 1 103 ? 4.240   4.814   -2.415  1.00 16.67 ? 102 TRP A NE1 1 
ATOM   759 C  CE2 . TRP A 1 103 ? 3.415   3.690   -2.417  1.00 18.06 ? 102 TRP A CE2 1 
ATOM   760 C  CE3 . TRP A 1 103 ? 2.947   1.812   -3.857  1.00 19.37 ? 102 TRP A CE3 1 
ATOM   761 C  CZ2 . TRP A 1 103 ? 2.494   3.279   -1.455  1.00 20.55 ? 102 TRP A CZ2 1 
ATOM   762 C  CZ3 . TRP A 1 103 ? 2.023   1.388   -2.910  1.00 21.17 ? 102 TRP A CZ3 1 
ATOM   763 C  CH2 . TRP A 1 103 ? 1.803   2.119   -1.731  1.00 20.87 ? 102 TRP A CH2 1 
ATOM   764 N  N   . ALA A 1 104 ? 4.561   6.025   -7.073  1.00 17.69 ? 103 ALA A N   1 
ATOM   765 C  CA  . ALA A 1 104 ? 4.120   7.427   -7.050  1.00 19.21 ? 103 ALA A CA  1 
ATOM   766 C  C   . ALA A 1 104 ? 2.945   7.624   -8.012  1.00 20.44 ? 103 ALA A C   1 
ATOM   767 O  O   . ALA A 1 104 ? 1.954   8.272   -7.684  1.00 23.26 ? 103 ALA A O   1 
ATOM   768 C  CB  . ALA A 1 104 ? 5.270   8.342   -7.428  1.00 17.38 ? 103 ALA A CB  1 
ATOM   769 N  N   . ALA A 1 105 ? 3.055   7.035   -9.202  1.00 21.16 ? 104 ALA A N   1 
ATOM   770 C  CA  . ALA A 1 105 ? 2.016   7.127   -10.215 1.00 22.52 ? 104 ALA A CA  1 
ATOM   771 C  C   . ALA A 1 105 ? 0.755   6.403   -9.746  1.00 26.17 ? 104 ALA A C   1 
ATOM   772 O  O   . ALA A 1 105 ? -0.357  6.892   -9.955  1.00 27.35 ? 104 ALA A O   1 
ATOM   773 C  CB  . ALA A 1 105 ? 2.507   6.519   -11.513 1.00 20.38 ? 104 ALA A CB  1 
ATOM   774 N  N   . LEU A 1 106 ? 0.937   5.264   -9.079  1.00 26.63 ? 105 LEU A N   1 
ATOM   775 C  CA  . LEU A 1 106 ? -0.183  4.461   -8.576  1.00 27.53 ? 105 LEU A CA  1 
ATOM   776 C  C   . LEU A 1 106 ? -1.010  5.174   -7.506  1.00 28.63 ? 105 LEU A C   1 
ATOM   777 O  O   . LEU A 1 106 ? -2.231  5.068   -7.493  1.00 27.78 ? 105 LEU A O   1 
ATOM   778 C  CB  . LEU A 1 106 ? 0.340   3.140   -8.006  1.00 26.04 ? 105 LEU A CB  1 
ATOM   779 C  CG  . LEU A 1 106 ? -0.718  2.134   -7.533  1.00 27.32 ? 105 LEU A CG  1 
ATOM   780 C  CD1 . LEU A 1 106 ? -1.491  1.629   -8.730  1.00 29.16 ? 105 LEU A CD1 1 
ATOM   781 C  CD2 . LEU A 1 106 ? -0.051  0.987   -6.823  1.00 27.45 ? 105 LEU A CD2 1 
ATOM   782 N  N   . VAL A 1 107 ? -0.336  5.875   -6.598  1.00 29.56 ? 106 VAL A N   1 
ATOM   783 C  CA  . VAL A 1 107 ? -1.012  6.592   -5.530  1.00 32.98 ? 106 VAL A CA  1 
ATOM   784 C  C   . VAL A 1 107 ? -1.685  7.880   -6.016  1.00 37.29 ? 106 VAL A C   1 
ATOM   785 O  O   . VAL A 1 107 ? -2.725  8.272   -5.487  1.00 35.35 ? 106 VAL A O   1 
ATOM   786 C  CB  . VAL A 1 107 ? -0.034  6.925   -4.362  1.00 31.15 ? 106 VAL A CB  1 
ATOM   787 C  CG1 . VAL A 1 107 ? -0.773  7.618   -3.224  1.00 29.53 ? 106 VAL A CG1 1 
ATOM   788 C  CG2 . VAL A 1 107 ? 0.634   5.652   -3.865  1.00 27.08 ? 106 VAL A CG2 1 
ATOM   789 N  N   . LYS A 1 108 ? -1.080  8.515   -7.024  1.00 45.28 ? 107 LYS A N   1 
ATOM   790 C  CA  . LYS A 1 108 ? -1.577  9.764   -7.621  1.00 54.66 ? 107 LYS A CA  1 
ATOM   791 C  C   . LYS A 1 108 ? -1.591  10.926  -6.626  1.00 62.08 ? 107 LYS A C   1 
ATOM   792 O  O   . LYS A 1 108 ? -2.660  11.442  -6.265  1.00 64.72 ? 107 LYS A O   1 
ATOM   793 C  CB  . LYS A 1 108 ? -2.975  9.570   -8.218  1.00 52.98 ? 107 LYS A CB  1 
ATOM   794 C  CG  . LYS A 1 108 ? -3.023  8.625   -9.392  1.00 55.31 ? 107 LYS A CG  1 
ATOM   795 C  CD  . LYS A 1 108 ? -4.448  8.381   -9.825  1.00 60.61 ? 107 LYS A CD  1 
ATOM   796 C  CE  . LYS A 1 108 ? -4.502  7.355   -10.943 1.00 65.85 ? 107 LYS A CE  1 
ATOM   797 N  NZ  . LYS A 1 108 ? -5.904  7.110   -11.385 1.00 68.65 ? 107 LYS A NZ  1 
ATOM   798 N  N   . ALA A 1 109 ? -0.404  11.361  -6.209  1.00 68.21 ? 108 ALA A N   1 
ATOM   799 C  CA  . ALA A 1 109 ? -0.293  12.455  -5.248  1.00 74.84 ? 108 ALA A CA  1 
ATOM   800 C  C   . ALA A 1 109 ? 0.817   13.436  -5.633  1.00 78.20 ? 108 ALA A C   1 
ATOM   801 O  O   . ALA A 1 109 ? 0.473   14.582  -5.987  1.00 81.53 ? 108 ALA A O   1 
ATOM   802 C  CB  . ALA A 1 109 ? -0.047  11.898  -3.846  1.00 75.32 ? 108 ALA A CB  1 
ATOM   803 O  OXT . ALA A 1 109 ? 2.007   13.042  -5.585  1.00 81.96 ? 108 ALA A OXT 1 
HETATM 804 CA CA  . CA  B 2 .   ? 11.342  -5.249  -1.788  1.00 16.05 ? 109 CA  A CA  1 
HETATM 805 CA CA  . CA  C 2 .   ? 7.457   -2.551  -12.614 1.00 21.75 ? 110 CA  A CA  1 
HETATM 806 O  O   . HOH D 3 .   ? -1.678  -7.630  3.800   1.00 12.81 ? 111 HOH A O   1 
HETATM 807 O  O   . HOH D 3 .   ? -9.802  0.660   2.946   1.00 10.43 ? 112 HOH A O   1 
HETATM 808 O  O   . HOH D 3 .   ? -7.257  -12.772 3.578   1.00 18.66 ? 113 HOH A O   1 
HETATM 809 O  O   . HOH D 3 .   ? -6.408  -5.421  -5.284  1.00 20.21 ? 114 HOH A O   1 
HETATM 810 O  O   . HOH D 3 .   ? -12.188 -1.484  0.014   1.00 15.53 ? 115 HOH A O   1 
HETATM 811 O  O   . HOH D 3 .   ? -14.818 -5.871  4.472   1.00 17.48 ? 116 HOH A O   1 
HETATM 812 O  O   . HOH D 3 .   ? -12.076 2.275   2.809   1.00 13.03 ? 117 HOH A O   1 
HETATM 813 O  O   . HOH D 3 .   ? -7.418  -15.637 -4.191  1.00 24.01 ? 118 HOH A O   1 
HETATM 814 O  O   . HOH D 3 .   ? 5.208   -5.241  2.467   1.00 14.74 ? 119 HOH A O   1 
HETATM 815 O  O   . HOH D 3 .   ? 9.300   2.297   -11.328 1.00 19.60 ? 120 HOH A O   1 
HETATM 816 O  O   . HOH D 3 .   ? -8.236  -5.640  6.640   1.00 12.78 ? 121 HOH A O   1 
HETATM 817 O  O   . HOH D 3 .   ? -7.160  -7.355  8.419   1.00 12.63 ? 122 HOH A O   1 
HETATM 818 O  O   . HOH D 3 .   ? 10.621  -9.228  -1.427  1.00 24.36 ? 123 HOH A O   1 
HETATM 819 O  O   . HOH D 3 .   ? -8.892  -1.918  12.263  1.00 20.24 ? 124 HOH A O   1 
HETATM 820 O  O   . HOH D 3 .   ? -7.315  -6.217  11.102  1.00 18.46 ? 125 HOH A O   1 
HETATM 821 O  O   . HOH D 3 .   ? -12.612 7.309   2.838   1.00 24.24 ? 126 HOH A O   1 
HETATM 822 O  O   . HOH D 3 .   ? 13.111  0.589   1.377   1.00 20.67 ? 127 HOH A O   1 
HETATM 823 O  O   . HOH D 3 .   ? -12.072 4.800   1.495   1.00 14.90 ? 128 HOH A O   1 
HETATM 824 O  O   . HOH D 3 .   ? -14.149 1.129   8.594   1.00 21.87 ? 129 HOH A O   1 
HETATM 825 O  O   . HOH D 3 .   ? 9.390   -1.905  -11.656 1.00 26.11 ? 130 HOH A O   1 
HETATM 826 O  O   . HOH D 3 .   ? -9.395  -4.637  11.571  1.00 22.10 ? 131 HOH A O   1 
HETATM 827 O  O   . HOH D 3 .   ? -3.833  12.348  7.328   1.00 22.80 ? 132 HOH A O   1 
HETATM 828 O  O   . HOH D 3 .   ? 2.072   2.486   -11.642 1.00 20.43 ? 133 HOH A O   1 
HETATM 829 O  O   . HOH D 3 .   ? 16.953  -4.705  -6.236  1.00 18.77 ? 134 HOH A O   1 
HETATM 830 O  O   . HOH D 3 .   ? -5.087  -5.006  12.405  1.00 29.27 ? 135 HOH A O   1 
HETATM 831 O  O   . HOH D 3 .   ? -12.052 1.990   12.811  1.00 20.56 ? 136 HOH A O   1 
HETATM 832 O  O   . HOH D 3 .   ? -10.747 4.403   13.265  1.00 16.43 ? 137 HOH A O   1 
HETATM 833 O  O   . HOH D 3 .   ? 6.862   7.257   -4.641  1.00 21.96 ? 138 HOH A O   1 
HETATM 834 O  O   . HOH D 3 .   ? 7.167   13.689  6.339   1.00 30.74 ? 139 HOH A O   1 
HETATM 835 O  O   . HOH D 3 .   ? 2.985   14.760  6.355   1.00 18.72 ? 140 HOH A O   1 
HETATM 836 O  O   . HOH D 3 .   ? -6.931  -10.576 -9.621  1.00 23.15 ? 141 HOH A O   1 
HETATM 837 O  O   . HOH D 3 .   ? 13.139  -9.174  -3.193  1.00 32.40 ? 142 HOH A O   1 
HETATM 838 O  O   . HOH D 3 .   ? -7.194  7.232   -3.399  1.00 24.22 ? 143 HOH A O   1 
HETATM 839 O  O   . HOH D 3 .   ? -4.859  6.036   -4.881  1.00 39.10 ? 144 HOH A O   1 
HETATM 840 O  O   . HOH D 3 .   ? -7.436  -13.463 -9.873  1.00 27.88 ? 145 HOH A O   1 
HETATM 841 O  O   . HOH D 3 .   ? -15.536 -5.007  7.040   1.00 37.95 ? 146 HOH A O   1 
HETATM 842 O  O   . HOH D 3 .   ? -1.648  2.838   12.440  1.00 40.95 ? 147 HOH A O   1 
HETATM 843 O  O   . HOH D 3 .   ? -5.272  -0.735  13.044  1.00 29.48 ? 148 HOH A O   1 
HETATM 844 O  O   . HOH D 3 .   ? -9.026  -9.477  8.946   1.00 21.09 ? 149 HOH A O   1 
HETATM 845 O  O   . HOH D 3 .   ? -6.176  -8.944  -11.900 1.00 32.32 ? 150 HOH A O   1 
HETATM 846 O  O   . HOH D 3 .   ? 3.403   4.405   -13.696 1.00 37.90 ? 151 HOH A O   1 
HETATM 847 O  O   . HOH D 3 .   ? -6.678  4.250   16.583  1.00 33.17 ? 152 HOH A O   1 
HETATM 848 O  O   . HOH D 3 .   ? -9.295  -6.407  -5.028  1.00 29.32 ? 153 HOH A O   1 
HETATM 849 O  O   . HOH D 3 .   ? 12.995  -7.086  -7.656  1.00 30.68 ? 154 HOH A O   1 
HETATM 850 O  O   . HOH D 3 .   ? 0.469   -2.242  13.961  1.00 38.64 ? 155 HOH A O   1 
HETATM 851 O  O   . HOH D 3 .   ? -2.780  15.542  3.970   1.00 33.94 ? 156 HOH A O   1 
HETATM 852 O  O   . HOH D 3 .   ? 11.673  -0.923  4.697   1.00 41.09 ? 157 HOH A O   1 
HETATM 853 O  O   . HOH D 3 .   ? -5.006  5.485   -7.784  1.00 30.65 ? 158 HOH A O   1 
HETATM 854 O  O   . HOH D 3 .   ? 3.626   10.688  -5.820  1.00 29.43 ? 159 HOH A O   1 
HETATM 855 O  O   . HOH D 3 .   ? -6.045  -4.178  -11.626 1.00 34.87 ? 160 HOH A O   1 
HETATM 856 O  O   . HOH D 3 .   ? 1.018   2.511   10.162  1.00 31.33 ? 161 HOH A O   1 
HETATM 857 O  O   . HOH D 3 .   ? -9.734  9.678   6.133   1.00 34.83 ? 162 HOH A O   1 
HETATM 858 O  O   . HOH D 3 .   ? -7.368  -0.047  16.386  1.00 35.44 ? 163 HOH A O   1 
HETATM 859 O  O   . HOH D 3 .   ? -8.560  -15.423 2.150   1.00 44.48 ? 164 HOH A O   1 
HETATM 860 O  O   . HOH D 3 .   ? 6.223   9.982   -4.680  1.00 29.53 ? 165 HOH A O   1 
HETATM 861 O  O   . HOH D 3 .   ? -7.322  -11.543 9.816   1.00 46.31 ? 166 HOH A O   1 
HETATM 862 O  O   . HOH D 3 .   ? 0.144   17.149  3.133   1.00 34.74 ? 167 HOH A O   1 
HETATM 863 O  O   . HOH D 3 .   ? 8.522   6.694   7.311   1.00 41.40 ? 168 HOH A O   1 
HETATM 864 O  O   . HOH D 3 .   ? 2.877   -8.704  14.597  1.00 37.23 ? 169 HOH A O   1 
HETATM 865 O  O   . HOH D 3 .   ? -9.618  -0.984  0.642   1.00 9.72  ? 170 HOH A O   1 
HETATM 866 O  O   . HOH D 3 .   ? -4.258  9.801   8.159   1.00 16.15 ? 171 HOH A O   1 
HETATM 867 O  O   . HOH D 3 .   ? 0.517   14.051  7.318   1.00 14.25 ? 172 HOH A O   1 
HETATM 868 O  O   . HOH D 3 .   ? 7.527   -9.514  -7.295  1.00 28.91 ? 173 HOH A O   1 
HETATM 869 O  O   . HOH D 3 .   ? 10.787  10.811  0.488   1.00 35.46 ? 174 HOH A O   1 
HETATM 870 O  O   . HOH D 3 .   ? 8.001   15.449  -7.128  1.00 45.17 ? 175 HOH A O   1 
HETATM 871 O  O   . HOH D 3 .   ? 5.248   8.779   -10.711 1.00 35.31 ? 176 HOH A O   1 
HETATM 872 O  O   . HOH D 3 .   ? 5.040   14.668  7.905   1.00 30.46 ? 177 HOH A O   1 
HETATM 873 O  O   . HOH D 3 .   ? -7.221  -2.573  -5.588  1.00 35.93 ? 178 HOH A O   1 
HETATM 874 O  O   . HOH D 3 .   ? -0.511  -9.223  -11.893 1.00 27.11 ? 179 HOH A O   1 
HETATM 875 O  O   . HOH D 3 .   ? -4.952  -3.041  -13.951 1.00 37.02 ? 180 HOH A O   1 
HETATM 876 O  O   . HOH D 3 .   ? 7.867   11.722  8.528   1.00 31.73 ? 181 HOH A O   1 
HETATM 877 O  O   . HOH D 3 .   ? 0.638   -4.834  -15.400 1.00 31.13 ? 182 HOH A O   1 
HETATM 878 O  O   . HOH D 3 .   ? 2.288   15.542  2.542   1.00 26.64 ? 183 HOH A O   1 
HETATM 879 O  O   . HOH D 3 .   ? -0.484  3.693   -12.390 1.00 23.91 ? 184 HOH A O   1 
HETATM 880 O  O   . HOH D 3 .   ? -9.428  -4.039  -6.938  1.00 44.67 ? 185 HOH A O   1 
HETATM 881 O  O   . HOH D 3 .   ? 6.818   11.620  13.980  1.00 38.80 ? 186 HOH A O   1 
HETATM 882 O  O   . HOH D 3 .   ? -6.625  10.908  0.970   1.00 32.42 ? 187 HOH A O   1 
HETATM 883 O  O   . HOH D 3 .   ? 14.360  -10.561 0.697   1.00 31.39 ? 188 HOH A O   1 
HETATM 884 O  O   . HOH D 3 .   ? 5.395   -10.952 -9.883  1.00 37.62 ? 189 HOH A O   1 
HETATM 885 O  O   . HOH D 3 .   ? 7.432   16.140  -1.868  1.00 39.51 ? 190 HOH A O   1 
HETATM 886 O  O   . HOH D 3 .   ? 3.636   11.754  -8.783  1.00 41.35 ? 191 HOH A O   1 
HETATM 887 O  O   . HOH D 3 .   ? 11.623  -8.386  4.458   1.00 29.24 ? 192 HOH A O   1 
HETATM 888 O  O   . HOH D 3 .   ? -15.870 -11.659 1.066   1.00 42.11 ? 193 HOH A O   1 
HETATM 889 O  O   . HOH D 3 .   ? 10.135  -8.631  1.807   1.00 17.01 ? 194 HOH A O   1 
HETATM 890 O  O   . HOH D 3 .   ? 9.908   5.689   4.910   1.00 27.32 ? 195 HOH A O   1 
HETATM 891 O  O   . HOH D 3 .   ? -14.303 2.497   11.105  1.00 27.07 ? 196 HOH A O   1 
HETATM 892 O  O   . HOH D 3 .   ? 4.512   17.133  -3.752  1.00 35.20 ? 197 HOH A O   1 
HETATM 893 O  O   . HOH D 3 .   ? -0.238  -1.011  -14.979 1.00 32.04 ? 198 HOH A O   1 
HETATM 894 O  O   . HOH D 3 .   ? -13.360 -14.533 -1.427  1.00 35.23 ? 199 HOH A O   1 
HETATM 895 O  O   . HOH D 3 .   ? -2.543  -4.569  14.783  1.00 36.10 ? 200 HOH A O   1 
HETATM 896 O  O   . HOH D 3 .   ? -8.209  0.485   -6.775  1.00 42.10 ? 201 HOH A O   1 
HETATM 897 O  O   . HOH D 3 .   ? -9.492  4.351   16.047  1.00 31.68 ? 202 HOH A O   1 
HETATM 898 O  O   . HOH D 3 .   ? 8.262   10.968  -6.208  1.00 43.39 ? 203 HOH A O   1 
HETATM 899 O  O   . HOH D 3 .   ? -13.916 -13.064 4.812   1.00 37.27 ? 204 HOH A O   1 
HETATM 900 O  O   . HOH D 3 .   ? 12.221  -6.283  -10.186 1.00 43.14 ? 205 HOH A O   1 
HETATM 901 O  O   . HOH D 3 .   ? 4.943   -6.536  5.400   1.00 47.58 ? 206 HOH A O   1 
HETATM 902 O  O   . HOH D 3 .   ? 9.256   8.585   -7.397  1.00 31.73 ? 207 HOH A O   1 
HETATM 903 O  O   . HOH D 3 .   ? 9.371   9.636   7.506   1.00 56.99 ? 208 HOH A O   1 
HETATM 904 O  O   . HOH D 3 .   ? -7.836  -13.786 7.992   1.00 42.62 ? 209 HOH A O   1 
HETATM 905 O  O   . HOH D 3 .   ? -13.804 -17.229 -2.822  1.00 46.80 ? 210 HOH A O   1 
HETATM 906 O  O   . HOH D 3 .   ? -12.392 6.978   12.503  1.00 55.76 ? 211 HOH A O   1 
HETATM 907 O  O   . HOH D 3 .   ? 14.085  8.961   -4.242  1.00 50.48 ? 212 HOH A O   1 
HETATM 908 O  O   . HOH D 3 .   ? -7.108  12.970  2.992   1.00 38.79 ? 213 HOH A O   1 
HETATM 909 O  O   . HOH D 3 .   ? -6.357  13.479  8.187   1.00 45.90 ? 214 HOH A O   1 
HETATM 910 O  O   . HOH D 3 .   ? 15.524  -4.904  5.306   1.00 48.74 ? 215 HOH A O   1 
HETATM 911 O  O   . HOH D 3 .   ? 0.170   -7.805  15.596  1.00 40.40 ? 216 HOH A O   1 
HETATM 912 O  O   . HOH D 3 .   ? -9.971  -15.042 -4.159  1.00 33.71 ? 217 HOH A O   1 
HETATM 913 O  O   . HOH D 3 .   ? 11.160  4.026   -10.638 1.00 46.24 ? 218 HOH A O   1 
HETATM 914 O  O   . HOH D 3 .   ? 8.630   -8.014  7.146   1.00 43.28 ? 219 HOH A O   1 
HETATM 915 O  O   . HOH D 3 .   ? 0.167   1.759   -14.547 1.00 48.07 ? 220 HOH A O   1 
HETATM 916 O  O   . HOH D 3 .   ? 14.797  -8.365  -5.228  1.00 38.51 ? 221 HOH A O   1 
HETATM 917 O  O   . HOH D 3 .   ? -13.188 6.797   7.898   1.00 44.42 ? 222 HOH A O   1 
HETATM 918 O  O   . HOH D 3 .   ? -11.671 -15.837 5.057   1.00 46.81 ? 223 HOH A O   1 
HETATM 919 O  O   . HOH D 3 .   ? -7.947  15.443  1.359   1.00 48.03 ? 224 HOH A O   1 
# 
